data_5MU1
#
_entry.id   5MU1
#
_cell.length_a   116.950
_cell.length_b   116.950
_cell.length_c   301.491
_cell.angle_alpha   90.00
_cell.angle_beta   90.00
_cell.angle_gamma   120.00
#
_symmetry.space_group_name_H-M   'P 61'
#
loop_
_entity.id
_entity.type
_entity.pdbx_description
1 polymer 'UDP-glucose-glycoprotein glucosyltransferase-like protein'
2 branched alpha-D-mannopyranose-(1-3)-alpha-D-mannopyranose-(1-3)-[alpha-D-mannopyranose-(1-6)-alpha-D-mannopyranose-(1-6)]beta-D-mannopyranose-(1-4)-2-acetamido-2-deoxy-beta-D-glucopyranose-(1-4)-2-acetamido-2-deoxy-beta-D-glucopyranose
3 branched alpha-D-mannopyranose-(1-3)-[alpha-D-mannopyranose-(1-6)]beta-D-mannopyranose-(1-4)-2-acetamido-2-deoxy-beta-D-glucopyranose-(1-4)-2-acetamido-2-deoxy-beta-D-glucopyranose
4 branched alpha-D-mannopyranose-(1-6)-alpha-D-mannopyranose-(1-3)-beta-D-mannopyranose-(1-4)-2-acetamido-2-deoxy-beta-D-glucopyranose-(1-4)-2-acetamido-2-deoxy-beta-D-glucopyranose
5 branched alpha-D-mannopyranose-(1-3)-[alpha-D-mannopyranose-(1-6)]alpha-D-mannopyranose-(1-6)-alpha-D-mannopyranose-(1-3)-beta-D-mannopyranose-(1-4)-2-acetamido-2-deoxy-beta-D-glucopyranose-(1-4)-2-acetamido-2-deoxy-beta-D-glucopyranose
6 non-polymer 'IODIDE ION'
7 non-polymer 'PLATINUM (II) ION'
8 non-polymer 'CALCIUM ION'
#
_entity_poly.entity_id   1
_entity_poly.type   'polypeptide(L)'
_entity_poly.pdbx_seq_one_letter_code
;ETGQVAASPSINVALKAAFPSPPYLVELLETAASDNTTIYYSLLDRIAKGHFAEATTDKALYEKFLEVLRDDGHMDPEAL
SAFKLALSLRTATPRVEAHYQYYTATVEPSLSGTQEGCDQWFLIDGEQYCSPTLDTSHGKVKGEDQLRTLPFDRKFGVGS
RDVILYADITSKSFAPFHEVAMDLAKKGKASYRVRYRRSPSHSRESLSVNGYGVELVLKRTDYIVIDDRDTGAAAKPAEE
NDQKPLVGHETVLDDGEEIADIKPLEKSELAALGMKAASFVMQSEKPFEALLKLTQDFPKYSNSLGSQNVSAEFEAEHRG
NREVFLPEGSNVLWLNGLHLIDRQIQPFGLVDLLTRERKLIKSVLDLGLTGQQAVDLLGHAEVAHAKSGDDEPRRFDWRD
DIEEGQVIIWLNNLEKDKRYKSFSPSIWVLIHHFGHGLPQIRRDVFNLVVPVDLTKADDVKIVVEGLLSFVKRLIPVRFG
FVPLTPTGQAIDQAKVVYYLLENYGLAAATAYLEKSYEEQSTGQPNERIFNEVIKDKSLRPDGVELSFKDIFISEKHEKQ
IHLSKHWVERLRAGGDVPTVFFDGFPIPREDNWLRVMNHRLMQDLQALQQAGYFGMLNESMWLPGFFLEKALSRRNTLIF
PEDKNELTVLNVNKIYIENHDLMSKVPVIEASKESTRDDWAALTVVADLDDIEGQELVYYALRFRKSNDGVRLDIVHNPK
DTSRSPSVLAQRLKSREDKLLDFTRFLDLETALETGEFEPDVAYDASLANFLASSNMKAGDNFVILNGRVLGPITSADDF
KKEDFEVFLQAERRTRILPVYKALEDLGLDDKVSGPLSAAKLTSVTALSTISDLPQGIFDNAPTVRTTLFKQWNSTYTSF
EVGDASTATIFFVAVINPASEIGQRWVAVLKVLSELEGVHLRVFLNPTVMIEELPVKRFYRYVLSSSPSFDESGKVKALS
ARFTGVPRETLLVVGMDVPPAWLVTSKVAVDDLDNLRIKDIKAKRGTEHVEAIYELEHILIEGHSREIPGAHAPRGVQLV
LETENNPHFADTIIMANLGYFQFKANPGVYNIRLKEGRSSEIFTLESVGAKGWGPIPGDDNTEVVLMDFQGTTLYPRLRR
KPGMEEEDVLEPSTKSGEESGSGARNLVSRGIKFAEGLLGRGNKAAEATKSVSKTEHAEINIFSVASGHLYERMLNIMMA
SVMHHTNHTVKFWFIEQFLSPSFKDFIPHMAAEYGFKYEMVTYKWPHWLRQQKEKQREIWGYKILFLDVLFPLSLDKVIF
VDADQIVRTDMYDLVEHPLDGAPYGFAPMCDSRVEMEGYRFWKTGYWANYLKGKPYHISALYVVDLQRFRELAAGDRLRQ
QYHALSADPNSLANLDQDLPNHMQFTIPIATLPQEWLWCETWCSDETLKDARTIDLCNNPMTKEPKLDRARRQVPEWTKY
DEEIAELARRVREEKPKKKEEEKVQKNPKSRRLDGDEEEVKTVREGTKHHHHHH
;
_entity_poly.pdbx_strand_id   A
#
# COMPACT_ATOMS: atom_id res chain seq x y z
N ALA A 7 46.08 -9.78 -5.69
CA ALA A 7 46.82 -10.00 -6.93
C ALA A 7 45.91 -9.94 -8.17
N SER A 8 44.70 -10.54 -8.09
CA SER A 8 43.70 -10.59 -9.17
C SER A 8 43.13 -9.21 -9.56
N PRO A 9 42.72 -8.99 -10.85
CA PRO A 9 42.13 -7.70 -11.21
C PRO A 9 40.74 -7.58 -10.57
N SER A 10 40.53 -6.53 -9.78
CA SER A 10 39.29 -6.37 -9.00
C SER A 10 38.46 -5.13 -9.30
N ILE A 11 37.16 -5.19 -8.95
CA ILE A 11 36.21 -4.08 -9.04
C ILE A 11 35.49 -3.92 -7.69
N ASN A 12 35.56 -2.72 -7.11
CA ASN A 12 34.96 -2.41 -5.81
C ASN A 12 33.95 -1.29 -5.93
N VAL A 13 32.73 -1.54 -5.43
CA VAL A 13 31.64 -0.57 -5.44
C VAL A 13 31.06 -0.34 -4.03
N ALA A 14 30.96 0.92 -3.63
CA ALA A 14 30.42 1.32 -2.33
C ALA A 14 29.36 2.42 -2.46
N LEU A 15 28.46 2.46 -1.48
CA LEU A 15 27.38 3.44 -1.45
C LEU A 15 27.41 4.21 -0.13
N LYS A 16 27.22 5.52 -0.25
CA LYS A 16 27.19 6.44 0.86
C LYS A 16 25.92 7.30 0.79
N ALA A 17 25.29 7.57 1.92
CA ALA A 17 24.07 8.35 2.00
C ALA A 17 24.26 9.84 1.77
N ALA A 18 23.17 10.61 1.64
CA ALA A 18 23.22 12.04 1.41
C ALA A 18 23.25 12.86 2.73
N PHE A 19 23.38 12.18 3.87
CA PHE A 19 23.40 12.81 5.19
C PHE A 19 24.54 12.25 6.04
N PRO A 20 25.15 13.06 6.92
CA PRO A 20 26.27 12.56 7.72
C PRO A 20 25.87 11.46 8.71
N SER A 21 26.87 10.67 9.09
CA SER A 21 26.69 9.59 10.04
C SER A 21 26.43 10.06 11.49
N PRO A 22 25.26 9.71 12.06
CA PRO A 22 24.98 10.06 13.45
C PRO A 22 25.93 9.35 14.43
N PRO A 23 26.14 9.93 15.67
CA PRO A 23 27.06 9.28 16.64
C PRO A 23 26.63 7.86 16.91
N TYR A 24 27.59 6.93 16.99
CA TYR A 24 27.26 5.52 17.21
C TYR A 24 26.42 5.28 18.45
N LEU A 25 26.68 5.98 19.55
CA LEU A 25 25.95 5.86 20.80
C LEU A 25 24.47 6.00 20.59
N VAL A 26 24.02 7.12 20.02
CA VAL A 26 22.60 7.38 19.79
C VAL A 26 21.98 6.34 18.84
N GLU A 27 22.78 5.85 17.86
CA GLU A 27 22.35 4.84 16.90
C GLU A 27 22.03 3.53 17.62
N LEU A 28 22.87 3.13 18.59
CA LEU A 28 22.66 1.89 19.33
C LEU A 28 21.46 1.97 20.23
N LEU A 29 21.18 3.16 20.77
CA LEU A 29 20.04 3.40 21.65
C LEU A 29 18.76 3.13 20.84
N GLU A 30 18.68 3.76 19.66
CA GLU A 30 17.54 3.66 18.75
C GLU A 30 17.32 2.28 18.17
N THR A 31 18.42 1.64 17.72
CA THR A 31 18.30 0.30 17.17
C THR A 31 17.76 -0.61 18.26
N ALA A 32 18.40 -0.56 19.45
CA ALA A 32 18.08 -1.38 20.61
C ALA A 32 16.65 -1.33 21.05
N ALA A 33 16.11 -0.12 21.18
CA ALA A 33 14.74 0.06 21.58
C ALA A 33 13.96 0.38 20.34
N SER A 34 13.55 -0.66 19.61
CA SER A 34 12.87 -0.45 18.33
C SER A 34 11.61 0.40 18.47
N ASP A 35 10.73 -0.02 19.34
CA ASP A 35 9.46 0.64 19.54
C ASP A 35 8.99 0.45 20.96
N ASN A 36 9.79 -0.25 21.76
CA ASN A 36 9.48 -0.42 23.17
C ASN A 36 10.14 0.77 23.79
N THR A 37 9.35 1.60 24.46
CA THR A 37 9.83 2.80 25.12
C THR A 37 10.57 2.43 26.39
N THR A 38 10.07 1.43 27.12
CA THR A 38 10.70 1.05 28.37
C THR A 38 12.18 0.73 28.13
N ILE A 39 12.53 0.02 27.04
CA ILE A 39 13.92 -0.27 26.67
C ILE A 39 14.69 1.01 26.40
N TYR A 40 14.02 1.99 25.83
CA TYR A 40 14.62 3.27 25.48
C TYR A 40 15.08 4.05 26.70
N TYR A 41 14.14 4.39 27.61
CA TYR A 41 14.45 5.14 28.81
C TYR A 41 15.25 4.33 29.81
N SER A 42 15.09 3.00 29.85
CA SER A 42 15.89 2.12 30.71
C SER A 42 17.35 2.17 30.32
N LEU A 43 17.63 2.43 29.04
CA LEU A 43 18.98 2.57 28.52
C LEU A 43 19.43 4.01 28.66
N LEU A 44 18.50 4.96 28.55
CA LEU A 44 18.79 6.38 28.68
C LEU A 44 19.23 6.69 30.10
N ASP A 45 18.77 5.91 31.10
CA ASP A 45 19.19 6.01 32.49
C ASP A 45 20.65 5.60 32.55
N ARG A 46 20.97 4.41 32.00
CA ARG A 46 22.31 3.80 31.97
C ARG A 46 23.41 4.71 31.44
N ILE A 47 23.13 5.47 30.38
CA ILE A 47 24.11 6.37 29.79
C ILE A 47 24.18 7.71 30.53
N ALA A 48 23.12 8.07 31.28
CA ALA A 48 23.09 9.30 32.07
C ALA A 48 23.76 9.08 33.43
N LYS A 49 24.10 7.80 33.75
CA LYS A 49 24.87 7.43 34.94
C LYS A 49 26.27 7.92 34.63
N GLY A 50 26.61 7.80 33.36
CA GLY A 50 27.92 8.06 32.80
C GLY A 50 28.52 6.68 32.61
N HIS A 51 27.63 5.67 32.56
CA HIS A 51 27.97 4.26 32.43
C HIS A 51 28.65 3.95 31.11
N PHE A 52 28.17 4.57 30.02
CA PHE A 52 28.75 4.31 28.72
C PHE A 52 29.89 5.27 28.33
N ALA A 53 30.41 6.03 29.31
CA ALA A 53 31.48 6.99 29.08
C ALA A 53 32.84 6.33 28.98
N GLU A 54 33.03 5.21 29.69
CA GLU A 54 34.30 4.51 29.80
C GLU A 54 34.66 3.62 28.59
N ALA A 55 33.72 3.48 27.63
CA ALA A 55 33.94 2.72 26.39
C ALA A 55 34.41 3.73 25.33
N THR A 56 35.67 3.59 24.90
CA THR A 56 36.32 4.49 23.96
C THR A 56 35.95 4.30 22.49
N THR A 57 35.82 3.03 22.05
CA THR A 57 35.59 2.73 20.64
C THR A 57 34.23 2.14 20.37
N ASP A 58 33.77 2.30 19.12
CA ASP A 58 32.50 1.80 18.65
C ASP A 58 32.31 0.32 18.95
N LYS A 59 33.38 -0.49 18.76
CA LYS A 59 33.37 -1.91 19.05
C LYS A 59 33.08 -2.14 20.51
N ALA A 60 33.84 -1.48 21.39
CA ALA A 60 33.71 -1.57 22.84
C ALA A 60 32.32 -1.17 23.28
N LEU A 61 31.82 -0.06 22.69
CA LEU A 61 30.51 0.50 22.94
C LEU A 61 29.46 -0.52 22.52
N TYR A 62 29.63 -1.14 21.34
CA TYR A 62 28.73 -2.17 20.84
C TYR A 62 28.79 -3.38 21.76
N GLU A 63 30.00 -3.78 22.15
CA GLU A 63 30.24 -4.91 23.04
C GLU A 63 29.48 -4.72 24.35
N LYS A 64 29.51 -3.49 24.88
CA LYS A 64 28.88 -3.09 26.12
C LYS A 64 27.38 -3.25 26.06
N PHE A 65 26.76 -2.87 24.92
CA PHE A 65 25.31 -2.99 24.74
C PHE A 65 24.78 -4.43 24.81
N LEU A 66 25.53 -5.39 24.24
CA LEU A 66 25.18 -6.81 24.28
C LEU A 66 25.06 -7.33 25.72
N GLU A 67 26.08 -7.03 26.58
CA GLU A 67 26.12 -7.41 28.00
C GLU A 67 24.94 -6.81 28.73
N VAL A 68 24.69 -5.50 28.55
CA VAL A 68 23.60 -4.74 29.14
C VAL A 68 22.23 -5.32 28.83
N LEU A 69 21.91 -5.45 27.52
CA LEU A 69 20.61 -5.98 27.06
C LEU A 69 20.34 -7.37 27.60
N ARG A 70 21.33 -8.29 27.51
CA ARG A 70 21.25 -9.65 28.03
C ARG A 70 21.05 -9.63 29.56
N ASP A 71 21.86 -8.81 30.28
CA ASP A 71 21.82 -8.70 31.75
C ASP A 71 20.57 -8.09 32.31
N ASP A 72 19.99 -7.09 31.62
CA ASP A 72 18.76 -6.43 32.07
C ASP A 72 17.45 -7.09 31.60
N GLY A 73 17.58 -8.21 30.88
CA GLY A 73 16.45 -9.01 30.39
C GLY A 73 15.69 -8.44 29.21
N HIS A 74 16.25 -7.41 28.55
CA HIS A 74 15.69 -6.72 27.38
C HIS A 74 15.56 -7.60 26.17
N MET A 75 16.61 -8.39 25.88
CA MET A 75 16.64 -9.25 24.72
C MET A 75 17.06 -10.66 25.08
N ASP A 76 16.50 -11.61 24.33
CA ASP A 76 16.81 -13.03 24.44
C ASP A 76 17.72 -13.35 23.26
N PRO A 77 18.23 -14.59 23.09
CA PRO A 77 19.08 -14.87 21.93
C PRO A 77 18.47 -14.43 20.60
N GLU A 78 17.19 -14.77 20.35
CA GLU A 78 16.46 -14.43 19.13
C GLU A 78 16.46 -12.94 18.85
N ALA A 79 16.14 -12.12 19.89
CA ALA A 79 16.03 -10.67 19.75
C ALA A 79 17.37 -10.02 19.61
N LEU A 80 18.41 -10.59 20.27
CA LEU A 80 19.79 -10.09 20.22
C LEU A 80 20.32 -10.23 18.84
N SER A 81 20.10 -11.40 18.22
CA SER A 81 20.55 -11.75 16.86
C SER A 81 19.94 -10.82 15.86
N ALA A 82 18.65 -10.47 16.07
CA ALA A 82 17.88 -9.54 15.24
C ALA A 82 18.41 -8.14 15.40
N PHE A 83 18.87 -7.79 16.63
CA PHE A 83 19.45 -6.49 16.91
C PHE A 83 20.72 -6.28 16.10
N LYS A 84 21.65 -7.27 16.08
CA LYS A 84 22.92 -7.21 15.37
C LYS A 84 22.71 -6.94 13.88
N LEU A 85 21.78 -7.69 13.24
CA LEU A 85 21.49 -7.53 11.81
C LEU A 85 20.95 -6.15 11.50
N ALA A 86 19.98 -5.66 12.33
CA ALA A 86 19.40 -4.34 12.16
C ALA A 86 20.47 -3.25 12.37
N LEU A 87 21.44 -3.50 13.27
CA LEU A 87 22.54 -2.59 13.56
C LEU A 87 23.49 -2.57 12.39
N SER A 88 23.69 -3.72 11.69
CA SER A 88 24.57 -3.74 10.49
C SER A 88 23.95 -2.90 9.44
N LEU A 89 22.64 -3.12 9.22
CA LEU A 89 21.82 -2.40 8.25
C LEU A 89 21.75 -0.89 8.45
N ARG A 90 22.05 -0.43 9.69
CA ARG A 90 22.08 0.98 10.11
C ARG A 90 20.68 1.57 9.97
N THR A 91 19.67 0.77 10.35
CA THR A 91 18.23 1.07 10.22
C THR A 91 17.78 2.29 10.98
N ALA A 92 18.44 2.55 12.11
CA ALA A 92 18.11 3.66 12.99
C ALA A 92 18.66 5.01 12.54
N THR A 93 19.72 5.03 11.67
CA THR A 93 20.36 6.28 11.19
C THR A 93 19.35 7.26 10.56
N PRO A 94 18.42 6.87 9.65
CA PRO A 94 17.47 7.87 9.12
C PRO A 94 16.48 8.39 10.16
N ARG A 95 16.17 7.56 11.16
CA ARG A 95 15.27 7.92 12.26
C ARG A 95 15.84 9.08 13.08
N VAL A 96 17.18 9.08 13.29
CA VAL A 96 17.93 10.09 14.04
C VAL A 96 18.04 11.37 13.21
N GLU A 97 18.29 11.24 11.91
CA GLU A 97 18.40 12.36 10.97
C GLU A 97 17.07 13.10 10.82
N ALA A 98 15.96 12.42 11.14
CA ALA A 98 14.64 13.01 11.07
C ALA A 98 14.57 14.11 12.14
N HIS A 99 15.13 13.82 13.33
CA HIS A 99 15.19 14.72 14.46
C HIS A 99 15.94 15.98 14.09
N TYR A 100 17.12 15.81 13.50
CA TYR A 100 18.02 16.87 13.08
C TYR A 100 17.37 17.79 12.09
N GLN A 101 16.82 17.22 10.99
CA GLN A 101 16.14 18.01 9.97
C GLN A 101 14.96 18.77 10.58
N TYR A 102 14.21 18.14 11.48
CA TYR A 102 13.11 18.82 12.15
C TYR A 102 13.65 19.96 12.98
N TYR A 103 14.72 19.69 13.75
CA TYR A 103 15.36 20.67 14.61
C TYR A 103 15.90 21.86 13.81
N THR A 104 16.60 21.59 12.69
CA THR A 104 17.20 22.57 11.83
C THR A 104 16.17 23.46 11.15
N ALA A 105 15.06 22.89 10.68
CA ALA A 105 14.06 23.60 9.89
C ALA A 105 12.83 24.17 10.64
N THR A 106 12.49 23.68 11.84
CA THR A 106 11.31 24.23 12.51
C THR A 106 11.66 24.80 13.89
N VAL A 107 12.64 24.21 14.60
CA VAL A 107 13.03 24.67 15.95
C VAL A 107 13.82 26.00 15.94
N GLU A 108 15.01 25.99 15.30
CA GLU A 108 15.92 27.12 15.24
C GLU A 108 15.27 28.41 14.70
N PRO A 109 14.48 28.43 13.60
CA PRO A 109 13.88 29.70 13.15
C PRO A 109 12.68 30.20 13.95
N SER A 110 12.13 29.36 14.85
CA SER A 110 10.97 29.69 15.69
C SER A 110 11.42 29.98 17.14
N LEU A 111 12.74 29.97 17.35
CA LEU A 111 13.38 30.24 18.63
C LEU A 111 14.25 31.49 18.49
N SER A 112 13.58 32.65 18.50
CA SER A 112 14.25 33.95 18.38
C SER A 112 15.00 34.31 19.66
N GLY A 113 16.18 34.91 19.48
CA GLY A 113 17.06 35.31 20.57
C GLY A 113 18.51 34.98 20.31
N THR A 114 19.34 35.03 21.38
CA THR A 114 20.78 34.74 21.32
C THR A 114 21.08 33.51 22.16
N GLN A 115 21.41 32.40 21.48
CA GLN A 115 21.71 31.13 22.13
C GLN A 115 23.20 30.93 22.35
N GLU A 116 23.59 30.79 23.62
CA GLU A 116 24.95 30.55 24.09
C GLU A 116 24.83 29.92 25.47
N GLY A 117 25.29 28.67 25.59
CA GLY A 117 25.21 27.89 26.82
C GLY A 117 23.97 27.02 26.86
N CYS A 118 23.02 27.27 25.94
CA CYS A 118 21.77 26.53 25.79
C CYS A 118 21.96 25.33 24.87
N ASP A 119 22.91 24.42 25.21
CA ASP A 119 23.14 23.20 24.44
C ASP A 119 21.91 22.31 24.53
N GLN A 120 21.33 22.20 25.73
CA GLN A 120 20.11 21.45 25.99
C GLN A 120 19.11 22.43 26.58
N TRP A 121 17.82 22.20 26.31
CA TRP A 121 16.75 23.04 26.87
C TRP A 121 15.38 22.44 26.74
N PHE A 122 14.67 22.41 27.86
CA PHE A 122 13.30 21.96 27.90
C PHE A 122 12.42 23.04 27.28
N LEU A 123 11.29 22.65 26.71
CA LEU A 123 10.31 23.56 26.19
C LEU A 123 9.03 23.32 27.00
N ILE A 124 8.58 24.32 27.77
CA ILE A 124 7.36 24.23 28.58
C ILE A 124 6.47 25.43 28.27
N ASP A 125 5.20 25.19 27.90
CA ASP A 125 4.17 26.22 27.60
C ASP A 125 4.68 27.33 26.65
N GLY A 126 5.38 26.93 25.60
CA GLY A 126 5.98 27.85 24.64
C GLY A 126 7.03 28.73 25.26
N GLU A 127 7.74 28.19 26.27
CA GLU A 127 8.79 28.87 27.03
C GLU A 127 9.99 27.95 27.09
N GLN A 128 11.17 28.48 26.81
CA GLN A 128 12.42 27.74 26.79
C GLN A 128 13.20 27.90 28.12
N TYR A 129 13.71 26.79 28.69
CA TYR A 129 14.50 26.83 29.93
C TYR A 129 15.85 26.14 29.73
N CYS A 130 16.93 26.92 29.67
CA CYS A 130 18.29 26.41 29.46
C CYS A 130 18.91 25.79 30.70
N SER A 131 18.20 25.81 31.84
CA SER A 131 18.69 25.28 33.11
C SER A 131 17.74 24.23 33.70
N PRO A 132 18.26 23.18 34.37
CA PRO A 132 17.37 22.22 35.03
C PRO A 132 16.55 22.86 36.16
N THR A 133 17.20 23.77 36.94
CA THR A 133 16.63 24.50 38.08
C THR A 133 15.33 25.27 37.71
N LEU A 134 15.10 25.51 36.40
CA LEU A 134 13.86 26.05 35.79
C LEU A 134 13.38 27.43 36.31
N ASP A 135 14.26 28.25 36.91
CA ASP A 135 13.84 29.55 37.44
C ASP A 135 13.54 30.62 36.37
N THR A 136 14.37 30.71 35.32
CA THR A 136 14.24 31.74 34.27
C THR A 136 13.92 31.18 32.88
N SER A 137 13.02 31.87 32.12
CA SER A 137 12.62 31.51 30.74
C SER A 137 13.01 32.53 29.70
N HIS A 138 13.84 32.10 28.74
CA HIS A 138 14.34 32.93 27.64
C HIS A 138 13.29 33.39 26.64
N GLY A 139 12.39 32.53 26.20
CA GLY A 139 11.45 33.01 25.20
C GLY A 139 10.05 32.45 25.02
N LYS A 140 9.26 33.24 24.29
CA LYS A 140 7.93 32.96 23.76
C LYS A 140 8.32 32.48 22.36
N VAL A 141 8.17 31.18 22.10
CA VAL A 141 8.58 30.60 20.83
C VAL A 141 7.55 30.85 19.73
N LYS A 142 8.01 31.44 18.61
CA LYS A 142 7.17 31.76 17.46
C LYS A 142 6.77 30.50 16.70
N GLY A 143 5.81 30.66 15.77
CA GLY A 143 5.31 29.60 14.91
C GLY A 143 4.26 28.68 15.51
N GLU A 144 3.89 27.65 14.75
CA GLU A 144 2.91 26.62 15.10
C GLU A 144 3.39 25.75 16.26
N ASP A 145 2.44 25.13 16.99
CA ASP A 145 2.72 24.28 18.17
C ASP A 145 3.67 23.13 17.88
N GLN A 146 4.69 22.98 18.72
CA GLN A 146 5.68 21.91 18.64
C GLN A 146 5.25 20.75 19.52
N LEU A 147 4.13 20.91 20.23
CA LEU A 147 3.61 19.88 21.11
C LEU A 147 2.85 18.80 20.37
N ARG A 148 2.73 18.93 19.03
CA ARG A 148 2.07 17.93 18.21
C ARG A 148 2.92 16.66 18.31
N THR A 149 2.27 15.54 18.66
CA THR A 149 2.99 14.29 18.76
C THR A 149 3.21 13.78 17.35
N LEU A 150 4.47 13.56 17.02
CA LEU A 150 4.82 13.13 15.69
C LEU A 150 5.53 11.74 15.70
N PRO A 151 5.63 11.09 14.51
CA PRO A 151 6.09 9.70 14.43
C PRO A 151 7.30 9.28 15.23
N PHE A 152 8.33 10.09 15.32
CA PHE A 152 9.53 9.63 16.02
C PHE A 152 9.52 9.90 17.52
N ASP A 153 8.46 10.50 18.05
CA ASP A 153 8.36 10.82 19.47
C ASP A 153 8.26 9.60 20.36
N ARG A 154 8.71 9.80 21.58
CA ARG A 154 8.59 8.85 22.68
C ARG A 154 8.02 9.61 23.84
N LYS A 155 7.20 8.98 24.65
CA LYS A 155 6.68 9.68 25.81
C LYS A 155 6.95 8.80 26.99
N PHE A 156 7.32 9.42 28.09
CA PHE A 156 7.56 8.74 29.36
C PHE A 156 6.62 9.33 30.37
N GLY A 157 5.73 8.49 30.87
CA GLY A 157 4.76 8.88 31.87
C GLY A 157 3.60 9.68 31.33
N VAL A 158 2.58 9.82 32.17
CA VAL A 158 1.36 10.57 31.92
C VAL A 158 1.46 11.77 32.83
N GLY A 159 1.13 12.92 32.30
CA GLY A 159 1.15 14.16 33.05
C GLY A 159 0.32 15.21 32.37
N SER A 160 -0.42 16.01 33.17
CA SER A 160 -1.26 17.10 32.67
C SER A 160 -0.40 18.03 31.82
N ARG A 161 0.75 18.48 32.36
CA ARG A 161 1.67 19.32 31.63
C ARG A 161 2.54 18.50 30.68
N ASP A 162 2.93 19.08 29.53
CA ASP A 162 3.74 18.35 28.56
C ASP A 162 5.11 18.99 28.45
N VAL A 163 6.18 18.22 28.65
CA VAL A 163 7.56 18.73 28.63
C VAL A 163 8.42 18.05 27.56
N ILE A 164 9.23 18.83 26.82
CA ILE A 164 10.14 18.37 25.73
C ILE A 164 11.59 18.79 25.98
N LEU A 165 12.56 17.87 25.87
CA LEU A 165 13.98 18.17 26.07
C LEU A 165 14.74 17.94 24.76
N TYR A 166 15.34 18.99 24.15
CA TYR A 166 16.13 18.91 22.92
C TYR A 166 17.55 18.74 23.36
N ALA A 167 18.09 17.52 23.26
CA ALA A 167 19.42 17.23 23.81
C ALA A 167 20.45 16.69 22.86
N ASP A 168 21.70 17.01 23.18
CA ASP A 168 22.86 16.44 22.56
C ASP A 168 23.32 15.47 23.64
N ILE A 169 23.00 14.20 23.46
CA ILE A 169 23.30 13.14 24.42
C ILE A 169 24.78 12.94 24.65
N THR A 170 25.59 13.04 23.57
CA THR A 170 27.05 12.83 23.54
C THR A 170 27.81 13.40 24.76
N SER A 171 27.57 14.69 25.10
CA SER A 171 28.23 15.37 26.21
C SER A 171 27.69 14.95 27.57
N LYS A 172 28.41 15.30 28.64
CA LYS A 172 28.05 14.98 30.01
C LYS A 172 27.05 16.00 30.53
N SER A 173 26.95 17.18 29.84
CA SER A 173 26.04 18.29 30.15
C SER A 173 24.56 17.87 30.17
N PHE A 174 24.28 16.71 29.55
CA PHE A 174 22.96 16.12 29.41
C PHE A 174 22.40 15.51 30.72
N ALA A 175 23.15 14.56 31.34
CA ALA A 175 22.81 13.78 32.54
C ALA A 175 21.94 14.52 33.60
N PRO A 176 22.28 15.71 34.15
CA PRO A 176 21.40 16.35 35.14
C PRO A 176 20.03 16.79 34.63
N PHE A 177 19.94 17.32 33.39
CA PHE A 177 18.69 17.77 32.76
C PHE A 177 17.68 16.64 32.68
N HIS A 178 18.14 15.47 32.20
CA HIS A 178 17.38 14.23 32.05
C HIS A 178 16.70 13.85 33.37
N GLU A 179 17.52 13.68 34.44
CA GLU A 179 17.11 13.28 35.78
C GLU A 179 16.05 14.18 36.40
N VAL A 180 16.07 15.47 36.06
CA VAL A 180 15.12 16.47 36.51
C VAL A 180 13.72 16.12 36.01
N ALA A 181 13.60 15.78 34.71
CA ALA A 181 12.32 15.43 34.09
C ALA A 181 11.97 13.96 34.19
N MET A 182 12.97 13.08 34.40
CA MET A 182 12.70 11.65 34.56
C MET A 182 11.93 11.50 35.87
N ASP A 183 12.44 12.11 36.96
CA ASP A 183 11.83 12.10 38.29
C ASP A 183 10.47 12.81 38.27
N LEU A 184 10.39 13.96 37.59
CA LEU A 184 9.17 14.76 37.44
C LEU A 184 8.05 13.93 36.79
N ALA A 185 8.43 13.06 35.83
CA ALA A 185 7.51 12.15 35.15
C ALA A 185 7.20 10.94 36.06
N LYS A 186 8.21 10.44 36.82
CA LYS A 186 8.08 9.32 37.78
C LYS A 186 7.06 9.68 38.84
N LYS A 187 7.03 10.97 39.24
CA LYS A 187 6.07 11.51 40.20
C LYS A 187 4.68 11.58 39.57
N GLY A 188 4.61 12.21 38.39
CA GLY A 188 3.38 12.35 37.62
C GLY A 188 2.97 13.77 37.33
N LYS A 189 3.89 14.74 37.55
CA LYS A 189 3.67 16.17 37.33
C LYS A 189 3.44 16.53 35.85
N ALA A 190 4.22 15.90 34.95
CA ALA A 190 4.14 16.07 33.51
C ALA A 190 4.70 14.83 32.78
N SER A 191 4.40 14.70 31.47
CA SER A 191 4.89 13.62 30.60
C SER A 191 6.15 14.05 29.85
N TYR A 192 7.17 13.21 29.87
CA TYR A 192 8.52 13.42 29.33
C TYR A 192 8.77 12.85 27.93
N ARG A 193 9.46 13.61 27.07
CA ARG A 193 9.88 13.14 25.74
C ARG A 193 11.17 13.78 25.28
N VAL A 194 12.04 13.00 24.62
CA VAL A 194 13.34 13.45 24.13
C VAL A 194 13.34 13.67 22.60
N ARG A 195 13.85 14.81 22.16
CA ARG A 195 14.07 15.15 20.75
C ARG A 195 15.57 15.41 20.60
N TYR A 196 16.13 15.16 19.42
CA TYR A 196 17.58 15.29 19.24
C TYR A 196 18.05 16.60 18.71
N ARG A 197 19.34 16.85 18.96
CA ARG A 197 20.08 18.01 18.53
C ARG A 197 21.35 17.49 17.89
N ARG A 198 21.64 17.97 16.68
CA ARG A 198 22.83 17.58 15.94
C ARG A 198 24.02 17.90 16.80
N SER A 199 24.80 16.87 17.15
CA SER A 199 25.96 17.00 18.04
C SER A 199 27.25 17.41 17.33
N PRO A 200 27.78 18.64 17.60
CA PRO A 200 28.99 19.09 16.89
C PRO A 200 30.32 18.47 17.35
N SER A 201 30.29 17.50 18.30
CA SER A 201 31.46 16.78 18.78
C SER A 201 31.91 15.85 17.66
N HIS A 202 30.90 15.29 16.94
CA HIS A 202 31.02 14.35 15.83
C HIS A 202 31.29 14.98 14.55
N SER A 203 31.94 14.22 13.67
CA SER A 203 32.32 14.69 12.36
C SER A 203 31.21 14.68 11.34
N ARG A 204 31.34 15.51 10.31
CA ARG A 204 30.40 15.63 9.21
C ARG A 204 30.83 14.67 8.07
N GLU A 205 31.23 13.46 8.43
CA GLU A 205 31.60 12.50 7.40
C GLU A 205 30.30 11.86 7.00
N SER A 206 30.16 11.56 5.70
CA SER A 206 28.96 10.92 5.18
C SER A 206 28.84 9.46 5.67
N LEU A 207 27.61 8.94 5.60
CA LEU A 207 27.25 7.61 6.07
C LEU A 207 27.46 6.55 5.03
N SER A 208 28.10 5.44 5.41
CA SER A 208 28.30 4.30 4.51
C SER A 208 27.18 3.31 4.74
N VAL A 209 26.44 3.02 3.67
CA VAL A 209 25.26 2.16 3.71
C VAL A 209 25.51 0.77 3.16
N ASN A 210 24.58 -0.16 3.48
CA ASN A 210 24.55 -1.54 3.00
C ASN A 210 23.12 -1.99 2.95
N GLY A 211 22.89 -3.09 2.25
CA GLY A 211 21.56 -3.64 2.05
C GLY A 211 21.13 -3.50 0.61
N TYR A 212 22.09 -3.26 -0.28
CA TYR A 212 21.86 -3.13 -1.70
C TYR A 212 22.66 -4.21 -2.46
N GLY A 213 22.43 -4.30 -3.78
CA GLY A 213 23.12 -5.24 -4.65
C GLY A 213 23.80 -4.51 -5.77
N VAL A 214 24.91 -5.05 -6.26
CA VAL A 214 25.65 -4.53 -7.41
C VAL A 214 25.66 -5.61 -8.49
N GLU A 215 25.49 -5.21 -9.73
CA GLU A 215 25.51 -6.12 -10.85
C GLU A 215 26.56 -5.67 -11.87
N LEU A 216 27.21 -6.65 -12.51
CA LEU A 216 28.15 -6.43 -13.61
C LEU A 216 27.53 -7.14 -14.80
N VAL A 217 26.89 -6.36 -15.66
CA VAL A 217 26.13 -6.86 -16.80
C VAL A 217 27.01 -6.95 -18.02
N LEU A 218 26.98 -8.12 -18.69
CA LEU A 218 27.68 -8.38 -19.95
C LEU A 218 26.89 -7.61 -21.02
N LYS A 219 27.52 -6.61 -21.68
CA LYS A 219 26.75 -5.83 -22.64
C LYS A 219 26.76 -6.41 -24.05
N ARG A 220 27.63 -7.41 -24.29
CA ARG A 220 27.63 -8.12 -25.55
C ARG A 220 27.23 -9.56 -25.23
N THR A 221 26.02 -9.94 -25.64
CA THR A 221 25.46 -11.26 -25.43
C THR A 221 25.38 -12.03 -26.74
N ASP A 222 25.53 -11.32 -27.87
CA ASP A 222 25.49 -11.81 -29.26
C ASP A 222 26.30 -13.07 -29.55
N TYR A 223 27.48 -13.25 -28.90
CA TYR A 223 28.28 -14.44 -29.16
C TYR A 223 27.73 -15.65 -28.41
N ILE A 224 27.22 -16.63 -29.23
CA ILE A 224 26.70 -18.00 -29.05
C ILE A 224 26.97 -18.76 -30.35
N VAL A 225 27.33 -20.07 -30.25
CA VAL A 225 27.63 -20.94 -31.40
C VAL A 225 26.34 -21.38 -32.10
N ILE A 259 43.33 -15.83 -14.50
CA ILE A 259 42.63 -17.09 -14.63
C ILE A 259 41.70 -17.08 -15.86
N ALA A 260 40.73 -16.15 -15.90
CA ALA A 260 39.75 -16.04 -16.97
C ALA A 260 40.09 -14.92 -17.93
N ASP A 261 39.94 -15.17 -19.23
CA ASP A 261 40.20 -14.16 -20.26
C ASP A 261 38.88 -13.52 -20.69
N ILE A 262 37.88 -14.37 -21.02
CA ILE A 262 36.53 -14.05 -21.46
C ILE A 262 35.72 -15.34 -21.28
N LYS A 263 34.41 -15.22 -21.08
CA LYS A 263 33.57 -16.39 -20.90
C LYS A 263 33.55 -17.31 -22.14
N PRO A 264 33.78 -18.65 -21.96
CA PRO A 264 33.61 -19.60 -23.07
C PRO A 264 32.13 -20.04 -23.09
N LEU A 265 31.51 -19.93 -24.24
CA LEU A 265 30.09 -19.90 -24.48
C LEU A 265 29.16 -21.17 -24.50
N GLU A 266 29.14 -22.07 -25.54
CA GLU A 266 28.22 -23.23 -25.71
C GLU A 266 27.25 -23.10 -26.88
N LYS A 267 26.87 -24.26 -27.47
CA LYS A 267 25.89 -24.37 -28.56
C LYS A 267 24.46 -24.56 -27.98
N SER A 268 23.64 -25.43 -28.59
CA SER A 268 22.25 -25.72 -28.23
C SER A 268 22.01 -26.38 -26.89
N GLU A 269 23.06 -26.67 -26.12
CA GLU A 269 22.90 -27.32 -24.85
C GLU A 269 22.45 -26.42 -23.72
N LEU A 270 21.84 -25.25 -24.04
CA LEU A 270 21.34 -24.35 -23.01
C LEU A 270 20.36 -25.06 -22.12
N ALA A 271 19.40 -25.77 -22.72
CA ALA A 271 18.31 -26.48 -22.04
C ALA A 271 18.69 -27.17 -20.72
N ALA A 272 19.89 -27.74 -20.64
CA ALA A 272 20.31 -28.46 -19.46
C ALA A 272 20.94 -27.59 -18.35
N LEU A 273 21.24 -26.30 -18.59
CA LEU A 273 21.93 -25.43 -17.63
C LEU A 273 21.32 -25.38 -16.28
N GLY A 274 20.03 -25.13 -16.21
CA GLY A 274 19.34 -25.07 -14.93
C GLY A 274 19.47 -26.41 -14.25
N MET A 275 19.17 -27.48 -15.02
CA MET A 275 19.17 -28.85 -14.53
C MET A 275 20.52 -29.34 -14.04
N LYS A 276 21.58 -29.09 -14.81
CA LYS A 276 22.92 -29.48 -14.44
C LYS A 276 23.38 -28.61 -13.28
N ALA A 277 23.07 -27.29 -13.33
CA ALA A 277 23.39 -26.32 -12.27
C ALA A 277 22.80 -26.75 -10.94
N ALA A 278 21.52 -27.20 -10.92
CA ALA A 278 20.84 -27.67 -9.71
C ALA A 278 21.49 -28.90 -9.11
N SER A 279 21.94 -29.83 -9.96
CA SER A 279 22.58 -31.07 -9.54
C SER A 279 23.93 -30.84 -8.86
N PHE A 280 24.75 -29.95 -9.46
CA PHE A 280 26.08 -29.56 -9.00
C PHE A 280 26.07 -29.28 -7.53
N VAL A 281 25.08 -28.51 -7.11
CA VAL A 281 24.81 -28.05 -5.77
C VAL A 281 24.40 -29.20 -4.88
N MET A 282 23.44 -29.99 -5.34
CA MET A 282 22.94 -31.10 -4.56
C MET A 282 24.08 -32.06 -4.20
N GLN A 283 24.93 -32.31 -5.18
CA GLN A 283 26.07 -33.17 -5.07
C GLN A 283 27.14 -32.64 -4.13
N SER A 284 27.46 -31.34 -4.26
CA SER A 284 28.55 -30.58 -3.66
C SER A 284 28.95 -30.91 -2.25
N GLU A 285 28.01 -31.13 -1.32
CA GLU A 285 28.39 -31.48 0.06
C GLU A 285 28.19 -30.33 1.03
N LYS A 286 28.25 -29.09 0.57
CA LYS A 286 28.01 -27.91 1.37
C LYS A 286 27.23 -27.09 0.39
N PRO A 287 25.93 -27.43 0.24
CA PRO A 287 25.12 -26.91 -0.86
C PRO A 287 24.83 -25.46 -0.82
N PHE A 288 24.63 -24.91 0.36
CA PHE A 288 24.31 -23.52 0.44
C PHE A 288 25.42 -22.64 -0.08
N GLU A 289 26.66 -22.98 0.28
CA GLU A 289 27.83 -22.23 -0.15
C GLU A 289 28.02 -22.31 -1.64
N ALA A 290 27.76 -23.49 -2.23
CA ALA A 290 27.90 -23.74 -3.67
C ALA A 290 27.05 -22.82 -4.46
N LEU A 291 25.78 -22.73 -4.11
CA LEU A 291 24.76 -21.91 -4.76
C LEU A 291 25.16 -20.47 -4.75
N LEU A 292 25.66 -19.99 -3.62
CA LEU A 292 26.10 -18.62 -3.52
C LEU A 292 27.31 -18.40 -4.44
N LYS A 293 28.32 -19.28 -4.32
CA LYS A 293 29.53 -19.19 -5.11
C LYS A 293 29.25 -19.37 -6.58
N LEU A 294 28.32 -20.26 -6.94
CA LEU A 294 27.93 -20.52 -8.32
C LEU A 294 27.07 -19.41 -8.84
N THR A 295 26.02 -19.04 -8.12
CA THR A 295 25.08 -18.03 -8.53
C THR A 295 25.71 -16.60 -8.66
N GLN A 296 26.72 -16.25 -7.84
CA GLN A 296 27.36 -14.90 -7.93
C GLN A 296 28.17 -14.72 -9.21
N ASP A 297 28.93 -15.74 -9.63
CA ASP A 297 29.79 -15.70 -10.80
C ASP A 297 29.29 -16.62 -11.91
N PHE A 298 27.98 -16.90 -11.92
CA PHE A 298 27.31 -17.79 -12.86
C PHE A 298 27.70 -17.65 -14.35
N PRO A 299 27.80 -16.46 -14.99
CA PRO A 299 28.12 -16.43 -16.44
C PRO A 299 29.45 -17.11 -16.77
N LYS A 300 30.39 -16.99 -15.84
CA LYS A 300 31.75 -17.54 -15.86
C LYS A 300 31.74 -19.08 -15.78
N TYR A 301 30.76 -19.67 -15.08
CA TYR A 301 30.70 -21.11 -14.90
C TYR A 301 29.82 -21.87 -15.89
N SER A 302 29.25 -21.19 -16.91
CA SER A 302 28.38 -21.82 -17.91
C SER A 302 29.03 -23.01 -18.64
N ASN A 303 30.22 -22.80 -19.24
CA ASN A 303 30.98 -23.83 -19.95
C ASN A 303 31.57 -24.87 -19.00
N SER A 304 31.73 -24.51 -17.71
CA SER A 304 32.25 -25.38 -16.66
C SER A 304 31.17 -26.36 -16.14
N LEU A 305 29.96 -26.26 -16.70
CA LEU A 305 28.83 -27.12 -16.34
C LEU A 305 28.59 -28.11 -17.44
N GLY A 306 28.21 -29.31 -17.03
CA GLY A 306 28.01 -30.43 -17.94
C GLY A 306 29.17 -31.39 -17.85
N SER A 307 30.00 -31.24 -16.80
CA SER A 307 31.20 -32.03 -16.57
C SER A 307 31.10 -33.08 -15.44
N GLN A 308 31.88 -34.19 -15.57
CA GLN A 308 32.07 -35.33 -14.65
C GLN A 308 30.79 -36.14 -14.33
N ASN A 309 30.14 -36.73 -15.37
CA ASN A 309 28.88 -37.50 -15.28
C ASN A 309 27.89 -36.67 -14.43
N VAL A 310 27.66 -35.45 -14.92
CA VAL A 310 26.97 -34.29 -14.37
C VAL A 310 25.45 -34.42 -14.07
N SER A 311 24.59 -34.81 -15.03
CA SER A 311 23.12 -34.80 -14.88
C SER A 311 22.55 -35.36 -13.57
N ALA A 312 22.90 -36.61 -13.17
CA ALA A 312 22.44 -37.32 -11.94
C ALA A 312 20.92 -37.27 -11.81
N GLU A 313 20.29 -37.93 -12.77
CA GLU A 313 18.87 -38.08 -13.03
C GLU A 313 17.96 -38.56 -11.88
N PHE A 314 18.42 -38.53 -10.65
CA PHE A 314 17.57 -38.87 -9.52
C PHE A 314 16.68 -37.64 -9.29
N GLU A 315 17.20 -36.44 -9.49
CA GLU A 315 16.48 -35.17 -9.32
C GLU A 315 15.36 -34.88 -10.34
N ALA A 316 15.13 -35.77 -11.31
CA ALA A 316 14.06 -35.67 -12.29
C ALA A 316 12.88 -36.42 -11.71
N GLU A 317 13.07 -37.04 -10.53
CA GLU A 317 12.01 -37.73 -9.81
C GLU A 317 11.03 -36.71 -9.25
N HIS A 318 11.56 -35.57 -8.81
CA HIS A 318 10.80 -34.51 -8.18
C HIS A 318 10.07 -33.57 -9.09
N ARG A 319 9.76 -33.99 -10.28
CA ARG A 319 8.93 -33.20 -11.17
C ARG A 319 7.56 -33.76 -10.96
N GLY A 320 7.52 -34.71 -10.03
CA GLY A 320 6.30 -35.26 -9.47
C GLY A 320 5.86 -34.16 -8.55
N ASN A 321 6.85 -33.43 -8.02
CA ASN A 321 6.42 -32.36 -7.18
C ASN A 321 6.21 -31.11 -8.14
N ARG A 322 6.81 -31.06 -9.34
CA ARG A 322 6.40 -29.96 -10.22
C ARG A 322 5.02 -30.24 -10.82
N GLU A 323 4.70 -31.53 -11.08
CA GLU A 323 3.39 -31.92 -11.59
C GLU A 323 2.24 -31.44 -10.71
N VAL A 324 2.46 -31.37 -9.39
CA VAL A 324 1.44 -30.91 -8.45
C VAL A 324 1.39 -29.38 -8.23
N PHE A 325 2.52 -28.68 -8.04
CA PHE A 325 2.29 -27.28 -7.65
C PHE A 325 2.87 -26.12 -8.52
N LEU A 326 4.19 -25.97 -8.65
CA LEU A 326 4.60 -24.77 -9.37
C LEU A 326 5.30 -25.05 -10.67
N PRO A 327 5.12 -24.10 -11.64
CA PRO A 327 5.85 -24.20 -12.93
C PRO A 327 7.38 -24.09 -12.80
N GLU A 328 8.09 -24.85 -13.63
CA GLU A 328 9.54 -24.89 -13.66
C GLU A 328 10.18 -23.51 -13.86
N GLY A 329 11.27 -23.28 -13.15
CA GLY A 329 12.07 -22.06 -13.23
C GLY A 329 11.46 -20.81 -12.62
N SER A 330 10.50 -20.98 -11.70
CA SER A 330 9.82 -19.89 -11.04
C SER A 330 10.35 -19.70 -9.63
N ASN A 331 10.63 -18.46 -9.25
CA ASN A 331 11.10 -18.14 -7.91
C ASN A 331 9.93 -17.74 -7.04
N VAL A 332 9.77 -18.43 -5.89
CA VAL A 332 8.67 -18.18 -4.96
C VAL A 332 9.14 -18.26 -3.50
N LEU A 333 8.88 -17.20 -2.70
CA LEU A 333 9.27 -17.18 -1.30
C LEU A 333 8.07 -17.08 -0.39
N TRP A 334 8.11 -17.82 0.72
CA TRP A 334 7.08 -17.83 1.74
C TRP A 334 7.68 -17.56 3.07
N LEU A 335 6.96 -16.82 3.91
CA LEU A 335 7.36 -16.52 5.28
C LEU A 335 6.17 -16.85 6.15
N ASN A 336 6.22 -18.03 6.79
CA ASN A 336 5.16 -18.58 7.63
C ASN A 336 3.84 -18.65 6.88
N GLY A 337 3.94 -19.09 5.62
CA GLY A 337 2.78 -19.22 4.74
C GLY A 337 2.53 -18.00 3.88
N LEU A 338 2.94 -16.81 4.35
CA LEU A 338 2.75 -15.58 3.60
C LEU A 338 3.59 -15.56 2.34
N HIS A 339 2.94 -15.41 1.18
CA HIS A 339 3.62 -15.32 -0.10
C HIS A 339 4.10 -13.88 -0.25
N LEU A 340 5.42 -13.71 -0.40
CA LEU A 340 6.03 -12.40 -0.54
C LEU A 340 6.30 -12.02 -1.95
N ILE A 341 6.03 -10.75 -2.26
CA ILE A 341 6.29 -10.20 -3.58
C ILE A 341 7.76 -9.84 -3.63
N ASP A 342 8.29 -9.66 -4.84
CA ASP A 342 9.71 -9.34 -5.03
C ASP A 342 10.20 -8.07 -4.32
N ARG A 343 9.37 -7.05 -4.31
CA ARG A 343 9.66 -5.77 -3.69
C ARG A 343 9.99 -5.95 -2.22
N GLN A 344 9.37 -6.96 -1.56
CA GLN A 344 9.54 -7.18 -0.12
C GLN A 344 10.78 -7.96 0.16
N ILE A 345 11.58 -8.27 -0.85
CA ILE A 345 12.70 -9.14 -0.65
C ILE A 345 13.98 -8.39 -0.80
N GLN A 346 14.23 -7.63 0.23
CA GLN A 346 15.42 -6.87 0.44
C GLN A 346 15.68 -7.04 1.94
N PRO A 347 16.81 -6.52 2.45
CA PRO A 347 17.11 -6.69 3.87
C PRO A 347 16.19 -5.89 4.75
N PHE A 348 15.81 -4.70 4.34
CA PHE A 348 14.95 -3.86 5.13
C PHE A 348 13.55 -4.36 5.19
N GLY A 349 13.04 -4.79 4.04
CA GLY A 349 11.69 -5.33 3.91
C GLY A 349 11.54 -6.58 4.72
N LEU A 350 12.60 -7.40 4.74
CA LEU A 350 12.59 -8.65 5.48
C LEU A 350 12.76 -8.46 6.98
N VAL A 351 13.57 -7.47 7.43
CA VAL A 351 13.72 -7.16 8.87
C VAL A 351 12.39 -6.70 9.48
N ASP A 352 11.64 -5.87 8.74
CA ASP A 352 10.35 -5.39 9.19
C ASP A 352 9.34 -6.51 9.27
N LEU A 353 9.41 -7.50 8.37
CA LEU A 353 8.48 -8.63 8.40
C LEU A 353 8.69 -9.56 9.58
N LEU A 354 9.94 -9.88 9.92
CA LEU A 354 10.26 -10.70 11.06
C LEU A 354 9.72 -10.05 12.32
N THR A 355 10.08 -8.78 12.52
CA THR A 355 9.70 -7.90 13.62
C THR A 355 8.21 -7.99 13.90
N ARG A 356 7.38 -7.84 12.83
CA ARG A 356 5.91 -7.90 12.88
C ARG A 356 5.41 -9.30 13.19
N GLU A 357 6.04 -10.30 12.54
CA GLU A 357 5.68 -11.70 12.65
C GLU A 357 5.95 -12.31 14.04
N ARG A 358 7.13 -12.02 14.60
CA ARG A 358 7.55 -12.51 15.89
C ARG A 358 6.62 -12.01 16.96
N LYS A 359 6.25 -10.70 16.92
CA LYS A 359 5.30 -10.07 17.85
C LYS A 359 4.01 -10.88 17.93
N LEU A 360 3.52 -11.31 16.76
CA LEU A 360 2.32 -12.11 16.57
C LEU A 360 2.45 -13.52 17.18
N ILE A 361 3.52 -14.24 16.79
CA ILE A 361 3.80 -15.59 17.25
C ILE A 361 4.12 -15.65 18.74
N LYS A 362 4.98 -14.75 19.26
CA LYS A 362 5.37 -14.68 20.67
C LYS A 362 4.15 -14.58 21.52
N SER A 363 3.16 -13.80 21.06
CA SER A 363 1.86 -13.65 21.70
C SER A 363 1.18 -15.00 21.87
N VAL A 364 1.25 -15.83 20.82
CA VAL A 364 0.69 -17.17 20.78
C VAL A 364 1.49 -18.12 21.65
N LEU A 365 2.83 -18.04 21.61
CA LEU A 365 3.60 -19.05 22.32
C LEU A 365 3.77 -18.79 23.83
N ASP A 366 2.93 -17.91 24.41
CA ASP A 366 2.94 -17.71 25.85
C ASP A 366 1.88 -18.63 26.43
N LEU A 367 1.22 -19.38 25.51
CA LEU A 367 0.18 -20.37 25.76
C LEU A 367 0.73 -21.79 25.54
N GLY A 368 2.05 -21.91 25.51
CA GLY A 368 2.76 -23.18 25.34
C GLY A 368 2.61 -23.85 23.99
N LEU A 369 2.86 -23.10 22.92
CA LEU A 369 2.83 -23.64 21.57
C LEU A 369 4.21 -23.42 21.00
N THR A 370 4.75 -24.40 20.26
CA THR A 370 6.07 -24.19 19.64
C THR A 370 5.85 -23.32 18.44
N GLY A 371 6.89 -22.65 18.01
CA GLY A 371 6.80 -21.82 16.82
C GLY A 371 6.24 -22.60 15.65
N GLN A 372 6.63 -23.89 15.56
CA GLN A 372 6.19 -24.81 14.53
C GLN A 372 4.72 -25.05 14.63
N GLN A 373 4.19 -25.27 15.85
CA GLN A 373 2.77 -25.54 16.11
C GLN A 373 1.93 -24.28 15.82
N ALA A 374 2.44 -23.10 16.24
CA ALA A 374 1.83 -21.78 16.05
C ALA A 374 1.57 -21.47 14.58
N VAL A 375 2.61 -21.59 13.72
CA VAL A 375 2.57 -21.36 12.27
C VAL A 375 1.60 -22.34 11.61
N ASP A 376 1.67 -23.62 12.00
CA ASP A 376 0.83 -24.69 11.49
C ASP A 376 -0.64 -24.37 11.68
N LEU A 377 -0.98 -23.76 12.84
CA LEU A 377 -2.33 -23.32 13.20
C LEU A 377 -2.76 -22.17 12.33
N LEU A 378 -1.86 -21.20 12.07
CA LEU A 378 -2.13 -20.01 11.26
C LEU A 378 -2.45 -20.32 9.81
N GLY A 379 -1.72 -21.26 9.23
CA GLY A 379 -1.92 -21.67 7.85
C GLY A 379 -2.83 -22.88 7.65
N HIS A 380 -3.61 -23.24 8.70
CA HIS A 380 -4.50 -24.39 8.64
C HIS A 380 -5.64 -24.21 7.64
N ALA A 381 -6.06 -25.31 7.00
CA ALA A 381 -7.11 -25.39 5.99
C ALA A 381 -8.44 -24.81 6.44
N GLU A 382 -8.88 -25.15 7.67
CA GLU A 382 -10.14 -24.66 8.24
C GLU A 382 -10.17 -23.15 8.42
N VAL A 383 -8.99 -22.57 8.73
CA VAL A 383 -8.81 -21.13 8.94
C VAL A 383 -8.95 -20.38 7.61
N ALA A 384 -8.16 -20.78 6.58
CA ALA A 384 -8.17 -20.15 5.26
C ALA A 384 -9.54 -20.27 4.59
N HIS A 385 -10.25 -21.39 4.84
CA HIS A 385 -11.60 -21.66 4.33
C HIS A 385 -12.55 -20.56 4.80
N ALA A 386 -12.46 -20.18 6.09
CA ALA A 386 -13.28 -19.13 6.69
C ALA A 386 -13.08 -17.79 6.02
N LYS A 387 -11.82 -17.41 5.69
CA LYS A 387 -11.56 -16.15 5.02
C LYS A 387 -12.26 -16.14 3.67
N SER A 388 -12.17 -17.25 2.90
CA SER A 388 -12.84 -17.43 1.60
C SER A 388 -14.36 -17.40 1.78
N GLY A 389 -14.82 -18.01 2.87
CA GLY A 389 -16.21 -18.06 3.28
C GLY A 389 -16.82 -16.68 3.46
N ASP A 390 -16.17 -15.80 4.22
CA ASP A 390 -16.75 -14.47 4.34
C ASP A 390 -16.06 -13.42 3.45
N ASP A 391 -15.61 -13.88 2.28
CA ASP A 391 -15.15 -13.01 1.22
C ASP A 391 -16.43 -12.96 0.38
N GLU A 392 -17.25 -14.05 0.49
CA GLU A 392 -18.54 -14.22 -0.19
C GLU A 392 -19.58 -13.16 0.22
N PRO A 393 -20.55 -12.80 -0.68
CA PRO A 393 -21.56 -11.75 -0.34
C PRO A 393 -22.57 -12.18 0.68
N ARG A 394 -23.00 -11.23 1.49
CA ARG A 394 -23.87 -11.47 2.64
C ARG A 394 -25.32 -11.32 2.33
N ARG A 395 -26.12 -12.30 2.75
CA ARG A 395 -27.55 -12.27 2.62
C ARG A 395 -28.26 -12.33 3.95
N PHE A 396 -29.42 -11.72 4.03
CA PHE A 396 -30.24 -11.65 5.21
C PHE A 396 -31.60 -12.22 4.93
N ASP A 397 -32.13 -12.90 5.91
CA ASP A 397 -33.37 -13.64 5.86
C ASP A 397 -34.59 -12.72 5.90
N TRP A 398 -35.15 -12.49 4.73
CA TRP A 398 -36.27 -11.60 4.44
C TRP A 398 -37.63 -12.14 4.80
N ARG A 399 -37.70 -13.34 5.36
CA ARG A 399 -38.95 -14.01 5.62
C ARG A 399 -39.81 -13.41 6.76
N ASP A 400 -41.12 -13.75 6.67
CA ASP A 400 -42.27 -13.40 7.51
C ASP A 400 -42.36 -14.31 8.72
N ASP A 401 -41.70 -15.49 8.66
CA ASP A 401 -41.66 -16.55 9.67
C ASP A 401 -41.62 -16.08 11.13
N ILE A 402 -40.72 -15.13 11.43
CA ILE A 402 -40.52 -14.54 12.76
C ILE A 402 -41.76 -13.71 13.15
N GLU A 403 -42.31 -12.96 12.18
CA GLU A 403 -43.49 -12.10 12.36
C GLU A 403 -44.79 -12.80 11.97
N GLU A 404 -44.77 -14.15 12.01
CA GLU A 404 -45.89 -15.05 11.79
C GLU A 404 -46.74 -14.74 10.53
N GLY A 405 -46.05 -14.45 9.42
CA GLY A 405 -46.63 -14.20 8.10
C GLY A 405 -47.58 -13.02 7.94
N GLN A 406 -47.53 -12.05 8.86
CA GLN A 406 -48.46 -10.92 8.81
C GLN A 406 -47.80 -9.57 8.50
N VAL A 407 -46.67 -9.54 7.78
CA VAL A 407 -46.01 -8.25 7.49
C VAL A 407 -45.83 -7.94 5.99
N ILE A 408 -45.46 -8.96 5.17
CA ILE A 408 -45.22 -8.76 3.73
C ILE A 408 -46.48 -8.95 2.92
N ILE A 409 -46.80 -7.93 2.10
CA ILE A 409 -47.97 -7.97 1.24
C ILE A 409 -47.53 -8.13 -0.19
N TRP A 410 -47.41 -9.42 -0.61
CA TRP A 410 -47.00 -9.88 -1.94
C TRP A 410 -48.04 -9.55 -3.00
N LEU A 411 -47.56 -9.19 -4.19
CA LEU A 411 -48.38 -8.84 -5.35
C LEU A 411 -48.38 -10.06 -6.29
N ASN A 412 -47.63 -11.11 -5.90
CA ASN A 412 -47.41 -12.31 -6.69
C ASN A 412 -47.44 -13.58 -5.88
N ASN A 413 -47.48 -14.67 -6.62
CA ASN A 413 -47.27 -16.05 -6.27
C ASN A 413 -47.09 -16.68 -7.61
N LEU A 414 -45.93 -17.29 -7.82
CA LEU A 414 -45.62 -17.87 -9.11
C LEU A 414 -46.04 -19.30 -9.23
N GLU A 415 -46.35 -19.91 -8.10
CA GLU A 415 -46.76 -21.31 -8.13
C GLU A 415 -48.26 -21.45 -8.21
N LYS A 416 -48.99 -20.35 -7.95
CA LYS A 416 -50.45 -20.31 -7.93
C LYS A 416 -50.97 -18.93 -8.35
N ASP A 417 -50.73 -18.49 -9.60
CA ASP A 417 -51.28 -17.16 -9.93
C ASP A 417 -52.14 -17.11 -11.19
N LYS A 418 -52.18 -18.21 -11.96
CA LYS A 418 -53.01 -18.33 -13.17
C LYS A 418 -52.75 -17.22 -14.20
N ARG A 419 -51.50 -16.79 -14.25
CA ARG A 419 -50.92 -15.83 -15.17
C ARG A 419 -49.79 -16.61 -15.75
N TYR A 420 -49.13 -17.33 -14.84
CA TYR A 420 -47.97 -18.19 -15.02
C TYR A 420 -48.39 -19.59 -15.36
N LYS A 421 -49.69 -19.94 -15.19
CA LYS A 421 -50.30 -21.24 -15.51
C LYS A 421 -49.72 -21.86 -16.79
N SER A 422 -49.49 -21.02 -17.81
CA SER A 422 -48.91 -21.34 -19.10
C SER A 422 -47.51 -21.97 -18.99
N PHE A 423 -46.67 -21.43 -18.09
CA PHE A 423 -45.26 -21.77 -17.88
C PHE A 423 -44.99 -23.09 -17.21
N SER A 424 -43.77 -23.58 -17.43
CA SER A 424 -43.35 -24.82 -16.83
C SER A 424 -42.82 -24.60 -15.43
N PRO A 425 -43.20 -25.48 -14.49
CA PRO A 425 -42.60 -25.43 -13.15
C PRO A 425 -41.40 -26.42 -13.11
N SER A 426 -40.42 -26.24 -13.99
CA SER A 426 -39.29 -27.17 -14.05
C SER A 426 -37.96 -26.53 -13.79
N ILE A 427 -37.08 -27.31 -13.18
CA ILE A 427 -35.72 -26.86 -12.87
C ILE A 427 -34.92 -26.61 -14.17
N TRP A 428 -35.10 -27.49 -15.17
CA TRP A 428 -34.41 -27.40 -16.47
C TRP A 428 -34.70 -26.13 -17.22
N VAL A 429 -35.75 -25.41 -16.81
CA VAL A 429 -36.10 -24.13 -17.41
C VAL A 429 -35.04 -23.12 -17.00
N LEU A 430 -34.53 -23.23 -15.77
CA LEU A 430 -33.47 -22.37 -15.25
C LEU A 430 -32.20 -22.67 -15.97
N ILE A 431 -31.77 -23.92 -15.90
CA ILE A 431 -30.51 -24.41 -16.44
C ILE A 431 -30.32 -24.14 -17.93
N HIS A 432 -31.39 -24.28 -18.73
CA HIS A 432 -31.35 -24.03 -20.18
C HIS A 432 -31.71 -22.59 -20.51
N HIS A 433 -30.97 -21.63 -19.96
CA HIS A 433 -31.20 -20.22 -20.22
C HIS A 433 -29.93 -19.49 -20.39
N PHE A 434 -29.78 -18.84 -21.54
CA PHE A 434 -28.61 -18.08 -21.88
C PHE A 434 -29.08 -16.71 -22.33
N GLY A 435 -28.20 -15.74 -22.30
CA GLY A 435 -28.58 -14.37 -22.64
C GLY A 435 -28.54 -13.46 -21.45
N HIS A 436 -29.17 -12.29 -21.58
CA HIS A 436 -29.13 -11.34 -20.49
C HIS A 436 -30.51 -11.23 -19.81
N GLY A 437 -31.44 -12.05 -20.28
CA GLY A 437 -32.78 -12.09 -19.74
C GLY A 437 -32.97 -12.96 -18.52
N LEU A 438 -34.21 -13.44 -18.36
CA LEU A 438 -34.68 -14.28 -17.27
C LEU A 438 -35.72 -15.33 -17.76
N PRO A 439 -35.53 -16.59 -17.35
CA PRO A 439 -36.43 -17.65 -17.82
C PRO A 439 -37.77 -17.58 -17.13
N GLN A 440 -38.85 -17.76 -17.88
CA GLN A 440 -40.14 -17.81 -17.22
C GLN A 440 -40.34 -19.19 -16.69
N ILE A 441 -40.91 -19.30 -15.49
CA ILE A 441 -41.06 -20.57 -14.79
C ILE A 441 -42.20 -20.46 -13.82
N ARG A 442 -42.88 -21.57 -13.52
CA ARG A 442 -43.88 -21.55 -12.48
C ARG A 442 -43.24 -22.16 -11.28
N ARG A 443 -42.39 -21.40 -10.63
CA ARG A 443 -41.71 -21.85 -9.43
C ARG A 443 -41.33 -20.69 -8.57
N ASP A 444 -40.96 -21.00 -7.35
CA ASP A 444 -40.55 -19.99 -6.44
C ASP A 444 -39.07 -20.03 -6.49
N VAL A 445 -38.44 -18.96 -6.99
CA VAL A 445 -36.97 -18.90 -7.03
C VAL A 445 -36.44 -17.52 -6.71
N PHE A 446 -37.02 -16.46 -7.28
CA PHE A 446 -36.51 -15.10 -6.99
C PHE A 446 -37.52 -14.29 -6.28
N ASN A 447 -37.07 -13.53 -5.27
CA ASN A 447 -37.96 -12.69 -4.47
C ASN A 447 -37.43 -11.30 -4.33
N LEU A 448 -38.33 -10.32 -4.33
CA LEU A 448 -37.94 -8.94 -4.09
C LEU A 448 -38.91 -8.30 -3.11
N VAL A 449 -38.40 -7.85 -1.95
CA VAL A 449 -39.21 -7.18 -0.92
C VAL A 449 -38.76 -5.74 -0.84
N VAL A 450 -39.67 -4.78 -1.11
CA VAL A 450 -39.31 -3.37 -1.09
C VAL A 450 -40.10 -2.59 0.00
N PRO A 451 -39.44 -2.01 1.03
CA PRO A 451 -40.19 -1.22 2.01
C PRO A 451 -40.57 0.15 1.47
N VAL A 452 -41.89 0.49 1.54
CA VAL A 452 -42.44 1.72 0.97
C VAL A 452 -43.14 2.59 2.00
N ASP A 453 -42.93 3.94 1.94
CA ASP A 453 -43.62 4.92 2.80
C ASP A 453 -44.87 5.41 2.04
N LEU A 454 -46.07 5.18 2.60
CA LEU A 454 -47.29 5.51 1.90
C LEU A 454 -47.68 7.00 1.94
N THR A 455 -46.96 7.83 2.73
CA THR A 455 -47.18 9.29 2.81
C THR A 455 -46.55 9.93 1.55
N LYS A 456 -45.32 9.47 1.21
CA LYS A 456 -44.51 10.00 0.11
C LYS A 456 -44.95 9.52 -1.26
N ALA A 457 -45.21 10.49 -2.16
CA ALA A 457 -45.68 10.29 -3.53
C ALA A 457 -44.73 9.44 -4.33
N ASP A 458 -43.43 9.77 -4.28
CA ASP A 458 -42.37 9.06 -4.99
C ASP A 458 -42.32 7.58 -4.61
N ASP A 459 -42.50 7.30 -3.28
CA ASP A 459 -42.53 5.94 -2.72
C ASP A 459 -43.73 5.15 -3.18
N VAL A 460 -44.90 5.79 -3.16
CA VAL A 460 -46.17 5.19 -3.58
C VAL A 460 -46.12 4.84 -5.08
N LYS A 461 -45.54 5.77 -5.89
CA LYS A 461 -45.35 5.70 -7.35
C LYS A 461 -44.62 4.43 -7.74
N ILE A 462 -43.65 4.02 -6.91
CA ILE A 462 -42.86 2.81 -7.09
C ILE A 462 -43.76 1.59 -7.11
N VAL A 463 -44.62 1.42 -6.12
CA VAL A 463 -45.52 0.29 -6.08
C VAL A 463 -46.45 0.29 -7.27
N VAL A 464 -47.15 1.41 -7.48
CA VAL A 464 -48.16 1.57 -8.52
C VAL A 464 -47.65 1.43 -9.94
N GLU A 465 -46.60 2.14 -10.29
CA GLU A 465 -46.10 2.06 -11.65
C GLU A 465 -45.06 0.95 -11.74
N GLY A 466 -43.99 1.10 -10.97
CA GLY A 466 -42.88 0.18 -10.94
C GLY A 466 -43.26 -1.27 -10.69
N LEU A 467 -43.74 -1.60 -9.47
CA LEU A 467 -44.01 -2.98 -9.07
C LEU A 467 -45.06 -3.69 -9.88
N LEU A 468 -46.15 -3.00 -10.24
CA LEU A 468 -47.26 -3.59 -10.98
C LEU A 468 -46.94 -3.94 -12.40
N SER A 469 -46.24 -3.05 -13.12
CA SER A 469 -45.83 -3.29 -14.50
C SER A 469 -45.15 -4.65 -14.54
N PHE A 470 -44.17 -4.86 -13.64
CA PHE A 470 -43.42 -6.09 -13.50
C PHE A 470 -44.31 -7.30 -13.33
N VAL A 471 -45.39 -7.16 -12.58
CA VAL A 471 -46.37 -8.23 -12.39
C VAL A 471 -47.03 -8.54 -13.73
N LYS A 472 -47.67 -7.53 -14.35
CA LYS A 472 -48.36 -7.59 -15.64
C LYS A 472 -47.46 -8.18 -16.73
N ARG A 473 -46.17 -7.80 -16.72
CA ARG A 473 -45.12 -8.21 -17.64
C ARG A 473 -44.73 -9.69 -17.57
N LEU A 474 -45.27 -10.44 -16.59
CA LEU A 474 -44.99 -11.87 -16.37
C LEU A 474 -43.51 -12.13 -16.15
N ILE A 475 -42.88 -11.28 -15.30
CA ILE A 475 -41.48 -11.39 -14.90
C ILE A 475 -41.41 -12.54 -13.90
N PRO A 476 -40.38 -13.42 -13.96
CA PRO A 476 -40.33 -14.56 -13.03
C PRO A 476 -39.84 -14.24 -11.61
N VAL A 477 -40.15 -13.03 -11.14
CA VAL A 477 -39.75 -12.55 -9.83
C VAL A 477 -41.01 -12.30 -9.00
N ARG A 478 -41.02 -12.74 -7.72
CA ARG A 478 -42.15 -12.50 -6.82
C ARG A 478 -41.92 -11.12 -6.18
N PHE A 479 -42.94 -10.27 -6.20
CA PHE A 479 -42.79 -8.93 -5.68
C PHE A 479 -43.57 -8.70 -4.41
N GLY A 480 -42.88 -8.29 -3.37
CA GLY A 480 -43.48 -7.95 -2.08
C GLY A 480 -43.13 -6.53 -1.70
N PHE A 481 -43.89 -5.98 -0.75
CA PHE A 481 -43.62 -4.66 -0.21
C PHE A 481 -44.13 -4.55 1.19
N VAL A 482 -43.36 -3.86 2.04
CA VAL A 482 -43.72 -3.65 3.43
C VAL A 482 -43.74 -2.15 3.72
N PRO A 483 -44.86 -1.67 4.27
CA PRO A 483 -44.99 -0.22 4.48
C PRO A 483 -44.08 0.28 5.55
N LEU A 484 -43.69 1.55 5.47
CA LEU A 484 -42.86 2.18 6.48
C LEU A 484 -43.76 3.04 7.32
N THR A 485 -43.56 2.95 8.63
CA THR A 485 -44.38 3.56 9.67
C THR A 485 -43.61 4.62 10.49
N PRO A 486 -43.10 5.73 9.89
CA PRO A 486 -42.32 6.69 10.66
C PRO A 486 -43.07 7.96 11.09
N THR A 487 -44.33 8.12 10.63
CA THR A 487 -45.17 9.28 10.96
C THR A 487 -46.59 8.79 11.21
N GLY A 488 -47.40 9.66 11.78
CA GLY A 488 -48.81 9.37 12.07
C GLY A 488 -49.61 8.90 10.89
N GLN A 489 -49.63 9.74 9.84
CA GLN A 489 -50.34 9.50 8.58
C GLN A 489 -49.92 8.17 7.97
N ALA A 490 -48.60 7.85 8.02
CA ALA A 490 -48.02 6.58 7.54
C ALA A 490 -48.62 5.41 8.31
N ILE A 491 -48.68 5.47 9.67
CA ILE A 491 -49.25 4.43 10.56
C ILE A 491 -50.65 4.12 10.12
N ASP A 492 -51.49 5.16 10.00
CA ASP A 492 -52.88 5.08 9.59
C ASP A 492 -53.02 4.43 8.22
N GLN A 493 -52.27 4.94 7.21
CA GLN A 493 -52.35 4.39 5.85
C GLN A 493 -51.88 2.96 5.73
N ALA A 494 -50.96 2.50 6.60
CA ALA A 494 -50.55 1.11 6.61
C ALA A 494 -51.80 0.36 7.09
N LYS A 495 -52.41 0.79 8.23
CA LYS A 495 -53.62 0.19 8.78
C LYS A 495 -54.63 0.00 7.69
N VAL A 496 -55.02 1.09 6.99
CA VAL A 496 -56.04 1.16 5.92
C VAL A 496 -55.82 0.05 4.88
N VAL A 497 -54.65 0.09 4.23
CA VAL A 497 -54.24 -0.81 3.15
C VAL A 497 -54.09 -2.25 3.69
N TYR A 498 -53.38 -2.35 4.81
CA TYR A 498 -53.02 -3.60 5.40
C TYR A 498 -54.22 -4.36 5.82
N TYR A 499 -55.15 -3.68 6.49
CA TYR A 499 -56.31 -4.35 7.02
C TYR A 499 -57.21 -4.80 5.90
N LEU A 500 -57.44 -3.89 4.93
CA LEU A 500 -58.20 -4.16 3.70
C LEU A 500 -57.71 -5.46 3.05
N LEU A 501 -56.38 -5.63 3.01
CA LEU A 501 -55.79 -6.81 2.40
C LEU A 501 -55.98 -8.06 3.23
N GLU A 502 -55.59 -7.98 4.55
CA GLU A 502 -55.50 -9.09 5.50
C GLU A 502 -56.61 -10.08 5.40
N ASN A 503 -57.86 -9.68 5.53
CA ASN A 503 -59.23 -10.08 5.47
C ASN A 503 -59.88 -9.43 4.22
N TYR A 504 -59.84 -10.33 3.23
CA TYR A 504 -59.95 -10.32 1.80
C TYR A 504 -60.32 -8.95 1.11
N GLY A 505 -59.26 -8.48 0.45
CA GLY A 505 -59.15 -7.38 -0.48
C GLY A 505 -57.78 -7.51 -1.12
N LEU A 506 -57.65 -7.21 -2.40
CA LEU A 506 -56.36 -7.39 -3.10
C LEU A 506 -56.21 -6.21 -4.05
N ALA A 507 -57.00 -6.35 -5.13
CA ALA A 507 -57.25 -5.45 -6.23
C ALA A 507 -57.85 -4.20 -5.63
N ALA A 508 -58.62 -4.33 -4.54
CA ALA A 508 -59.23 -3.22 -3.82
C ALA A 508 -58.16 -2.34 -3.15
N ALA A 509 -57.19 -2.97 -2.49
CA ALA A 509 -56.10 -2.24 -1.83
C ALA A 509 -55.24 -1.56 -2.85
N THR A 510 -54.88 -2.32 -3.89
CA THR A 510 -54.15 -1.89 -5.08
C THR A 510 -54.88 -0.64 -5.61
N ALA A 511 -56.18 -0.78 -5.82
CA ALA A 511 -57.05 0.26 -6.32
C ALA A 511 -56.96 1.53 -5.49
N TYR A 512 -57.02 1.44 -4.14
CA TYR A 512 -56.91 2.63 -3.29
C TYR A 512 -55.61 3.31 -3.57
N LEU A 513 -54.52 2.56 -3.58
CA LEU A 513 -53.19 3.09 -3.85
C LEU A 513 -53.10 3.83 -5.17
N GLU A 514 -53.54 3.18 -6.26
CA GLU A 514 -53.54 3.73 -7.62
C GLU A 514 -54.31 5.04 -7.66
N LYS A 515 -55.57 5.00 -7.25
CA LYS A 515 -56.44 6.16 -7.23
C LYS A 515 -55.81 7.27 -6.41
N SER A 516 -55.35 6.96 -5.18
CA SER A 516 -54.73 7.92 -4.27
C SER A 516 -53.57 8.63 -4.93
N TYR A 517 -52.71 7.86 -5.61
CA TYR A 517 -51.57 8.44 -6.30
C TYR A 517 -51.98 9.38 -7.44
N GLU A 518 -52.80 8.92 -8.38
CA GLU A 518 -53.24 9.73 -9.50
C GLU A 518 -54.02 10.96 -9.00
N GLU A 519 -55.05 10.76 -8.12
CA GLU A 519 -55.89 11.81 -7.53
C GLU A 519 -55.04 12.78 -6.64
N GLN A 520 -54.41 13.72 -7.37
CA GLN A 520 -53.44 14.76 -7.02
C GLN A 520 -52.16 14.16 -6.44
N SER A 521 -52.06 14.15 -5.12
CA SER A 521 -50.93 13.65 -4.37
C SER A 521 -51.51 13.46 -2.99
N THR A 522 -51.76 12.20 -2.62
CA THR A 522 -52.29 11.91 -1.30
C THR A 522 -51.19 11.20 -0.47
N GLY A 523 -50.78 11.92 0.55
CA GLY A 523 -49.82 11.50 1.55
C GLY A 523 -50.46 11.58 2.91
N GLN A 524 -51.80 11.41 2.91
CA GLN A 524 -52.77 11.39 3.99
C GLN A 524 -54.00 10.61 3.47
N PRO A 525 -54.64 9.73 4.30
CA PRO A 525 -55.81 8.99 3.81
C PRO A 525 -56.97 9.87 3.36
N ASN A 526 -57.54 9.56 2.19
CA ASN A 526 -58.62 10.34 1.63
C ASN A 526 -59.85 9.49 1.48
N GLU A 527 -60.92 9.82 2.22
CA GLU A 527 -62.21 9.13 2.21
C GLU A 527 -62.89 9.34 0.90
N ARG A 528 -62.88 10.60 0.41
CA ARG A 528 -63.45 10.96 -0.88
C ARG A 528 -62.93 9.94 -1.86
N ILE A 529 -61.65 9.58 -1.76
CA ILE A 529 -61.04 8.55 -2.60
C ILE A 529 -61.29 7.12 -2.06
N PHE A 530 -61.24 6.92 -0.74
CA PHE A 530 -61.39 5.64 -0.08
C PHE A 530 -62.78 5.03 -0.30
N ASN A 531 -63.83 5.83 -0.06
CA ASN A 531 -65.22 5.44 -0.18
C ASN A 531 -65.61 4.92 -1.56
N GLU A 532 -65.11 5.54 -2.65
CA GLU A 532 -65.44 5.04 -3.99
C GLU A 532 -64.90 3.65 -4.25
N VAL A 533 -63.70 3.41 -3.72
CA VAL A 533 -63.03 2.12 -3.80
C VAL A 533 -63.93 1.06 -3.12
N ILE A 534 -64.40 1.32 -1.87
CA ILE A 534 -65.25 0.34 -1.18
C ILE A 534 -66.53 0.16 -1.95
N LYS A 535 -67.14 1.22 -2.56
CA LYS A 535 -68.41 1.05 -3.32
C LYS A 535 -68.54 -0.32 -4.03
N ASP A 536 -67.47 -0.81 -4.73
CA ASP A 536 -67.48 -2.15 -5.36
C ASP A 536 -67.31 -3.18 -4.21
N LYS A 537 -68.44 -3.73 -3.69
CA LYS A 537 -68.44 -4.57 -2.48
C LYS A 537 -67.91 -6.00 -2.73
N SER A 538 -66.59 -6.09 -2.89
CA SER A 538 -65.89 -7.35 -3.08
C SER A 538 -65.52 -7.98 -1.73
N LEU A 539 -65.91 -7.35 -0.60
CA LEU A 539 -65.63 -7.80 0.74
C LEU A 539 -66.58 -8.94 1.09
N ARG A 540 -66.67 -9.94 0.24
CA ARG A 540 -67.55 -11.08 0.46
C ARG A 540 -66.88 -12.16 1.35
N PRO A 541 -65.62 -12.59 1.10
CA PRO A 541 -65.05 -13.67 1.91
C PRO A 541 -64.90 -13.35 3.38
N ASP A 542 -65.89 -13.81 4.17
CA ASP A 542 -65.98 -13.73 5.64
C ASP A 542 -65.88 -12.30 6.24
N GLY A 543 -66.95 -11.93 6.97
CA GLY A 543 -67.17 -10.66 7.66
C GLY A 543 -65.97 -9.79 7.99
N VAL A 544 -66.04 -8.52 7.57
CA VAL A 544 -65.02 -7.52 7.83
C VAL A 544 -65.65 -6.18 8.28
N GLU A 545 -64.94 -5.42 9.12
CA GLU A 545 -65.36 -4.09 9.58
C GLU A 545 -65.22 -3.08 8.41
N LEU A 546 -66.02 -2.03 8.45
CA LEU A 546 -66.00 -0.97 7.44
C LEU A 546 -66.11 0.37 8.14
N SER A 547 -65.51 1.44 7.57
CA SER A 547 -65.54 2.84 7.98
C SER A 547 -64.14 3.42 8.14
N PHE A 548 -64.07 4.68 8.64
CA PHE A 548 -62.82 5.37 8.90
C PHE A 548 -62.45 5.32 10.35
N LYS A 549 -62.81 4.22 11.04
CA LYS A 549 -62.34 4.01 12.39
C LYS A 549 -61.00 3.30 12.09
N ASP A 550 -59.86 4.07 12.13
CA ASP A 550 -58.50 3.55 11.89
C ASP A 550 -58.26 2.58 13.02
N ILE A 551 -58.65 1.35 12.72
CA ILE A 551 -58.81 0.22 13.61
C ILE A 551 -57.78 0.10 14.70
N PHE A 552 -58.33 -0.12 15.90
CA PHE A 552 -57.71 -0.27 17.20
C PHE A 552 -57.80 -1.72 17.70
N ILE A 553 -58.11 -2.63 16.76
CA ILE A 553 -58.21 -4.05 17.06
C ILE A 553 -56.84 -4.51 17.45
N SER A 554 -56.75 -5.14 18.63
CA SER A 554 -55.52 -5.68 19.20
C SER A 554 -54.79 -6.54 18.17
N GLU A 555 -55.54 -7.18 17.25
CA GLU A 555 -54.98 -8.00 16.17
C GLU A 555 -54.51 -7.14 15.02
N LYS A 556 -55.33 -6.20 14.55
CA LYS A 556 -54.98 -5.40 13.41
C LYS A 556 -54.02 -4.29 13.72
N HIS A 557 -54.37 -3.43 14.67
CA HIS A 557 -53.47 -2.33 14.97
C HIS A 557 -52.25 -2.76 15.68
N GLU A 558 -52.39 -3.55 16.72
CA GLU A 558 -51.22 -3.90 17.49
C GLU A 558 -50.37 -4.87 16.72
N LYS A 559 -50.85 -6.11 16.53
CA LYS A 559 -50.08 -7.16 15.88
C LYS A 559 -49.51 -6.72 14.53
N GLN A 560 -50.35 -6.37 13.54
CA GLN A 560 -49.84 -5.99 12.23
C GLN A 560 -48.82 -4.85 12.23
N ILE A 561 -49.17 -3.67 12.78
CA ILE A 561 -48.25 -2.53 12.78
C ILE A 561 -46.97 -2.82 13.61
N HIS A 562 -47.09 -3.39 14.81
CA HIS A 562 -45.90 -3.69 15.60
C HIS A 562 -45.05 -4.78 14.98
N LEU A 563 -45.68 -5.80 14.36
CA LEU A 563 -44.95 -6.88 13.67
C LEU A 563 -44.18 -6.29 12.50
N SER A 564 -44.82 -5.38 11.72
CA SER A 564 -44.19 -4.68 10.61
C SER A 564 -42.97 -3.91 11.07
N LYS A 565 -43.11 -3.12 12.14
CA LYS A 565 -42.05 -2.34 12.76
C LYS A 565 -40.89 -3.25 13.21
N HIS A 566 -41.23 -4.48 13.69
CA HIS A 566 -40.25 -5.49 14.12
C HIS A 566 -39.44 -6.02 12.92
N TRP A 567 -40.05 -6.08 11.73
CA TRP A 567 -39.38 -6.53 10.52
C TRP A 567 -38.43 -5.47 10.03
N VAL A 568 -38.87 -4.20 9.96
CA VAL A 568 -38.09 -3.05 9.50
C VAL A 568 -36.88 -2.83 10.43
N GLU A 569 -37.10 -2.87 11.76
CA GLU A 569 -36.05 -2.71 12.77
C GLU A 569 -35.00 -3.83 12.62
N ARG A 570 -35.47 -5.10 12.50
CA ARG A 570 -34.64 -6.30 12.39
C ARG A 570 -33.62 -6.24 11.29
N LEU A 571 -34.03 -5.71 10.13
CA LEU A 571 -33.16 -5.66 8.97
C LEU A 571 -32.71 -4.23 8.67
N ARG A 572 -32.93 -3.28 9.62
CA ARG A 572 -32.57 -1.85 9.48
C ARG A 572 -32.99 -1.39 8.07
N ALA A 573 -34.26 -1.64 7.71
CA ALA A 573 -34.81 -1.35 6.38
C ALA A 573 -35.48 0.01 6.24
N GLY A 574 -35.23 0.90 7.20
CA GLY A 574 -35.82 2.24 7.17
C GLY A 574 -34.86 3.40 7.26
N GLY A 575 -35.43 4.58 7.43
CA GLY A 575 -34.69 5.82 7.59
C GLY A 575 -34.74 6.78 6.44
N ASP A 576 -33.69 7.63 6.35
CA ASP A 576 -33.52 8.63 5.28
C ASP A 576 -33.45 7.84 3.96
N VAL A 577 -32.64 6.76 3.96
CA VAL A 577 -32.46 5.86 2.83
C VAL A 577 -32.91 4.43 3.21
N PRO A 578 -34.11 4.01 2.73
CA PRO A 578 -34.59 2.65 3.02
C PRO A 578 -33.79 1.58 2.28
N THR A 579 -33.97 0.30 2.66
CA THR A 579 -33.21 -0.81 2.09
C THR A 579 -34.12 -1.88 1.49
N VAL A 580 -33.90 -2.21 0.20
CA VAL A 580 -34.64 -3.24 -0.54
C VAL A 580 -33.88 -4.57 -0.42
N PHE A 581 -34.60 -5.71 -0.33
CA PHE A 581 -33.94 -7.01 -0.22
C PHE A 581 -34.34 -7.90 -1.35
N PHE A 582 -33.37 -8.17 -2.22
CA PHE A 582 -33.49 -9.07 -3.37
C PHE A 582 -32.69 -10.31 -3.04
N ASP A 583 -33.36 -11.46 -2.91
CA ASP A 583 -32.77 -12.75 -2.54
C ASP A 583 -31.91 -12.66 -1.26
N GLY A 584 -32.37 -11.84 -0.32
CA GLY A 584 -31.69 -11.58 0.94
C GLY A 584 -30.50 -10.65 0.78
N PHE A 585 -30.43 -9.95 -0.34
CA PHE A 585 -29.30 -9.08 -0.55
C PHE A 585 -29.74 -7.65 -0.40
N PRO A 586 -29.18 -6.90 0.58
CA PRO A 586 -29.58 -5.50 0.75
C PRO A 586 -29.12 -4.59 -0.38
N ILE A 587 -30.08 -3.86 -0.95
CA ILE A 587 -29.88 -2.87 -2.00
C ILE A 587 -30.57 -1.61 -1.52
N PRO A 588 -29.82 -0.55 -1.17
CA PRO A 588 -30.48 0.67 -0.69
C PRO A 588 -31.31 1.30 -1.79
N ARG A 589 -32.49 1.83 -1.43
CA ARG A 589 -33.39 2.46 -2.38
C ARG A 589 -32.86 3.83 -2.84
N GLU A 590 -31.93 3.80 -3.78
CA GLU A 590 -31.30 4.98 -4.34
C GLU A 590 -30.99 4.73 -5.80
N ASP A 591 -30.73 5.81 -6.56
CA ASP A 591 -30.31 5.87 -7.97
C ASP A 591 -30.19 4.51 -8.72
N ASN A 592 -31.24 4.16 -9.51
CA ASN A 592 -31.34 2.91 -10.30
C ASN A 592 -31.03 1.62 -9.53
N TRP A 593 -31.80 1.36 -8.46
CA TRP A 593 -31.58 0.14 -7.69
C TRP A 593 -32.00 -1.09 -8.46
N LEU A 594 -32.93 -0.94 -9.43
CA LEU A 594 -33.33 -2.06 -10.27
C LEU A 594 -32.15 -2.49 -11.14
N ARG A 595 -31.25 -1.54 -11.53
CA ARG A 595 -30.01 -1.85 -12.26
C ARG A 595 -29.16 -2.76 -11.37
N VAL A 596 -29.06 -2.41 -10.07
CA VAL A 596 -28.34 -3.19 -9.07
C VAL A 596 -29.01 -4.57 -8.91
N MET A 597 -30.33 -4.57 -8.82
CA MET A 597 -31.12 -5.79 -8.67
C MET A 597 -30.89 -6.74 -9.84
N ASN A 598 -30.96 -6.22 -11.08
CA ASN A 598 -30.77 -6.98 -12.32
C ASN A 598 -29.40 -7.61 -12.33
N HIS A 599 -28.39 -6.91 -11.81
CA HIS A 599 -27.04 -7.44 -11.73
C HIS A 599 -26.96 -8.65 -10.82
N ARG A 600 -27.64 -8.61 -9.67
CA ARG A 600 -27.69 -9.75 -8.76
C ARG A 600 -28.62 -10.83 -9.26
N LEU A 601 -29.67 -10.46 -10.00
CA LEU A 601 -30.64 -11.37 -10.59
C LEU A 601 -29.92 -12.31 -11.58
N MET A 602 -29.07 -11.74 -12.45
CA MET A 602 -28.28 -12.51 -13.39
C MET A 602 -27.23 -13.31 -12.68
N GLN A 603 -26.59 -12.71 -11.66
CA GLN A 603 -25.53 -13.35 -10.85
C GLN A 603 -26.05 -14.53 -10.05
N ASP A 604 -27.32 -14.48 -9.63
CA ASP A 604 -27.99 -15.54 -8.90
C ASP A 604 -28.41 -16.65 -9.81
N LEU A 605 -28.90 -16.30 -11.00
CA LEU A 605 -29.34 -17.24 -12.01
C LEU A 605 -28.15 -18.13 -12.44
N GLN A 606 -26.99 -17.50 -12.73
CA GLN A 606 -25.77 -18.19 -13.11
C GLN A 606 -25.29 -19.07 -11.96
N ALA A 607 -25.60 -18.68 -10.71
CA ALA A 607 -25.23 -19.41 -9.53
C ALA A 607 -26.07 -20.70 -9.43
N LEU A 608 -27.34 -20.65 -9.91
CA LEU A 608 -28.22 -21.80 -9.88
C LEU A 608 -27.87 -22.79 -10.98
N GLN A 609 -27.64 -22.29 -12.22
CA GLN A 609 -27.25 -23.06 -13.40
C GLN A 609 -26.07 -23.99 -13.11
N GLN A 610 -24.95 -23.45 -12.54
CA GLN A 610 -23.73 -24.21 -12.22
C GLN A 610 -24.01 -25.38 -11.32
N ALA A 611 -24.91 -25.20 -10.33
CA ALA A 611 -25.28 -26.25 -9.40
C ALA A 611 -26.09 -27.35 -10.14
N GLY A 612 -26.90 -26.92 -11.10
CA GLY A 612 -27.73 -27.81 -11.91
C GLY A 612 -26.95 -28.74 -12.82
N TYR A 613 -25.93 -28.19 -13.50
CA TYR A 613 -25.06 -28.94 -14.41
C TYR A 613 -24.16 -29.94 -13.65
N PHE A 614 -23.97 -29.72 -12.35
CA PHE A 614 -23.21 -30.64 -11.50
C PHE A 614 -24.16 -31.56 -10.76
N GLY A 615 -25.46 -31.41 -11.04
CA GLY A 615 -26.54 -32.19 -10.48
C GLY A 615 -26.79 -32.01 -9.00
N MET A 616 -26.36 -30.86 -8.43
CA MET A 616 -26.52 -30.53 -7.00
C MET A 616 -28.01 -30.34 -6.68
N LEU A 617 -28.76 -29.82 -7.66
CA LEU A 617 -30.18 -29.53 -7.55
C LEU A 617 -31.08 -30.71 -7.87
N ASN A 618 -32.31 -30.70 -7.31
CA ASN A 618 -33.32 -31.73 -7.54
C ASN A 618 -34.71 -31.11 -7.59
N GLU A 619 -35.68 -31.85 -8.17
CA GLU A 619 -37.05 -31.41 -8.43
C GLU A 619 -37.91 -31.08 -7.19
N SER A 620 -37.68 -31.75 -6.07
CA SER A 620 -38.43 -31.46 -4.85
C SER A 620 -37.50 -30.64 -3.95
N MET A 621 -37.49 -29.31 -4.16
CA MET A 621 -36.61 -28.39 -3.45
C MET A 621 -37.18 -27.01 -3.35
N TRP A 622 -36.90 -26.32 -2.23
CA TRP A 622 -37.27 -24.92 -2.17
C TRP A 622 -36.05 -24.19 -2.65
N LEU A 623 -36.15 -23.62 -3.86
CA LEU A 623 -35.05 -22.93 -4.51
C LEU A 623 -34.60 -21.62 -3.80
N PRO A 624 -35.50 -20.76 -3.26
CA PRO A 624 -35.00 -19.56 -2.56
C PRO A 624 -34.11 -19.84 -1.36
N GLY A 625 -34.22 -21.05 -0.79
CA GLY A 625 -33.46 -21.51 0.38
C GLY A 625 -32.05 -21.96 0.07
N PHE A 626 -31.64 -21.89 -1.20
CA PHE A 626 -30.30 -22.20 -1.65
C PHE A 626 -29.41 -21.01 -1.21
N PHE A 627 -30.05 -19.83 -1.19
CA PHE A 627 -29.48 -18.53 -0.82
C PHE A 627 -29.56 -18.28 0.68
N LEU A 628 -30.61 -18.80 1.33
CA LEU A 628 -30.93 -18.65 2.74
C LEU A 628 -30.19 -19.62 3.66
N GLU A 629 -29.36 -20.51 3.07
CA GLU A 629 -28.56 -21.50 3.79
C GLU A 629 -27.68 -20.82 4.84
N LYS A 630 -26.96 -19.75 4.47
CA LYS A 630 -26.07 -19.04 5.38
C LYS A 630 -26.62 -17.66 5.83
N ALA A 631 -27.87 -17.30 5.45
CA ALA A 631 -28.47 -16.01 5.82
C ALA A 631 -28.70 -15.86 7.30
N LEU A 632 -28.48 -14.65 7.82
CA LEU A 632 -28.67 -14.29 9.22
C LEU A 632 -30.00 -13.64 9.43
N SER A 633 -30.61 -13.90 10.58
CA SER A 633 -31.91 -13.31 10.90
C SER A 633 -31.82 -11.77 11.09
N ARG A 634 -30.78 -11.29 11.80
CA ARG A 634 -30.65 -9.86 12.09
C ARG A 634 -29.54 -9.17 11.31
N ARG A 635 -29.78 -7.91 10.91
CA ARG A 635 -28.83 -7.11 10.14
C ARG A 635 -28.32 -5.84 10.84
N ASN A 636 -26.99 -5.75 10.96
CA ASN A 636 -26.30 -4.63 11.56
C ASN A 636 -25.23 -4.11 10.59
N THR A 637 -25.20 -2.79 10.37
CA THR A 637 -24.24 -2.14 9.45
C THR A 637 -22.84 -2.09 10.08
N LEU A 638 -22.77 -2.18 11.40
CA LEU A 638 -21.48 -2.21 12.09
C LEU A 638 -20.83 -3.55 11.93
N ILE A 639 -21.57 -4.66 12.17
CA ILE A 639 -21.04 -6.02 12.04
C ILE A 639 -20.77 -6.34 10.59
N PHE A 640 -21.71 -5.93 9.72
CA PHE A 640 -21.68 -6.21 8.31
C PHE A 640 -21.60 -4.91 7.58
N PRO A 641 -20.40 -4.28 7.59
CA PRO A 641 -20.25 -3.02 6.86
C PRO A 641 -20.23 -3.34 5.37
N GLU A 642 -20.65 -2.40 4.53
CA GLU A 642 -20.66 -2.67 3.09
C GLU A 642 -19.26 -2.68 2.50
N ASP A 643 -18.33 -1.97 3.16
CA ASP A 643 -16.94 -2.03 2.76
C ASP A 643 -16.48 -3.22 3.56
N LYS A 644 -16.25 -4.31 2.87
CA LYS A 644 -15.85 -5.59 3.45
C LYS A 644 -14.53 -5.57 4.17
N ASN A 645 -13.65 -4.67 3.78
CA ASN A 645 -12.31 -4.55 4.33
C ASN A 645 -12.27 -3.96 5.72
N GLU A 646 -13.23 -3.07 6.01
CA GLU A 646 -13.41 -2.36 7.26
C GLU A 646 -13.45 -3.36 8.36
N LEU A 647 -12.32 -3.56 9.01
CA LEU A 647 -12.17 -4.51 10.10
C LEU A 647 -11.01 -4.13 10.95
N THR A 648 -11.22 -4.16 12.27
CA THR A 648 -10.19 -3.87 13.25
C THR A 648 -10.21 -4.93 14.31
N VAL A 649 -9.06 -5.52 14.58
CA VAL A 649 -8.90 -6.59 15.58
C VAL A 649 -7.70 -6.20 16.41
N LEU A 650 -7.76 -6.44 17.71
CA LEU A 650 -6.65 -6.12 18.60
C LEU A 650 -6.08 -7.38 19.14
N ASN A 651 -4.80 -7.40 19.47
CA ASN A 651 -4.25 -8.61 20.09
C ASN A 651 -4.74 -8.59 21.55
N VAL A 652 -5.51 -9.63 21.93
CA VAL A 652 -6.09 -9.76 23.26
C VAL A 652 -5.01 -9.96 24.31
N ASN A 653 -4.02 -10.83 24.02
CA ASN A 653 -2.94 -11.07 24.97
C ASN A 653 -2.26 -9.77 25.31
N LYS A 654 -1.99 -8.95 24.29
CA LYS A 654 -1.41 -7.63 24.42
C LYS A 654 -2.25 -6.76 25.36
N ILE A 655 -3.58 -6.70 25.15
CA ILE A 655 -4.52 -5.92 25.97
C ILE A 655 -4.40 -6.23 27.45
N TYR A 656 -4.22 -7.51 27.82
CA TYR A 656 -4.13 -7.93 29.21
C TYR A 656 -2.68 -7.99 29.74
N ILE A 657 -1.69 -7.68 28.87
CA ILE A 657 -0.28 -7.64 29.22
C ILE A 657 0.14 -6.18 29.48
N GLU A 658 -0.13 -5.28 28.51
CA GLU A 658 0.23 -3.86 28.57
C GLU A 658 -0.55 -3.13 29.67
N ASN A 659 -1.84 -3.45 29.81
CA ASN A 659 -2.72 -2.78 30.74
C ASN A 659 -3.18 -3.64 31.91
N HIS A 660 -2.28 -4.52 32.40
CA HIS A 660 -2.56 -5.42 33.54
C HIS A 660 -3.07 -4.63 34.73
N ASP A 661 -2.50 -3.44 34.95
CA ASP A 661 -2.89 -2.53 36.03
C ASP A 661 -4.38 -2.17 35.90
N LEU A 662 -4.82 -1.86 34.66
CA LEU A 662 -6.21 -1.51 34.37
C LEU A 662 -7.17 -2.72 34.39
N MET A 663 -6.86 -3.76 33.60
CA MET A 663 -7.71 -4.93 33.38
C MET A 663 -7.83 -5.91 34.56
N SER A 664 -7.02 -5.74 35.61
CA SER A 664 -7.13 -6.58 36.80
C SER A 664 -8.05 -5.89 37.82
N LYS A 665 -8.50 -4.65 37.49
CA LYS A 665 -9.34 -3.83 38.35
C LYS A 665 -10.64 -3.34 37.67
N VAL A 666 -10.98 -3.85 36.46
CA VAL A 666 -12.23 -3.51 35.74
C VAL A 666 -13.36 -4.43 36.21
N PRO A 667 -14.67 -4.02 36.23
CA PRO A 667 -15.71 -4.97 36.65
C PRO A 667 -15.77 -6.10 35.65
N VAL A 668 -15.62 -7.35 36.13
CA VAL A 668 -15.58 -8.52 35.26
C VAL A 668 -16.66 -9.51 35.66
N ILE A 669 -17.44 -9.99 34.68
CA ILE A 669 -18.37 -11.07 34.92
C ILE A 669 -17.71 -12.25 34.30
N GLU A 670 -17.21 -13.17 35.13
CA GLU A 670 -16.58 -14.39 34.64
C GLU A 670 -17.65 -15.20 33.96
N ALA A 671 -17.28 -15.88 32.89
CA ALA A 671 -18.20 -16.76 32.22
C ALA A 671 -18.32 -18.00 33.07
N SER A 672 -19.52 -18.60 33.11
CA SER A 672 -19.89 -19.73 33.95
C SER A 672 -18.86 -20.84 34.06
N LYS A 673 -18.81 -21.43 35.24
CA LYS A 673 -17.93 -22.51 35.62
C LYS A 673 -18.20 -23.75 34.81
N GLU A 674 -19.47 -23.97 34.49
CA GLU A 674 -19.91 -25.19 33.83
C GLU A 674 -20.61 -24.88 32.54
N SER A 675 -19.78 -24.56 31.57
CA SER A 675 -20.14 -24.24 30.20
C SER A 675 -19.06 -24.83 29.31
N THR A 676 -19.38 -25.04 28.04
CA THR A 676 -18.47 -25.73 27.16
C THR A 676 -17.64 -24.82 26.27
N ARG A 677 -16.47 -25.34 25.88
CA ARG A 677 -15.47 -24.75 25.01
C ARG A 677 -16.14 -24.11 23.81
N ASP A 678 -17.13 -24.79 23.21
CA ASP A 678 -17.86 -24.25 22.07
C ASP A 678 -18.65 -23.01 22.47
N ASP A 679 -19.22 -22.99 23.67
CA ASP A 679 -19.96 -21.84 24.19
C ASP A 679 -19.07 -20.64 24.52
N TRP A 680 -17.81 -20.88 24.94
CA TRP A 680 -16.86 -19.83 25.33
C TRP A 680 -16.64 -18.71 24.32
N ALA A 681 -16.60 -17.48 24.85
CA ALA A 681 -16.38 -16.22 24.14
C ALA A 681 -16.06 -15.13 25.16
N ALA A 682 -15.26 -14.14 24.76
CA ALA A 682 -14.86 -13.05 25.64
C ALA A 682 -15.33 -11.72 25.08
N LEU A 683 -16.10 -10.95 25.86
CA LEU A 683 -16.62 -9.65 25.48
C LEU A 683 -16.14 -8.55 26.40
N THR A 684 -15.80 -7.40 25.83
CA THR A 684 -15.33 -6.21 26.54
C THR A 684 -16.12 -5.02 25.99
N VAL A 685 -16.72 -4.23 26.87
CA VAL A 685 -17.50 -3.06 26.46
C VAL A 685 -16.78 -1.82 26.94
N VAL A 686 -16.56 -0.88 26.02
CA VAL A 686 -15.91 0.40 26.32
C VAL A 686 -17.01 1.45 26.18
N ALA A 687 -17.34 2.17 27.26
CA ALA A 687 -18.42 3.15 27.19
C ALA A 687 -18.31 4.33 28.15
N ASP A 688 -18.90 5.47 27.74
CA ASP A 688 -18.95 6.69 28.54
C ASP A 688 -20.17 6.56 29.44
N LEU A 689 -19.94 6.21 30.70
CA LEU A 689 -21.03 6.05 31.66
C LEU A 689 -21.57 7.38 32.17
N ASP A 690 -21.02 8.51 31.67
CA ASP A 690 -21.49 9.86 31.98
C ASP A 690 -22.50 10.31 30.91
N ASP A 691 -22.87 9.38 30.00
CA ASP A 691 -23.87 9.59 28.94
C ASP A 691 -24.90 8.48 28.93
N ILE A 692 -26.15 8.80 28.54
CA ILE A 692 -27.27 7.85 28.46
C ILE A 692 -26.95 6.69 27.53
N GLU A 693 -26.38 6.98 26.32
CA GLU A 693 -26.00 6.00 25.30
C GLU A 693 -24.95 5.05 25.82
N GLY A 694 -23.98 5.57 26.58
CA GLY A 694 -22.92 4.79 27.18
C GLY A 694 -23.42 3.77 28.18
N GLN A 695 -24.38 4.18 29.04
CA GLN A 695 -24.95 3.31 30.07
C GLN A 695 -26.08 2.44 29.53
N GLU A 696 -26.75 2.87 28.45
CA GLU A 696 -27.82 2.09 27.78
C GLU A 696 -27.15 0.87 27.16
N LEU A 697 -26.04 1.09 26.42
CA LEU A 697 -25.23 0.06 25.77
C LEU A 697 -24.78 -1.03 26.73
N VAL A 698 -24.33 -0.64 27.94
CA VAL A 698 -23.87 -1.57 28.98
C VAL A 698 -25.06 -2.38 29.49
N TYR A 699 -26.24 -1.76 29.67
CA TYR A 699 -27.43 -2.49 30.14
C TYR A 699 -27.74 -3.65 29.20
N TYR A 700 -27.67 -3.42 27.88
CA TYR A 700 -27.88 -4.42 26.84
C TYR A 700 -26.85 -5.53 26.89
N ALA A 701 -25.59 -5.18 27.16
CA ALA A 701 -24.49 -6.13 27.23
C ALA A 701 -24.69 -7.05 28.42
N LEU A 702 -25.18 -6.47 29.54
CA LEU A 702 -25.47 -7.17 30.79
C LEU A 702 -26.62 -8.13 30.58
N ARG A 703 -27.67 -7.67 29.86
CA ARG A 703 -28.88 -8.44 29.52
C ARG A 703 -28.48 -9.65 28.73
N PHE A 704 -27.64 -9.42 27.70
CA PHE A 704 -27.09 -10.43 26.82
C PHE A 704 -26.28 -11.47 27.59
N ARG A 705 -25.55 -11.05 28.63
CA ARG A 705 -24.77 -11.95 29.48
C ARG A 705 -25.66 -12.92 30.28
N LYS A 706 -26.81 -12.45 30.81
CA LYS A 706 -27.74 -13.29 31.57
C LYS A 706 -28.15 -14.51 30.74
N SER A 707 -28.47 -14.26 29.45
CA SER A 707 -28.90 -15.26 28.49
C SER A 707 -27.79 -16.22 28.06
N ASN A 708 -26.59 -15.69 27.82
CA ASN A 708 -25.46 -16.49 27.36
C ASN A 708 -24.44 -16.71 28.47
N ASP A 709 -24.55 -17.89 29.13
CA ASP A 709 -23.71 -18.36 30.25
C ASP A 709 -22.21 -18.50 29.91
N GLY A 710 -21.90 -18.67 28.61
CA GLY A 710 -20.54 -18.89 28.11
C GLY A 710 -19.65 -17.68 28.02
N VAL A 711 -20.25 -16.48 27.86
CA VAL A 711 -19.55 -15.20 27.71
C VAL A 711 -18.91 -14.72 28.99
N ARG A 712 -17.75 -14.09 28.87
CA ARG A 712 -17.00 -13.47 29.97
C ARG A 712 -16.99 -11.97 29.64
N LEU A 713 -17.69 -11.16 30.46
CA LEU A 713 -17.84 -9.71 30.24
C LEU A 713 -16.88 -8.83 31.04
N ASP A 714 -16.44 -7.73 30.42
CA ASP A 714 -15.57 -6.69 30.99
C ASP A 714 -16.20 -5.35 30.71
N ILE A 715 -16.12 -4.42 31.65
CA ILE A 715 -16.66 -3.08 31.42
C ILE A 715 -15.54 -2.05 31.64
N VAL A 716 -15.31 -1.25 30.62
CA VAL A 716 -14.31 -0.20 30.65
C VAL A 716 -15.06 1.11 30.57
N HIS A 717 -14.96 1.90 31.62
CA HIS A 717 -15.61 3.18 31.64
C HIS A 717 -14.70 4.22 31.00
N ASN A 718 -15.10 4.70 29.82
CA ASN A 718 -14.34 5.69 29.05
C ASN A 718 -15.09 7.02 29.00
N PRO A 719 -14.79 7.96 29.92
CA PRO A 719 -15.50 9.24 29.93
C PRO A 719 -14.88 10.34 29.08
N LYS A 720 -15.75 11.18 28.47
CA LYS A 720 -15.36 12.32 27.64
C LYS A 720 -14.64 13.38 28.47
N ASP A 721 -15.20 13.71 29.65
CA ASP A 721 -14.65 14.68 30.58
C ASP A 721 -13.83 13.95 31.65
N THR A 722 -12.53 14.24 31.72
CA THR A 722 -11.62 13.62 32.67
C THR A 722 -11.28 14.59 33.83
N SER A 723 -12.21 15.50 34.17
CA SER A 723 -12.05 16.43 35.30
C SER A 723 -12.16 15.58 36.56
N ARG A 724 -13.14 14.66 36.58
CA ARG A 724 -13.38 13.70 37.64
C ARG A 724 -12.71 12.41 37.22
N SER A 725 -11.97 11.78 38.15
CA SER A 725 -11.20 10.56 37.90
C SER A 725 -12.05 9.40 37.40
N PRO A 726 -11.59 8.73 36.32
CA PRO A 726 -12.34 7.57 35.82
C PRO A 726 -12.35 6.38 36.78
N SER A 727 -11.33 6.27 37.65
CA SER A 727 -11.19 5.18 38.63
C SER A 727 -12.36 5.05 39.59
N VAL A 728 -12.99 6.19 39.97
CA VAL A 728 -14.10 6.21 40.93
C VAL A 728 -15.29 5.38 40.45
N LEU A 729 -15.84 5.65 39.23
CA LEU A 729 -17.00 4.93 38.68
C LEU A 729 -16.71 3.46 38.44
N ALA A 730 -15.46 3.11 38.13
CA ALA A 730 -15.02 1.72 37.95
C ALA A 730 -15.02 1.03 39.32
N GLN A 731 -14.50 1.73 40.35
CA GLN A 731 -14.45 1.25 41.73
C GLN A 731 -15.86 1.06 42.30
N ARG A 732 -16.83 1.89 41.86
CA ARG A 732 -18.23 1.83 42.29
C ARG A 732 -18.86 0.53 41.86
N LEU A 733 -18.53 0.08 40.64
CA LEU A 733 -19.08 -1.12 40.04
C LEU A 733 -18.45 -2.41 40.48
N LYS A 734 -17.13 -2.44 40.65
CA LYS A 734 -16.43 -3.65 41.07
C LYS A 734 -16.85 -4.11 42.46
N SER A 735 -17.31 -3.16 43.29
CA SER A 735 -17.81 -3.46 44.61
C SER A 735 -19.19 -4.12 44.47
N ARG A 736 -19.96 -3.66 43.47
CA ARG A 736 -21.30 -4.12 43.19
C ARG A 736 -21.30 -5.29 42.22
N GLU A 737 -20.11 -5.74 41.80
CA GLU A 737 -19.84 -6.80 40.83
C GLU A 737 -20.68 -8.06 41.05
N ASP A 738 -20.82 -8.50 42.31
CA ASP A 738 -21.62 -9.67 42.66
C ASP A 738 -23.10 -9.41 42.39
N LYS A 739 -23.51 -8.21 42.75
CA LYS A 739 -24.89 -7.78 42.69
C LYS A 739 -25.31 -7.20 41.37
N LEU A 740 -24.40 -7.07 40.38
CA LEU A 740 -24.89 -6.41 39.17
C LEU A 740 -25.74 -7.29 38.24
N LEU A 741 -25.28 -8.50 37.91
CA LEU A 741 -25.95 -9.44 37.02
C LEU A 741 -27.28 -9.97 37.61
N ASP A 742 -27.50 -9.85 38.92
CA ASP A 742 -28.68 -10.35 39.62
C ASP A 742 -29.88 -9.38 39.57
N PHE A 743 -29.96 -8.49 38.54
CA PHE A 743 -31.09 -7.53 38.51
C PHE A 743 -31.99 -7.55 37.25
N THR A 744 -33.13 -6.78 37.28
CA THR A 744 -34.22 -6.66 36.31
C THR A 744 -34.40 -5.27 35.70
N ARG A 745 -34.20 -4.20 36.50
CA ARG A 745 -34.42 -2.84 36.04
C ARG A 745 -33.14 -2.00 35.88
N PHE A 746 -33.20 -1.12 34.86
CA PHE A 746 -32.16 -0.20 34.40
C PHE A 746 -31.68 0.73 35.51
N LEU A 747 -32.61 1.31 36.31
CA LEU A 747 -32.26 2.26 37.37
C LEU A 747 -31.35 1.68 38.42
N ASP A 748 -31.38 0.34 38.62
CA ASP A 748 -30.48 -0.28 39.57
C ASP A 748 -29.03 -0.08 39.19
N LEU A 749 -28.75 -0.05 37.87
CA LEU A 749 -27.43 0.20 37.31
C LEU A 749 -27.10 1.70 37.47
N GLU A 750 -28.07 2.58 37.17
CA GLU A 750 -27.95 4.04 37.29
C GLU A 750 -27.61 4.45 38.73
N THR A 751 -28.35 3.89 39.70
CA THR A 751 -28.20 4.14 41.13
C THR A 751 -26.86 3.64 41.65
N ALA A 752 -26.42 2.44 41.20
CA ALA A 752 -25.16 1.84 41.60
C ALA A 752 -23.98 2.74 41.23
N LEU A 753 -24.10 3.51 40.12
CA LEU A 753 -23.10 4.46 39.65
C LEU A 753 -22.92 5.63 40.63
N GLU A 754 -24.01 6.10 41.23
CA GLU A 754 -24.05 7.25 42.15
C GLU A 754 -23.51 6.99 43.56
N THR A 755 -23.85 5.83 44.14
CA THR A 755 -23.59 5.46 45.53
C THR A 755 -22.21 4.84 45.81
N GLY A 756 -21.63 5.24 46.95
CA GLY A 756 -20.33 4.78 47.42
C GLY A 756 -19.30 5.88 47.44
N GLU A 757 -18.37 5.82 48.40
CA GLU A 757 -17.29 6.82 48.51
C GLU A 757 -15.96 6.18 48.16
N PHE A 758 -15.29 6.73 47.13
CA PHE A 758 -14.03 6.13 46.69
C PHE A 758 -12.88 7.09 46.50
N GLU A 759 -11.70 6.50 46.67
CA GLU A 759 -10.35 7.00 46.62
C GLU A 759 -9.83 6.81 45.19
N PRO A 760 -9.60 7.89 44.41
CA PRO A 760 -9.14 7.68 43.03
C PRO A 760 -7.78 7.04 42.90
N ASP A 761 -7.72 5.84 42.29
CA ASP A 761 -6.45 5.19 42.04
C ASP A 761 -5.95 5.83 40.76
N VAL A 762 -5.04 6.78 40.93
CA VAL A 762 -4.45 7.52 39.81
C VAL A 762 -3.55 6.59 38.96
N ALA A 763 -3.11 5.44 39.51
CA ALA A 763 -2.34 4.45 38.75
C ALA A 763 -3.28 3.80 37.73
N TYR A 764 -4.56 3.55 38.10
CA TYR A 764 -5.58 3.01 37.19
C TYR A 764 -5.81 3.98 36.02
N ASP A 765 -6.00 5.28 36.35
CA ASP A 765 -6.25 6.37 35.39
C ASP A 765 -5.19 6.44 34.30
N ALA A 766 -3.91 6.25 34.69
CA ALA A 766 -2.76 6.27 33.78
C ALA A 766 -2.83 5.12 32.78
N SER A 767 -3.05 3.88 33.27
CA SER A 767 -3.17 2.69 32.43
C SER A 767 -4.41 2.77 31.53
N LEU A 768 -5.46 3.47 32.00
CA LEU A 768 -6.70 3.67 31.24
C LEU A 768 -6.42 4.47 29.97
N ALA A 769 -5.82 5.67 30.12
CA ALA A 769 -5.50 6.56 28.98
C ALA A 769 -4.42 5.98 28.04
N ASN A 770 -3.60 5.02 28.53
CA ASN A 770 -2.58 4.34 27.71
C ASN A 770 -3.28 3.32 26.80
N PHE A 771 -4.27 2.60 27.37
CA PHE A 771 -5.08 1.61 26.67
C PHE A 771 -5.76 2.20 25.44
N LEU A 772 -6.46 3.33 25.63
CA LEU A 772 -7.19 4.02 24.57
C LEU A 772 -6.24 4.51 23.49
N ALA A 773 -5.06 4.99 23.90
CA ALA A 773 -4.02 5.49 22.98
C ALA A 773 -3.47 4.33 22.15
N SER A 774 -3.17 3.19 22.80
CA SER A 774 -2.65 2.02 22.11
C SER A 774 -3.68 1.49 21.14
N SER A 775 -4.94 1.41 21.59
CA SER A 775 -6.07 0.99 20.78
C SER A 775 -6.48 2.27 20.03
N ASN A 776 -7.19 2.24 18.94
CA ASN A 776 -7.47 3.50 18.21
C ASN A 776 -8.70 4.22 18.83
N MET A 777 -8.69 4.59 20.16
CA MET A 777 -9.91 5.11 20.79
C MET A 777 -9.85 6.50 21.38
N LYS A 778 -10.89 7.30 21.07
CA LYS A 778 -11.08 8.67 21.55
C LYS A 778 -11.80 8.61 22.89
N ALA A 779 -11.81 9.74 23.63
CA ALA A 779 -12.48 9.86 24.92
C ALA A 779 -13.95 10.13 24.70
N GLY A 780 -14.78 9.52 25.53
CA GLY A 780 -16.24 9.61 25.46
C GLY A 780 -16.86 8.89 24.28
N ASP A 781 -16.12 7.93 23.68
CA ASP A 781 -16.57 7.12 22.54
C ASP A 781 -16.85 5.69 22.97
N ASN A 782 -17.99 5.15 22.51
CA ASN A 782 -18.46 3.81 22.85
C ASN A 782 -17.99 2.76 21.86
N PHE A 783 -17.47 1.64 22.35
CA PHE A 783 -16.95 0.53 21.53
C PHE A 783 -17.31 -0.79 22.13
N VAL A 784 -17.36 -1.83 21.29
CA VAL A 784 -17.68 -3.20 21.69
C VAL A 784 -16.60 -4.14 21.14
N ILE A 785 -16.04 -5.00 22.01
CA ILE A 785 -14.96 -5.92 21.66
C ILE A 785 -15.29 -7.36 22.01
N LEU A 786 -15.54 -8.18 20.98
CA LEU A 786 -15.76 -9.60 21.20
C LEU A 786 -14.61 -10.31 20.54
N ASN A 787 -13.82 -11.05 21.35
CA ASN A 787 -12.67 -11.83 20.92
C ASN A 787 -11.69 -11.04 20.07
N GLY A 788 -11.38 -9.83 20.53
CA GLY A 788 -10.46 -8.93 19.87
C GLY A 788 -11.02 -8.00 18.81
N ARG A 789 -12.18 -8.34 18.23
CA ARG A 789 -12.77 -7.52 17.17
C ARG A 789 -13.50 -6.32 17.72
N VAL A 790 -13.11 -5.12 17.25
CA VAL A 790 -13.70 -3.87 17.68
C VAL A 790 -14.76 -3.36 16.69
N LEU A 791 -15.91 -2.93 17.24
CA LEU A 791 -16.97 -2.28 16.47
C LEU A 791 -17.21 -0.96 17.15
N GLY A 792 -17.24 0.10 16.35
CA GLY A 792 -17.49 1.44 16.86
C GLY A 792 -16.83 2.55 16.09
N PRO A 793 -16.94 3.81 16.55
CA PRO A 793 -17.63 4.28 17.75
C PRO A 793 -19.14 4.19 17.63
N ILE A 794 -19.82 3.84 18.76
CA ILE A 794 -21.28 3.74 18.84
C ILE A 794 -21.82 5.13 19.18
N THR A 795 -22.43 5.76 18.18
CA THR A 795 -22.99 7.10 18.30
C THR A 795 -24.30 7.03 19.10
N SER A 796 -25.14 6.05 18.79
CA SER A 796 -26.42 5.84 19.44
C SER A 796 -26.53 4.38 19.86
N ALA A 797 -26.89 4.15 21.13
CA ALA A 797 -27.03 2.81 21.72
C ALA A 797 -28.17 1.98 21.13
N ASP A 798 -29.05 2.61 20.33
CA ASP A 798 -30.14 1.94 19.65
C ASP A 798 -29.56 1.13 18.49
N ASP A 799 -28.35 1.50 18.01
CA ASP A 799 -27.59 0.79 16.97
C ASP A 799 -27.14 -0.58 17.47
N PHE A 800 -26.71 -0.67 18.75
CA PHE A 800 -26.28 -1.93 19.31
C PHE A 800 -27.18 -2.36 20.45
N LYS A 801 -28.15 -3.24 20.16
CA LYS A 801 -29.10 -3.77 21.14
C LYS A 801 -28.73 -5.20 21.54
N LYS A 802 -29.43 -5.78 22.53
CA LYS A 802 -29.23 -7.15 23.03
C LYS A 802 -29.23 -8.16 21.88
N GLU A 803 -30.17 -7.99 20.95
CA GLU A 803 -30.33 -8.80 19.76
C GLU A 803 -29.12 -8.62 18.79
N ASP A 804 -28.45 -7.45 18.84
CA ASP A 804 -27.27 -7.14 18.03
C ASP A 804 -26.02 -7.80 18.56
N PHE A 805 -25.94 -8.01 19.87
CA PHE A 805 -24.84 -8.72 20.50
C PHE A 805 -24.94 -10.19 20.13
N GLU A 806 -26.20 -10.74 20.11
CA GLU A 806 -26.48 -12.14 19.79
C GLU A 806 -26.03 -12.52 18.39
N VAL A 807 -26.28 -11.65 17.38
CA VAL A 807 -25.85 -11.89 16.00
C VAL A 807 -24.38 -11.69 15.91
N PHE A 808 -23.86 -10.65 16.58
CA PHE A 808 -22.42 -10.36 16.60
C PHE A 808 -21.64 -11.55 17.09
N LEU A 809 -22.15 -12.24 18.12
CA LEU A 809 -21.53 -13.43 18.64
C LEU A 809 -21.75 -14.58 17.67
N GLN A 810 -22.93 -14.67 17.08
CA GLN A 810 -23.27 -15.75 16.14
C GLN A 810 -22.38 -15.73 14.91
N ALA A 811 -22.17 -14.54 14.32
CA ALA A 811 -21.36 -14.30 13.13
C ALA A 811 -19.90 -14.51 13.42
N GLU A 812 -19.41 -13.82 14.45
CA GLU A 812 -18.03 -13.85 14.91
C GLU A 812 -17.65 -15.26 15.25
N ARG A 813 -18.56 -15.97 15.92
CA ARG A 813 -18.41 -17.34 16.33
C ARG A 813 -18.08 -18.16 15.13
N ARG A 814 -18.96 -18.13 14.13
CA ARG A 814 -18.85 -18.85 12.88
C ARG A 814 -17.45 -18.71 12.29
N THR A 815 -17.12 -17.51 11.81
CA THR A 815 -15.86 -17.19 11.17
C THR A 815 -14.62 -17.41 12.02
N ARG A 816 -14.52 -16.68 13.12
CA ARG A 816 -13.24 -16.73 13.78
C ARG A 816 -13.17 -17.77 14.81
N ILE A 817 -14.19 -17.94 15.58
CA ILE A 817 -14.01 -18.94 16.60
C ILE A 817 -14.13 -20.36 16.08
N LEU A 818 -15.09 -20.67 15.21
CA LEU A 818 -15.16 -22.06 14.88
C LEU A 818 -13.99 -22.53 14.02
N PRO A 819 -13.47 -21.78 13.04
CA PRO A 819 -12.29 -22.24 12.34
C PRO A 819 -11.09 -22.39 13.27
N VAL A 820 -10.94 -21.56 14.31
CA VAL A 820 -9.81 -21.77 15.21
C VAL A 820 -10.00 -23.07 15.95
N TYR A 821 -11.21 -23.29 16.55
CA TYR A 821 -11.46 -24.48 17.33
C TYR A 821 -11.15 -25.75 16.57
N LYS A 822 -11.67 -25.92 15.34
CA LYS A 822 -11.48 -27.12 14.51
C LYS A 822 -10.01 -27.37 14.28
N ALA A 823 -9.38 -26.43 13.56
CA ALA A 823 -7.96 -26.41 13.20
C ALA A 823 -7.10 -26.78 14.39
N LEU A 824 -7.27 -26.05 15.50
CA LEU A 824 -6.57 -26.23 16.77
C LEU A 824 -6.69 -27.70 17.26
N GLU A 825 -7.91 -28.24 17.27
CA GLU A 825 -8.20 -29.62 17.67
C GLU A 825 -7.56 -30.65 16.71
N ASP A 826 -7.55 -30.36 15.40
CA ASP A 826 -6.95 -31.22 14.37
C ASP A 826 -5.45 -31.46 14.63
N LEU A 827 -4.78 -30.44 15.18
CA LEU A 827 -3.38 -30.46 15.56
C LEU A 827 -3.22 -31.04 16.97
N GLY A 828 -4.33 -31.10 17.72
CA GLY A 828 -4.33 -31.59 19.08
C GLY A 828 -3.71 -30.62 20.06
N LEU A 829 -4.02 -29.34 19.90
CA LEU A 829 -3.52 -28.28 20.76
C LEU A 829 -4.67 -27.79 21.65
N ASP A 830 -5.84 -28.47 21.56
CA ASP A 830 -7.07 -28.14 22.27
C ASP A 830 -7.00 -28.34 23.79
N ASP A 831 -5.80 -28.65 24.32
CA ASP A 831 -5.56 -28.77 25.75
C ASP A 831 -5.20 -27.37 26.28
N LYS A 832 -4.65 -26.52 25.37
CA LYS A 832 -4.16 -25.15 25.63
C LYS A 832 -5.26 -24.11 25.85
N VAL A 833 -6.51 -24.47 25.59
CA VAL A 833 -7.64 -23.59 25.83
C VAL A 833 -8.22 -23.86 27.23
N SER A 834 -7.98 -22.94 28.18
CA SER A 834 -8.35 -23.10 29.58
C SER A 834 -9.53 -22.23 30.05
N GLY A 835 -10.04 -21.41 29.14
CA GLY A 835 -11.14 -20.51 29.46
C GLY A 835 -11.47 -19.51 28.37
N PRO A 836 -12.47 -18.62 28.62
CA PRO A 836 -12.87 -17.66 27.58
C PRO A 836 -11.78 -16.70 27.19
N LEU A 837 -11.01 -16.24 28.18
CA LEU A 837 -9.91 -15.31 27.92
C LEU A 837 -8.75 -16.04 27.25
N SER A 838 -8.52 -17.31 27.65
CA SER A 838 -7.47 -18.18 27.10
C SER A 838 -7.71 -18.40 25.61
N ALA A 839 -8.98 -18.66 25.21
CA ALA A 839 -9.44 -18.91 23.83
C ALA A 839 -9.25 -17.71 22.95
N ALA A 840 -9.69 -16.53 23.43
CA ALA A 840 -9.63 -15.25 22.75
C ALA A 840 -8.24 -14.88 22.29
N LYS A 841 -7.21 -15.26 23.08
CA LYS A 841 -5.81 -14.99 22.74
C LYS A 841 -5.48 -15.64 21.37
N LEU A 842 -5.86 -16.93 21.18
CA LEU A 842 -5.63 -17.67 19.96
C LEU A 842 -6.47 -17.17 18.81
N THR A 843 -7.81 -17.10 18.97
CA THR A 843 -8.71 -16.61 17.92
C THR A 843 -8.36 -15.20 17.43
N SER A 844 -8.00 -14.33 18.38
CA SER A 844 -7.61 -12.95 18.10
C SER A 844 -6.33 -12.87 17.32
N VAL A 845 -5.35 -13.72 17.65
CA VAL A 845 -4.07 -13.75 16.95
C VAL A 845 -4.21 -14.24 15.51
N THR A 846 -4.96 -15.33 15.28
CA THR A 846 -5.16 -15.90 13.95
C THR A 846 -5.97 -14.98 13.04
N ALA A 847 -6.79 -14.08 13.63
CA ALA A 847 -7.56 -13.12 12.85
C ALA A 847 -6.60 -12.02 12.34
N LEU A 848 -5.60 -11.67 13.19
CA LEU A 848 -4.57 -10.68 12.89
C LEU A 848 -3.60 -11.14 11.85
N SER A 849 -3.41 -12.46 11.76
CA SER A 849 -2.48 -13.06 10.81
C SER A 849 -2.88 -12.86 9.36
N THR A 850 -4.20 -12.82 9.13
CA THR A 850 -4.79 -12.72 7.81
C THR A 850 -5.21 -11.26 7.40
N ILE A 851 -4.71 -10.24 8.12
CA ILE A 851 -4.98 -8.84 7.84
C ILE A 851 -4.23 -8.40 6.61
N SER A 852 -4.98 -7.74 5.70
CA SER A 852 -4.55 -7.24 4.39
C SER A 852 -3.27 -6.41 4.36
N ASP A 853 -3.20 -5.17 4.96
CA ASP A 853 -2.05 -4.24 4.91
C ASP A 853 -0.70 -4.97 4.68
N LEU A 854 -0.11 -4.94 3.44
CA LEU A 854 -0.33 -4.13 2.21
C LEU A 854 -1.68 -4.34 1.50
N PRO A 855 -2.40 -3.22 1.27
CA PRO A 855 -3.73 -3.30 0.65
C PRO A 855 -3.78 -4.04 -0.70
N GLN A 856 -4.77 -4.94 -0.83
CA GLN A 856 -5.04 -5.76 -2.02
C GLN A 856 -5.35 -4.87 -3.21
N GLY A 857 -4.76 -5.19 -4.36
CA GLY A 857 -4.99 -4.45 -5.60
C GLY A 857 -3.92 -3.44 -5.94
N ILE A 858 -2.93 -3.25 -5.06
CA ILE A 858 -1.85 -2.28 -5.30
C ILE A 858 -0.59 -2.94 -5.86
N PHE A 859 0.01 -3.85 -5.09
CA PHE A 859 1.29 -4.50 -5.45
C PHE A 859 1.07 -5.86 -6.10
N ASP A 860 -0.01 -6.51 -5.67
CA ASP A 860 -0.49 -7.80 -6.14
C ASP A 860 -1.96 -7.90 -5.75
N ASN A 861 -2.75 -8.46 -6.67
CA ASN A 861 -4.18 -8.67 -6.49
C ASN A 861 -4.46 -9.81 -5.50
N ALA A 862 -3.58 -10.84 -5.44
CA ALA A 862 -3.70 -12.03 -4.59
C ALA A 862 -4.05 -11.73 -3.11
N PRO A 863 -5.04 -12.47 -2.51
CA PRO A 863 -5.42 -12.19 -1.12
C PRO A 863 -4.39 -12.65 -0.09
N THR A 864 -4.57 -12.21 1.16
CA THR A 864 -3.70 -12.56 2.28
C THR A 864 -4.05 -13.97 2.80
N VAL A 865 -3.69 -15.00 2.05
CA VAL A 865 -3.96 -16.36 2.47
C VAL A 865 -2.63 -17.08 2.61
N ARG A 866 -2.40 -17.63 3.81
CA ARG A 866 -1.18 -18.38 4.12
C ARG A 866 -1.30 -19.78 3.59
N THR A 867 -0.50 -20.10 2.57
CA THR A 867 -0.52 -21.43 1.96
C THR A 867 0.33 -22.38 2.76
N THR A 868 -0.04 -23.64 2.71
CA THR A 868 0.63 -24.76 3.35
C THR A 868 0.79 -25.79 2.23
N LEU A 869 0.43 -25.37 1.03
CA LEU A 869 0.34 -26.14 -0.20
C LEU A 869 1.66 -26.72 -0.74
N PHE A 870 2.77 -26.29 -0.20
CA PHE A 870 4.08 -26.77 -0.61
C PHE A 870 4.53 -27.90 0.30
N LYS A 871 3.72 -28.23 1.30
CA LYS A 871 4.04 -29.28 2.27
C LYS A 871 3.86 -30.63 1.62
N GLN A 872 3.09 -30.66 0.53
CA GLN A 872 2.77 -31.83 -0.29
C GLN A 872 4.01 -32.34 -1.01
N TRP A 873 4.89 -31.41 -1.43
CA TRP A 873 6.14 -31.68 -2.14
C TRP A 873 7.10 -32.63 -1.46
N ASN A 874 7.65 -33.57 -2.24
CA ASN A 874 8.70 -34.49 -1.78
C ASN A 874 9.98 -33.64 -1.73
N SER A 875 10.82 -33.84 -0.71
CA SER A 875 11.97 -32.97 -0.48
C SER A 875 13.37 -33.57 -0.56
N THR A 876 13.50 -34.90 -0.47
CA THR A 876 14.76 -35.62 -0.38
C THR A 876 15.86 -35.13 -1.35
N TYR A 877 15.59 -35.03 -2.65
CA TYR A 877 16.65 -34.73 -3.61
C TYR A 877 16.69 -33.29 -4.19
N THR A 878 15.79 -32.38 -3.78
CA THR A 878 15.84 -30.99 -4.24
C THR A 878 15.94 -29.96 -3.12
N SER A 879 15.76 -30.39 -1.87
CA SER A 879 15.75 -29.47 -0.77
C SER A 879 16.88 -29.63 0.19
N PHE A 880 17.19 -28.53 0.88
CA PHE A 880 18.14 -28.53 1.97
C PHE A 880 17.67 -27.50 3.00
N GLU A 881 17.84 -27.82 4.27
CA GLU A 881 17.39 -26.93 5.31
C GLU A 881 18.53 -26.37 6.10
N VAL A 882 18.32 -25.17 6.63
CA VAL A 882 19.26 -24.49 7.47
C VAL A 882 18.54 -23.91 8.68
N GLY A 883 19.01 -24.26 9.86
CA GLY A 883 18.42 -23.81 11.11
C GLY A 883 17.62 -24.89 11.78
N ASP A 884 17.40 -24.76 13.12
CA ASP A 884 16.63 -25.73 13.88
C ASP A 884 15.20 -25.40 13.79
N ALA A 885 14.44 -26.32 13.19
CA ALA A 885 13.00 -26.20 13.03
C ALA A 885 12.31 -26.22 14.38
N SER A 886 12.81 -27.02 15.33
CA SER A 886 12.25 -27.14 16.68
C SER A 886 12.20 -25.80 17.43
N THR A 887 13.26 -25.01 17.32
CA THR A 887 13.36 -23.72 18.00
C THR A 887 12.86 -22.54 17.18
N ALA A 888 13.05 -22.57 15.86
CA ALA A 888 12.72 -21.48 14.93
C ALA A 888 11.32 -20.91 15.09
N THR A 889 11.23 -19.57 15.02
CA THR A 889 10.00 -18.80 15.08
C THR A 889 9.70 -18.38 13.66
N ILE A 890 10.73 -18.28 12.83
CA ILE A 890 10.60 -17.87 11.44
C ILE A 890 10.87 -19.03 10.51
N PHE A 891 9.96 -19.28 9.59
CA PHE A 891 10.08 -20.39 8.66
C PHE A 891 10.00 -19.87 7.27
N PHE A 892 11.09 -20.03 6.55
CA PHE A 892 11.22 -19.58 5.18
C PHE A 892 11.21 -20.75 4.27
N VAL A 893 10.50 -20.58 3.17
CA VAL A 893 10.43 -21.57 2.11
C VAL A 893 10.76 -20.86 0.81
N ALA A 894 11.95 -21.15 0.29
CA ALA A 894 12.43 -20.56 -0.93
C ALA A 894 12.39 -21.60 -2.04
N VAL A 895 11.85 -21.20 -3.20
CA VAL A 895 11.79 -22.02 -4.39
C VAL A 895 12.54 -21.17 -5.36
N ILE A 896 13.84 -21.51 -5.56
CA ILE A 896 14.77 -20.79 -6.42
C ILE A 896 15.14 -21.60 -7.66
N ASN A 897 15.19 -20.93 -8.81
CA ASN A 897 15.64 -21.49 -10.07
C ASN A 897 17.10 -21.04 -10.19
N PRO A 898 18.08 -21.96 -10.11
CA PRO A 898 19.50 -21.55 -10.17
C PRO A 898 19.92 -20.73 -11.42
N ALA A 899 19.27 -20.97 -12.59
CA ALA A 899 19.52 -20.29 -13.87
C ALA A 899 18.98 -18.86 -13.90
N SER A 900 18.19 -18.45 -12.91
CA SER A 900 17.59 -17.11 -12.91
C SER A 900 18.51 -16.05 -12.33
N GLU A 901 18.33 -14.79 -12.79
CA GLU A 901 19.07 -13.63 -12.32
C GLU A 901 18.46 -13.15 -11.01
N ILE A 902 17.15 -13.37 -10.84
CA ILE A 902 16.41 -13.00 -9.63
C ILE A 902 16.91 -13.86 -8.46
N GLY A 903 17.26 -15.10 -8.77
CA GLY A 903 17.78 -16.09 -7.83
C GLY A 903 19.08 -15.63 -7.21
N GLN A 904 19.92 -14.89 -7.99
CA GLN A 904 21.22 -14.35 -7.54
C GLN A 904 21.06 -13.52 -6.28
N ARG A 905 20.05 -12.62 -6.29
CA ARG A 905 19.76 -11.74 -5.17
C ARG A 905 19.19 -12.51 -4.01
N TRP A 906 18.18 -13.35 -4.27
CA TRP A 906 17.48 -14.16 -3.28
C TRP A 906 18.39 -14.98 -2.43
N VAL A 907 19.33 -15.73 -3.04
CA VAL A 907 20.33 -16.56 -2.36
C VAL A 907 21.17 -15.73 -1.40
N ALA A 908 21.75 -14.63 -1.93
CA ALA A 908 22.59 -13.70 -1.18
C ALA A 908 21.92 -13.17 0.08
N VAL A 909 20.67 -12.68 -0.06
CA VAL A 909 19.89 -12.14 1.05
C VAL A 909 19.55 -13.22 2.03
N LEU A 910 19.01 -14.36 1.54
CA LEU A 910 18.61 -15.48 2.36
C LEU A 910 19.73 -16.12 3.14
N LYS A 911 20.99 -16.09 2.63
CA LYS A 911 22.15 -16.62 3.34
C LYS A 911 22.36 -15.85 4.64
N VAL A 912 22.30 -14.50 4.54
CA VAL A 912 22.44 -13.58 5.66
C VAL A 912 21.30 -13.69 6.70
N LEU A 913 20.05 -13.90 6.23
CA LEU A 913 18.92 -14.05 7.15
C LEU A 913 18.90 -15.42 7.75
N SER A 914 19.54 -16.40 7.08
CA SER A 914 19.65 -17.79 7.54
C SER A 914 20.58 -17.86 8.77
N GLU A 915 21.57 -16.93 8.80
CA GLU A 915 22.56 -16.81 9.86
C GLU A 915 21.94 -16.41 11.19
N LEU A 916 20.77 -15.77 11.16
CA LEU A 916 20.04 -15.37 12.35
C LEU A 916 19.56 -16.59 13.15
N GLU A 917 19.62 -16.48 14.49
CA GLU A 917 19.17 -17.56 15.36
C GLU A 917 17.68 -17.42 15.53
N GLY A 918 16.99 -18.56 15.42
CA GLY A 918 15.54 -18.64 15.54
C GLY A 918 14.83 -18.58 14.22
N VAL A 919 15.60 -18.74 13.13
CA VAL A 919 15.12 -18.71 11.73
C VAL A 919 15.45 -20.07 11.08
N HIS A 920 14.49 -20.61 10.36
CA HIS A 920 14.61 -21.86 9.64
C HIS A 920 14.35 -21.56 8.20
N LEU A 921 15.14 -22.16 7.33
CA LEU A 921 15.02 -21.99 5.89
C LEU A 921 15.12 -23.34 5.21
N ARG A 922 14.35 -23.51 4.13
CA ARG A 922 14.29 -24.74 3.33
C ARG A 922 14.26 -24.30 1.90
N VAL A 923 15.22 -24.80 1.08
CA VAL A 923 15.37 -24.37 -0.31
C VAL A 923 15.00 -25.46 -1.30
N PHE A 924 14.28 -25.08 -2.34
CA PHE A 924 13.84 -25.95 -3.42
C PHE A 924 14.42 -25.39 -4.70
N LEU A 925 15.09 -26.23 -5.46
CA LEU A 925 15.66 -25.76 -6.69
C LEU A 925 14.83 -26.16 -7.87
N ASN A 926 14.29 -25.19 -8.66
CA ASN A 926 13.48 -25.65 -9.76
C ASN A 926 13.83 -24.98 -11.09
N PRO A 927 14.70 -25.64 -11.87
CA PRO A 927 15.09 -25.09 -13.18
C PRO A 927 14.06 -25.34 -14.30
N THR A 928 14.25 -24.65 -15.45
CA THR A 928 13.41 -24.84 -16.64
C THR A 928 14.20 -25.54 -17.75
N VAL A 929 13.48 -26.26 -18.62
CA VAL A 929 14.05 -26.92 -19.81
C VAL A 929 13.93 -25.92 -20.98
N MET A 930 13.15 -24.84 -20.79
CA MET A 930 12.89 -23.80 -21.78
C MET A 930 13.90 -22.67 -21.68
N ILE A 931 15.01 -22.79 -22.42
CA ILE A 931 16.08 -21.81 -22.47
C ILE A 931 16.40 -21.52 -23.94
N GLU A 932 15.68 -20.55 -24.52
CA GLU A 932 15.90 -20.14 -25.92
C GLU A 932 17.10 -19.19 -26.04
N GLU A 933 17.38 -18.44 -24.95
CA GLU A 933 18.44 -17.45 -24.84
C GLU A 933 19.30 -17.73 -23.58
N LEU A 934 20.48 -17.10 -23.45
CA LEU A 934 21.36 -17.26 -22.28
C LEU A 934 20.61 -16.94 -20.94
N PRO A 935 20.68 -17.81 -19.92
CA PRO A 935 19.88 -17.60 -18.69
C PRO A 935 20.34 -16.47 -17.76
N VAL A 936 21.61 -16.45 -17.37
CA VAL A 936 22.16 -15.40 -16.50
C VAL A 936 23.22 -14.67 -17.31
N LYS A 937 23.06 -13.34 -17.44
CA LYS A 937 23.94 -12.50 -18.24
C LYS A 937 24.64 -11.44 -17.37
N ARG A 938 24.87 -11.74 -16.08
CA ARG A 938 25.54 -10.79 -15.18
C ARG A 938 26.18 -11.43 -13.97
N PHE A 939 27.14 -10.72 -13.35
CA PHE A 939 27.77 -11.12 -12.08
C PHE A 939 27.04 -10.30 -11.03
N TYR A 940 26.92 -10.86 -9.80
CA TYR A 940 26.16 -10.20 -8.73
C TYR A 940 26.80 -10.32 -7.38
N ARG A 941 26.79 -9.20 -6.67
CA ARG A 941 27.28 -9.13 -5.29
C ARG A 941 26.29 -8.39 -4.41
N TYR A 942 25.98 -8.97 -3.25
CA TYR A 942 25.07 -8.32 -2.34
C TYR A 942 25.83 -7.80 -1.14
N VAL A 943 25.68 -6.50 -0.87
CA VAL A 943 26.35 -5.85 0.23
C VAL A 943 25.48 -5.97 1.49
N LEU A 944 25.79 -6.95 2.35
CA LEU A 944 25.06 -7.22 3.58
C LEU A 944 25.81 -8.18 4.55
N SER A 945 25.71 -7.90 5.87
CA SER A 945 26.28 -8.67 6.97
C SER A 945 25.23 -8.94 8.05
N SER A 946 25.29 -10.10 8.71
CA SER A 946 24.33 -10.49 9.74
C SER A 946 24.61 -9.93 11.13
N SER A 947 25.79 -9.33 11.30
CA SER A 947 26.28 -8.71 12.54
C SER A 947 27.38 -7.70 12.19
N PRO A 948 27.50 -6.56 12.92
CA PRO A 948 28.51 -5.55 12.56
C PRO A 948 29.97 -6.01 12.62
N SER A 949 30.79 -5.39 11.75
CA SER A 949 32.21 -5.67 11.62
C SER A 949 32.97 -4.44 12.10
N PHE A 950 34.11 -4.67 12.74
CA PHE A 950 34.87 -3.58 13.33
C PHE A 950 36.30 -3.44 12.83
N ASP A 951 36.78 -2.20 12.89
CA ASP A 951 38.07 -1.76 12.41
C ASP A 951 39.20 -2.19 13.29
N GLU A 952 40.43 -1.98 12.80
CA GLU A 952 41.66 -2.22 13.54
C GLU A 952 41.71 -1.15 14.63
N SER A 953 41.15 0.04 14.31
CA SER A 953 41.01 1.18 15.19
C SER A 953 39.66 1.15 15.94
N GLY A 954 38.93 0.06 15.75
CA GLY A 954 37.64 -0.21 16.39
C GLY A 954 36.42 0.51 15.85
N LYS A 955 36.54 1.24 14.72
CA LYS A 955 35.42 1.95 14.10
C LYS A 955 34.58 0.93 13.33
N VAL A 956 33.34 1.27 12.97
CA VAL A 956 32.53 0.32 12.23
C VAL A 956 32.99 0.22 10.80
N LYS A 957 33.26 -1.01 10.35
CA LYS A 957 33.67 -1.30 8.97
C LYS A 957 32.54 -0.95 8.03
N ALA A 958 32.89 -0.28 6.95
CA ALA A 958 31.95 0.05 5.91
C ALA A 958 31.86 -1.20 5.04
N LEU A 959 30.78 -1.30 4.30
CA LEU A 959 30.59 -2.48 3.48
C LEU A 959 30.62 -2.13 2.01
N SER A 960 31.27 -2.99 1.20
CA SER A 960 31.47 -2.78 -0.23
C SER A 960 31.30 -4.07 -1.03
N ALA A 961 31.03 -3.95 -2.34
CA ALA A 961 30.90 -5.08 -3.25
C ALA A 961 32.21 -5.20 -4.00
N ARG A 962 32.99 -6.23 -3.69
CA ARG A 962 34.30 -6.46 -4.31
C ARG A 962 34.25 -7.70 -5.16
N PHE A 963 34.49 -7.52 -6.47
CA PHE A 963 34.53 -8.59 -7.45
C PHE A 963 36.01 -8.83 -7.75
N THR A 964 36.50 -10.02 -7.43
CA THR A 964 37.89 -10.36 -7.66
C THR A 964 37.96 -11.36 -8.79
N GLY A 965 39.05 -11.28 -9.54
CA GLY A 965 39.31 -12.16 -10.69
C GLY A 965 38.31 -11.92 -11.80
N VAL A 966 38.15 -10.65 -12.17
CA VAL A 966 37.25 -10.20 -13.23
C VAL A 966 37.89 -10.52 -14.58
N PRO A 967 37.16 -11.13 -15.57
CA PRO A 967 37.79 -11.35 -16.89
C PRO A 967 38.29 -10.03 -17.50
N ARG A 968 39.52 -10.05 -18.04
CA ARG A 968 40.20 -8.89 -18.60
C ARG A 968 39.60 -8.34 -19.89
N GLU A 969 39.07 -9.24 -20.75
CA GLU A 969 38.57 -8.91 -22.10
C GLU A 969 37.06 -8.69 -22.23
N THR A 970 36.24 -9.02 -21.21
CA THR A 970 34.78 -8.85 -21.29
C THR A 970 34.35 -7.41 -21.02
N LEU A 971 33.46 -6.86 -21.90
CA LEU A 971 32.92 -5.52 -21.70
C LEU A 971 31.79 -5.63 -20.69
N LEU A 972 31.86 -4.88 -19.55
CA LEU A 972 30.88 -4.92 -18.46
C LEU A 972 30.20 -3.60 -18.15
N VAL A 973 28.98 -3.66 -17.63
CA VAL A 973 28.17 -2.49 -17.24
C VAL A 973 27.91 -2.61 -15.73
N VAL A 974 28.15 -1.54 -14.96
CA VAL A 974 27.90 -1.53 -13.53
C VAL A 974 26.49 -1.04 -13.29
N GLY A 975 25.75 -1.83 -12.53
CA GLY A 975 24.39 -1.49 -12.16
C GLY A 975 24.15 -1.69 -10.68
N MET A 976 23.24 -0.89 -10.12
CA MET A 976 22.86 -0.95 -8.72
C MET A 976 21.45 -1.51 -8.59
N ASP A 977 21.31 -2.56 -7.80
CA ASP A 977 20.05 -3.25 -7.52
C ASP A 977 19.64 -2.88 -6.08
N VAL A 978 19.07 -1.71 -6.00
CA VAL A 978 18.76 -0.96 -4.80
C VAL A 978 17.27 -1.09 -4.32
N PRO A 979 17.04 -1.11 -2.95
CA PRO A 979 15.66 -1.18 -2.43
C PRO A 979 14.69 -0.17 -3.05
N PRO A 980 13.40 -0.52 -3.23
CA PRO A 980 12.45 0.35 -3.95
C PRO A 980 12.32 1.79 -3.56
N ALA A 981 12.56 2.15 -2.31
CA ALA A 981 12.44 3.56 -1.98
C ALA A 981 13.64 4.40 -2.34
N TRP A 982 14.74 3.77 -2.78
CA TRP A 982 16.00 4.46 -3.02
C TRP A 982 16.23 4.99 -4.41
N LEU A 983 16.91 6.12 -4.48
CA LEU A 983 17.36 6.80 -5.69
C LEU A 983 18.88 6.92 -5.58
N VAL A 984 19.59 6.32 -6.52
CA VAL A 984 21.05 6.23 -6.47
C VAL A 984 21.73 6.71 -7.77
N THR A 985 22.87 7.40 -7.65
CA THR A 985 23.68 7.89 -8.75
C THR A 985 25.15 7.75 -8.40
N SER A 986 26.02 7.68 -9.42
CA SER A 986 27.45 7.60 -9.24
C SER A 986 27.99 8.95 -8.78
N LYS A 987 28.92 8.95 -7.81
CA LYS A 987 29.54 10.16 -7.28
C LYS A 987 31.03 10.19 -7.54
N VAL A 988 31.71 9.07 -7.30
CA VAL A 988 33.15 8.93 -7.51
C VAL A 988 33.41 7.75 -8.43
N ALA A 989 34.04 8.02 -9.56
CA ALA A 989 34.47 7.05 -10.57
C ALA A 989 35.23 7.83 -11.60
N VAL A 990 36.34 7.26 -12.06
CA VAL A 990 37.17 7.88 -13.09
C VAL A 990 37.04 7.07 -14.37
N ASP A 991 36.43 5.88 -14.22
CA ASP A 991 36.16 4.92 -15.28
C ASP A 991 34.80 5.09 -15.91
N ASP A 992 34.58 4.43 -17.05
CA ASP A 992 33.27 4.43 -17.67
C ASP A 992 32.59 3.20 -17.15
N LEU A 993 31.61 3.42 -16.29
CA LEU A 993 30.86 2.36 -15.66
C LEU A 993 29.93 1.69 -16.65
N ASP A 994 29.55 2.40 -17.71
CA ASP A 994 28.73 1.83 -18.76
C ASP A 994 29.57 0.98 -19.71
N ASN A 995 30.89 1.25 -19.85
CA ASN A 995 31.80 0.48 -20.72
C ASN A 995 33.11 0.09 -20.00
N LEU A 996 33.03 -0.86 -19.05
CA LEU A 996 34.20 -1.31 -18.32
C LEU A 996 34.94 -2.43 -19.04
N ARG A 997 36.26 -2.30 -19.13
CA ARG A 997 37.16 -3.32 -19.69
C ARG A 997 38.46 -3.17 -18.94
N ILE A 998 38.96 -4.26 -18.34
CA ILE A 998 40.18 -4.20 -17.55
C ILE A 998 41.42 -3.91 -18.43
N LYS A 999 41.51 -4.56 -19.61
CA LYS A 999 42.63 -4.38 -20.55
C LYS A 999 42.88 -2.92 -20.92
N ASP A 1000 41.81 -2.14 -21.11
CA ASP A 1000 41.87 -0.72 -21.47
C ASP A 1000 42.32 0.13 -20.31
N ILE A 1001 41.74 -0.13 -19.11
CA ILE A 1001 42.08 0.57 -17.86
C ILE A 1001 43.52 0.28 -17.51
N LYS A 1002 43.98 -0.97 -17.69
CA LYS A 1002 45.36 -1.33 -17.43
C LYS A 1002 46.23 -0.53 -18.40
N ALA A 1003 45.88 -0.51 -19.70
CA ALA A 1003 46.62 0.19 -20.74
C ALA A 1003 46.50 1.72 -20.72
N LYS A 1004 45.58 2.29 -19.91
CA LYS A 1004 45.39 3.74 -19.84
C LYS A 1004 45.77 4.31 -18.47
N ARG A 1005 45.31 3.63 -17.41
CA ARG A 1005 45.53 4.03 -16.01
C ARG A 1005 46.69 3.31 -15.34
N GLY A 1006 47.05 2.14 -15.83
CA GLY A 1006 48.14 1.34 -15.29
C GLY A 1006 47.72 0.42 -14.17
N THR A 1007 46.44 0.48 -13.79
CA THR A 1007 45.86 -0.31 -12.71
C THR A 1007 44.77 -1.27 -13.18
N GLU A 1008 44.79 -2.48 -12.64
CA GLU A 1008 43.80 -3.53 -12.92
C GLU A 1008 42.70 -3.47 -11.86
N HIS A 1009 42.72 -2.46 -10.97
CA HIS A 1009 41.80 -2.30 -9.84
C HIS A 1009 40.92 -1.08 -10.00
N VAL A 1010 39.60 -1.30 -9.98
CA VAL A 1010 38.59 -0.26 -10.19
C VAL A 1010 37.81 -0.04 -8.92
N GLU A 1011 37.59 1.23 -8.58
CA GLU A 1011 36.77 1.65 -7.43
C GLU A 1011 35.78 2.71 -7.89
N ALA A 1012 34.51 2.52 -7.50
CA ALA A 1012 33.43 3.45 -7.78
C ALA A 1012 32.58 3.63 -6.53
N ILE A 1013 32.13 4.86 -6.29
CA ILE A 1013 31.31 5.22 -5.15
C ILE A 1013 30.03 5.86 -5.63
N TYR A 1014 28.92 5.39 -5.09
CA TYR A 1014 27.61 5.90 -5.40
C TYR A 1014 27.08 6.74 -4.25
N GLU A 1015 26.03 7.51 -4.51
CA GLU A 1015 25.37 8.28 -3.48
C GLU A 1015 23.88 7.96 -3.44
N LEU A 1016 23.36 7.67 -2.24
CA LEU A 1016 21.94 7.45 -2.02
C LEU A 1016 21.45 8.89 -1.84
N GLU A 1017 21.17 9.54 -2.96
CA GLU A 1017 20.83 10.96 -2.98
C GLU A 1017 19.46 11.27 -2.45
N HIS A 1018 18.47 10.44 -2.77
CA HIS A 1018 17.10 10.62 -2.31
C HIS A 1018 16.47 9.32 -1.86
N ILE A 1019 15.39 9.43 -1.10
CA ILE A 1019 14.54 8.37 -0.57
C ILE A 1019 13.11 8.82 -0.88
N LEU A 1020 12.29 7.90 -1.39
CA LEU A 1020 10.96 8.25 -1.86
C LEU A 1020 9.87 8.36 -0.83
N ILE A 1021 8.96 9.31 -1.09
CA ILE A 1021 7.69 9.51 -0.42
C ILE A 1021 6.76 9.17 -1.57
N GLU A 1022 6.07 8.06 -1.49
CA GLU A 1022 5.15 7.67 -2.55
C GLU A 1022 3.81 7.25 -1.98
N GLY A 1023 2.75 7.49 -2.72
CA GLY A 1023 1.42 7.18 -2.25
C GLY A 1023 0.39 6.88 -3.31
N HIS A 1024 -0.75 6.35 -2.88
CA HIS A 1024 -1.86 6.01 -3.75
C HIS A 1024 -3.13 6.76 -3.33
N SER A 1025 -3.51 7.76 -4.13
CA SER A 1025 -4.67 8.61 -3.87
C SER A 1025 -6.02 7.98 -4.18
N ARG A 1026 -7.07 8.61 -3.65
CA ARG A 1026 -8.46 8.29 -3.92
C ARG A 1026 -9.35 9.47 -3.62
N GLU A 1027 -10.44 9.58 -4.38
CA GLU A 1027 -11.45 10.59 -4.20
C GLU A 1027 -12.39 10.03 -3.12
N ILE A 1028 -13.08 10.92 -2.40
CA ILE A 1028 -14.05 10.54 -1.36
C ILE A 1028 -15.40 11.17 -1.72
N PRO A 1029 -16.51 10.45 -1.63
CA PRO A 1029 -16.67 9.06 -1.15
C PRO A 1029 -16.64 8.00 -2.25
N GLY A 1030 -16.94 8.43 -3.48
CA GLY A 1030 -16.98 7.59 -4.67
C GLY A 1030 -15.57 7.58 -5.13
N ALA A 1031 -14.78 6.65 -4.54
CA ALA A 1031 -13.34 6.50 -4.68
C ALA A 1031 -12.82 6.12 -6.07
N HIS A 1032 -12.20 7.13 -6.71
CA HIS A 1032 -11.57 7.07 -8.01
C HIS A 1032 -10.29 7.85 -7.92
N ALA A 1033 -9.32 7.49 -8.76
CA ALA A 1033 -8.01 8.13 -8.80
C ALA A 1033 -8.12 9.54 -9.37
N PRO A 1034 -7.77 10.59 -8.60
CA PRO A 1034 -7.87 11.94 -9.14
C PRO A 1034 -6.67 12.24 -10.03
N ARG A 1035 -6.85 12.15 -11.35
CA ARG A 1035 -5.77 12.36 -12.29
C ARG A 1035 -5.69 13.79 -12.76
N GLY A 1036 -4.48 14.32 -12.77
CA GLY A 1036 -4.23 15.69 -13.21
C GLY A 1036 -4.16 16.63 -12.03
N VAL A 1037 -4.40 16.09 -10.83
CA VAL A 1037 -4.32 16.85 -9.58
C VAL A 1037 -2.84 17.17 -9.37
N GLN A 1038 -2.54 18.38 -8.95
CA GLN A 1038 -1.16 18.79 -8.72
C GLN A 1038 -0.87 18.92 -7.25
N LEU A 1039 0.32 18.49 -6.82
CA LEU A 1039 0.71 18.50 -5.42
C LEU A 1039 1.98 19.23 -5.15
N VAL A 1040 2.12 19.79 -3.95
CA VAL A 1040 3.32 20.52 -3.54
C VAL A 1040 3.77 19.94 -2.21
N LEU A 1041 5.07 19.63 -2.11
CA LEU A 1041 5.72 19.17 -0.88
C LEU A 1041 6.42 20.39 -0.29
N GLU A 1042 6.30 20.55 1.02
CA GLU A 1042 6.89 21.69 1.69
C GLU A 1042 7.50 21.34 3.01
N THR A 1043 8.28 22.27 3.55
CA THR A 1043 8.97 22.18 4.83
C THR A 1043 8.76 23.57 5.48
N GLU A 1044 8.95 23.69 6.82
CA GLU A 1044 8.77 25.00 7.48
C GLU A 1044 9.74 26.06 6.96
N ASN A 1045 10.93 25.63 6.50
CA ASN A 1045 11.94 26.50 5.91
C ASN A 1045 11.50 27.02 4.55
N ASN A 1046 11.06 26.10 3.69
CA ASN A 1046 10.63 26.47 2.35
C ASN A 1046 9.31 25.86 1.98
N PRO A 1047 8.42 26.69 1.45
CA PRO A 1047 7.07 26.24 1.11
C PRO A 1047 6.98 25.54 -0.24
N HIS A 1048 8.14 25.22 -0.87
CA HIS A 1048 8.15 24.57 -2.17
C HIS A 1048 9.35 23.66 -2.36
N PHE A 1049 9.34 22.54 -1.64
CA PHE A 1049 10.40 21.54 -1.73
C PHE A 1049 10.33 20.88 -3.08
N ALA A 1050 9.15 20.36 -3.42
CA ALA A 1050 8.94 19.64 -4.65
C ALA A 1050 7.51 19.70 -5.08
N ASP A 1051 7.25 19.23 -6.28
CA ASP A 1051 5.93 19.19 -6.87
C ASP A 1051 5.82 18.07 -7.87
N THR A 1052 4.64 17.46 -7.93
CA THR A 1052 4.32 16.38 -8.84
C THR A 1052 2.84 16.41 -9.16
N ILE A 1053 2.42 15.60 -10.12
CA ILE A 1053 1.02 15.49 -10.51
C ILE A 1053 0.56 14.05 -10.33
N ILE A 1054 -0.71 13.90 -9.95
CA ILE A 1054 -1.36 12.63 -9.72
C ILE A 1054 -1.60 11.89 -11.03
N MET A 1055 -1.22 10.62 -11.04
CA MET A 1055 -1.35 9.72 -12.17
C MET A 1055 -2.69 9.01 -12.13
N ALA A 1056 -3.13 8.50 -13.29
CA ALA A 1056 -4.39 7.79 -13.40
C ALA A 1056 -4.30 6.42 -12.74
N ASN A 1057 -3.15 5.75 -12.89
CA ASN A 1057 -2.94 4.41 -12.37
C ASN A 1057 -2.62 4.45 -10.92
N LEU A 1058 -3.61 4.01 -10.11
CA LEU A 1058 -3.59 3.91 -8.65
C LEU A 1058 -3.46 5.26 -7.95
N GLY A 1059 -3.85 6.35 -8.62
CA GLY A 1059 -3.71 7.70 -8.08
C GLY A 1059 -2.30 7.88 -7.58
N TYR A 1060 -1.31 7.36 -8.35
CA TYR A 1060 0.11 7.36 -8.00
C TYR A 1060 0.77 8.70 -8.08
N PHE A 1061 1.68 8.96 -7.14
CA PHE A 1061 2.52 10.18 -7.10
C PHE A 1061 3.77 9.87 -6.29
N GLN A 1062 4.85 10.65 -6.50
CA GLN A 1062 6.08 10.47 -5.73
C GLN A 1062 6.87 11.75 -5.56
N PHE A 1063 7.67 11.79 -4.47
CA PHE A 1063 8.58 12.88 -4.16
C PHE A 1063 9.94 12.33 -3.80
N LYS A 1064 10.99 13.06 -4.15
CA LYS A 1064 12.36 12.66 -3.86
C LYS A 1064 12.76 13.45 -2.63
N ALA A 1065 13.06 12.76 -1.51
CA ALA A 1065 13.41 13.45 -0.28
C ALA A 1065 14.37 12.67 0.61
N ASN A 1066 14.74 13.23 1.74
CA ASN A 1066 15.62 12.57 2.70
C ASN A 1066 14.95 12.66 4.08
N PRO A 1067 15.54 12.10 5.18
CA PRO A 1067 14.82 12.12 6.46
C PRO A 1067 14.40 13.51 6.94
N GLY A 1068 13.16 13.62 7.41
CA GLY A 1068 12.65 14.89 7.90
C GLY A 1068 11.15 15.04 7.90
N VAL A 1069 10.66 16.18 8.44
CA VAL A 1069 9.25 16.50 8.56
C VAL A 1069 8.80 17.42 7.43
N TYR A 1070 7.85 16.94 6.63
CA TYR A 1070 7.28 17.62 5.46
C TYR A 1070 5.76 17.77 5.57
N ASN A 1071 5.15 18.46 4.59
CA ASN A 1071 3.71 18.69 4.50
C ASN A 1071 3.30 18.68 3.05
N ILE A 1072 2.09 18.21 2.75
CA ILE A 1072 1.58 18.16 1.38
C ILE A 1072 0.37 19.08 1.21
N ARG A 1073 0.53 20.13 0.41
CA ARG A 1073 -0.55 21.03 0.10
C ARG A 1073 -0.90 20.88 -1.36
N LEU A 1074 -2.19 20.88 -1.68
CA LEU A 1074 -2.62 20.83 -3.07
C LEU A 1074 -2.12 22.14 -3.71
N LYS A 1075 -1.60 22.08 -4.94
CA LYS A 1075 -1.11 23.27 -5.62
C LYS A 1075 -2.24 24.28 -5.79
N GLU A 1076 -1.99 25.53 -5.36
CA GLU A 1076 -2.94 26.63 -5.47
C GLU A 1076 -3.30 26.83 -6.93
N GLY A 1077 -4.58 26.79 -7.20
CA GLY A 1077 -5.10 26.94 -8.55
C GLY A 1077 -6.37 26.13 -8.69
N ARG A 1078 -6.49 25.39 -9.80
CA ARG A 1078 -7.65 24.56 -10.07
C ARG A 1078 -7.82 23.43 -9.05
N SER A 1079 -6.69 22.83 -8.64
CA SER A 1079 -6.66 21.72 -7.69
C SER A 1079 -7.30 22.06 -6.35
N SER A 1080 -6.92 23.20 -5.72
CA SER A 1080 -7.50 23.62 -4.45
C SER A 1080 -8.92 24.15 -4.64
N GLU A 1081 -9.23 24.62 -5.86
CA GLU A 1081 -10.57 25.11 -6.22
C GLU A 1081 -11.55 23.93 -6.16
N ILE A 1082 -11.20 22.79 -6.80
CA ILE A 1082 -12.07 21.62 -6.84
C ILE A 1082 -12.03 20.79 -5.56
N PHE A 1083 -10.85 20.56 -5.00
CA PHE A 1083 -10.71 19.66 -3.86
C PHE A 1083 -10.17 20.27 -2.58
N THR A 1084 -10.36 19.51 -1.51
CA THR A 1084 -9.82 19.71 -0.18
C THR A 1084 -9.31 18.35 0.22
N LEU A 1085 -8.03 18.25 0.62
CA LEU A 1085 -7.57 16.93 1.02
C LEU A 1085 -7.66 16.82 2.53
N GLU A 1086 -8.56 15.93 2.97
CA GLU A 1086 -8.81 15.67 4.39
C GLU A 1086 -7.58 15.06 5.02
N SER A 1087 -6.90 14.16 4.25
CA SER A 1087 -5.76 13.43 4.78
C SER A 1087 -4.77 12.90 3.77
N VAL A 1088 -3.57 12.65 4.28
CA VAL A 1088 -2.47 11.94 3.65
C VAL A 1088 -2.48 10.62 4.44
N GLY A 1089 -2.63 9.50 3.77
CA GLY A 1089 -2.82 8.21 4.45
C GLY A 1089 -1.59 7.61 5.10
N ALA A 1090 -1.04 8.30 6.09
CA ALA A 1090 0.20 7.91 6.75
C ALA A 1090 0.08 6.77 7.76
N LYS A 1091 -1.15 6.39 8.11
CA LYS A 1091 -1.38 5.35 9.10
C LYS A 1091 -1.73 4.05 8.44
N GLY A 1092 -2.18 4.14 7.19
CA GLY A 1092 -2.56 2.99 6.38
C GLY A 1092 -3.65 3.39 5.42
N TRP A 1093 -4.24 2.40 4.73
CA TRP A 1093 -5.34 2.66 3.80
C TRP A 1093 -6.45 3.38 4.58
N GLY A 1094 -6.79 2.82 5.75
CA GLY A 1094 -7.75 3.35 6.68
C GLY A 1094 -9.09 3.82 6.11
N PRO A 1095 -9.70 4.90 6.66
CA PRO A 1095 -9.20 5.82 7.70
C PRO A 1095 -9.04 5.28 9.11
N ILE A 1096 -7.83 5.41 9.64
CA ILE A 1096 -7.56 5.08 11.03
C ILE A 1096 -7.86 6.40 11.71
N PRO A 1097 -8.62 6.48 12.83
CA PRO A 1097 -8.82 7.79 13.45
C PRO A 1097 -7.49 8.38 13.90
N GLY A 1098 -7.40 9.70 13.87
CA GLY A 1098 -6.18 10.42 14.23
C GLY A 1098 -5.24 10.68 13.07
N ASP A 1099 -5.67 10.30 11.86
CA ASP A 1099 -4.89 10.46 10.65
C ASP A 1099 -5.40 11.61 9.77
N ASP A 1100 -6.35 12.44 10.25
CA ASP A 1100 -6.91 13.58 9.50
C ASP A 1100 -5.86 14.68 9.48
N ASN A 1101 -4.79 14.35 8.78
CA ASN A 1101 -3.53 15.05 8.75
C ASN A 1101 -2.98 15.18 7.38
N THR A 1102 -2.07 16.13 7.23
CA THR A 1102 -1.44 16.33 5.95
C THR A 1102 0.06 16.39 6.15
N GLU A 1103 0.53 15.78 7.22
CA GLU A 1103 1.93 15.79 7.54
C GLU A 1103 2.58 14.46 7.21
N VAL A 1104 3.72 14.52 6.50
CA VAL A 1104 4.51 13.33 6.16
C VAL A 1104 5.89 13.46 6.77
N VAL A 1105 6.44 12.35 7.24
CA VAL A 1105 7.76 12.31 7.86
C VAL A 1105 8.44 11.04 7.34
N LEU A 1106 9.74 11.10 6.99
CA LEU A 1106 10.41 9.84 6.64
C LEU A 1106 11.58 9.60 7.54
N MET A 1107 11.54 8.44 8.19
CA MET A 1107 12.47 8.00 9.22
C MET A 1107 12.85 6.54 9.00
N ASP A 1108 12.80 6.10 7.74
CA ASP A 1108 13.14 4.72 7.42
C ASP A 1108 13.77 4.61 6.05
N PHE A 1109 14.49 3.50 5.80
CA PHE A 1109 15.11 3.23 4.51
C PHE A 1109 14.09 2.67 3.51
N GLN A 1110 12.82 2.55 3.95
CA GLN A 1110 11.73 2.05 3.16
C GLN A 1110 10.85 3.20 2.71
N GLY A 1111 11.30 4.41 3.02
CA GLY A 1111 10.63 5.63 2.66
C GLY A 1111 9.33 5.82 3.39
N THR A 1112 8.36 6.43 2.69
CA THR A 1112 7.04 6.69 3.25
C THR A 1112 5.98 6.31 2.25
N THR A 1113 5.09 5.42 2.66
CA THR A 1113 3.98 4.99 1.83
C THR A 1113 2.74 5.67 2.35
N LEU A 1114 2.02 6.35 1.47
CA LEU A 1114 0.85 7.14 1.82
C LEU A 1114 -0.37 6.76 1.04
N TYR A 1115 -1.55 6.93 1.65
CA TYR A 1115 -2.85 6.67 1.01
C TYR A 1115 -3.79 7.86 1.24
N PRO A 1116 -3.44 9.01 0.58
CA PRO A 1116 -4.23 10.24 0.74
C PRO A 1116 -5.67 10.14 0.27
N ARG A 1117 -6.51 11.04 0.79
CA ARG A 1117 -7.93 11.11 0.49
C ARG A 1117 -8.29 12.52 0.21
N LEU A 1118 -9.10 12.70 -0.82
CA LEU A 1118 -9.49 14.01 -1.30
C LEU A 1118 -10.99 14.00 -1.51
N ARG A 1119 -11.72 14.93 -0.89
CA ARG A 1119 -13.14 14.99 -1.15
C ARG A 1119 -13.49 16.26 -1.86
N ARG A 1120 -14.29 16.11 -2.91
CA ARG A 1120 -14.73 17.19 -3.76
C ARG A 1120 -15.49 18.24 -2.99
N LYS A 1121 -15.22 19.50 -3.33
CA LYS A 1121 -15.88 20.64 -2.71
C LYS A 1121 -17.33 20.79 -3.22
N PRO A 1122 -18.17 21.54 -2.46
CA PRO A 1122 -19.58 21.72 -2.81
C PRO A 1122 -19.97 21.68 -4.29
N GLY A 1123 -20.82 20.68 -4.59
CA GLY A 1123 -21.42 20.40 -5.90
C GLY A 1123 -20.49 20.44 -7.09
N MET A 1124 -19.43 19.59 -7.08
CA MET A 1124 -18.51 19.61 -8.23
C MET A 1124 -18.40 18.28 -8.93
N GLU A 1125 -18.52 18.36 -10.25
CA GLU A 1125 -18.39 17.30 -11.25
C GLU A 1125 -17.34 17.85 -12.24
N GLU A 1126 -16.60 18.88 -11.79
CA GLU A 1126 -15.55 19.59 -12.53
C GLU A 1126 -14.34 18.71 -12.81
N GLU A 1127 -13.50 19.11 -13.78
CA GLU A 1127 -12.28 18.40 -14.16
C GLU A 1127 -11.18 19.41 -14.38
N ASP A 1128 -9.98 19.18 -13.79
CA ASP A 1128 -8.83 20.07 -13.89
C ASP A 1128 -8.36 20.26 -15.30
N VAL A 1129 -8.22 19.13 -15.98
CA VAL A 1129 -7.79 18.98 -17.36
C VAL A 1129 -8.58 19.94 -18.33
N LEU A 1130 -9.86 20.26 -18.04
CA LEU A 1130 -10.59 21.22 -18.88
C LEU A 1130 -10.83 22.55 -18.14
N GLU A 1131 -10.54 23.67 -18.82
CA GLU A 1131 -10.67 25.06 -18.35
C GLU A 1131 -12.10 25.46 -17.88
N PRO A 1132 -12.27 26.46 -16.98
CA PRO A 1132 -13.64 26.83 -16.54
C PRO A 1132 -14.43 27.59 -17.62
N SER A 1171 5.87 34.12 -19.80
CA SER A 1171 7.17 34.59 -19.33
C SER A 1171 7.50 34.05 -17.91
N VAL A 1172 6.55 33.34 -17.27
CA VAL A 1172 6.66 32.76 -15.93
C VAL A 1172 7.84 31.77 -15.87
N SER A 1173 7.78 30.75 -16.72
CA SER A 1173 8.78 29.69 -16.85
C SER A 1173 10.09 30.29 -17.27
N LYS A 1174 10.05 31.24 -18.21
CA LYS A 1174 11.23 31.93 -18.73
C LYS A 1174 11.98 32.62 -17.60
N THR A 1175 11.26 33.41 -16.78
CA THR A 1175 11.81 34.13 -15.63
C THR A 1175 12.46 33.18 -14.64
N GLU A 1176 11.75 32.10 -14.31
CA GLU A 1176 12.22 31.10 -13.34
C GLU A 1176 13.39 30.31 -13.86
N HIS A 1177 13.33 29.91 -15.13
CA HIS A 1177 14.29 29.03 -15.76
C HIS A 1177 15.12 29.72 -16.82
N ALA A 1178 14.62 29.76 -18.07
CA ALA A 1178 15.33 30.37 -19.19
C ALA A 1178 14.43 30.57 -20.39
N GLU A 1179 14.93 31.29 -21.40
CA GLU A 1179 14.19 31.54 -22.63
C GLU A 1179 13.93 30.22 -23.30
N ILE A 1180 14.97 29.39 -23.34
CA ILE A 1180 14.96 28.07 -23.96
C ILE A 1180 15.21 27.00 -22.91
N ASN A 1181 14.42 25.94 -22.95
CA ASN A 1181 14.63 24.81 -22.06
C ASN A 1181 14.84 23.57 -22.91
N ILE A 1182 16.07 23.03 -22.88
CA ILE A 1182 16.47 21.83 -23.64
C ILE A 1182 16.85 20.72 -22.66
N PHE A 1183 16.39 19.50 -22.91
CA PHE A 1183 16.73 18.36 -22.06
C PHE A 1183 17.34 17.23 -22.87
N SER A 1184 18.24 16.44 -22.26
CA SER A 1184 18.94 15.34 -22.94
C SER A 1184 19.44 14.27 -22.00
N VAL A 1185 20.05 13.19 -22.58
CA VAL A 1185 20.61 12.02 -21.91
C VAL A 1185 21.79 11.42 -22.71
N ALA A 1186 22.83 10.94 -22.02
CA ALA A 1186 24.02 10.34 -22.61
C ALA A 1186 24.45 9.16 -21.75
N SER A 1187 24.79 8.04 -22.39
CA SER A 1187 25.13 6.81 -21.67
C SER A 1187 26.56 6.28 -21.94
N GLY A 1188 27.52 7.17 -21.96
CA GLY A 1188 28.91 6.80 -22.21
C GLY A 1188 29.83 7.99 -22.30
N HIS A 1189 31.15 7.79 -22.16
CA HIS A 1189 32.13 8.89 -22.21
C HIS A 1189 32.13 9.58 -23.53
N LEU A 1190 31.90 8.80 -24.60
CA LEU A 1190 31.82 9.36 -25.95
C LEU A 1190 30.56 10.21 -26.07
N TYR A 1191 29.41 9.62 -25.73
CA TYR A 1191 28.12 10.29 -25.80
C TYR A 1191 28.02 11.51 -24.90
N GLU A 1192 28.82 11.55 -23.81
CA GLU A 1192 28.88 12.69 -22.91
C GLU A 1192 29.76 13.76 -23.52
N ARG A 1193 30.82 13.33 -24.25
CA ARG A 1193 31.74 14.20 -24.96
C ARG A 1193 30.98 14.88 -26.08
N MET A 1194 30.08 14.13 -26.75
CA MET A 1194 29.26 14.61 -27.85
C MET A 1194 28.17 15.57 -27.37
N LEU A 1195 27.68 15.35 -26.14
CA LEU A 1195 26.66 16.14 -25.47
C LEU A 1195 27.21 17.54 -25.15
N ASN A 1196 28.52 17.61 -24.80
CA ASN A 1196 29.24 18.84 -24.51
C ASN A 1196 29.25 19.70 -25.77
N ILE A 1197 29.47 19.05 -26.94
CA ILE A 1197 29.51 19.68 -28.25
C ILE A 1197 28.13 20.21 -28.62
N MET A 1198 27.09 19.39 -28.39
CA MET A 1198 25.71 19.76 -28.68
C MET A 1198 25.31 21.06 -27.97
N MET A 1199 25.61 21.16 -26.66
CA MET A 1199 25.29 22.34 -25.85
C MET A 1199 26.01 23.58 -26.37
N ALA A 1200 27.28 23.43 -26.74
CA ALA A 1200 28.11 24.51 -27.26
C ALA A 1200 27.57 25.04 -28.58
N SER A 1201 27.16 24.14 -29.49
CA SER A 1201 26.61 24.52 -30.79
C SER A 1201 25.37 25.40 -30.64
N VAL A 1202 24.48 25.07 -29.69
CA VAL A 1202 23.29 25.84 -29.36
C VAL A 1202 23.72 27.27 -29.00
N MET A 1203 24.62 27.39 -27.99
CA MET A 1203 25.16 28.63 -27.42
C MET A 1203 25.73 29.58 -28.44
N HIS A 1204 26.58 29.07 -29.35
CA HIS A 1204 27.17 29.89 -30.41
C HIS A 1204 26.10 30.39 -31.37
N HIS A 1205 25.01 29.62 -31.50
CA HIS A 1205 23.95 29.85 -32.46
C HIS A 1205 22.74 30.59 -31.91
N THR A 1206 22.78 31.09 -30.65
CA THR A 1206 21.70 31.91 -30.07
C THR A 1206 22.15 32.94 -29.04
N ASN A 1207 21.72 34.21 -29.17
CA ASN A 1207 21.99 35.10 -28.04
C ASN A 1207 20.67 35.27 -27.35
N HIS A 1208 20.31 34.20 -26.67
CA HIS A 1208 19.12 34.06 -25.87
C HIS A 1208 19.48 33.32 -24.61
N THR A 1209 18.58 33.28 -23.63
CA THR A 1209 18.90 32.57 -22.38
C THR A 1209 18.46 31.11 -22.49
N VAL A 1210 19.40 30.19 -22.21
CA VAL A 1210 19.20 28.74 -22.33
C VAL A 1210 19.42 28.04 -21.00
N LYS A 1211 18.55 27.07 -20.68
CA LYS A 1211 18.65 26.22 -19.51
C LYS A 1211 18.69 24.78 -20.01
N PHE A 1212 19.65 23.99 -19.51
CA PHE A 1212 19.80 22.60 -19.90
C PHE A 1212 19.35 21.68 -18.78
N TRP A 1213 18.62 20.62 -19.15
CA TRP A 1213 18.06 19.64 -18.21
C TRP A 1213 18.61 18.27 -18.51
N PHE A 1214 19.05 17.56 -17.50
CA PHE A 1214 19.64 16.24 -17.71
C PHE A 1214 19.02 15.16 -16.89
N ILE A 1215 18.99 13.93 -17.44
CA ILE A 1215 18.53 12.75 -16.71
C ILE A 1215 19.76 12.27 -15.90
N GLU A 1216 19.81 12.78 -14.67
CA GLU A 1216 20.80 12.67 -13.63
C GLU A 1216 21.56 11.33 -13.52
N GLN A 1217 20.83 10.19 -13.39
CA GLN A 1217 21.41 8.87 -13.09
C GLN A 1217 22.15 8.15 -14.23
N PHE A 1218 22.02 8.61 -15.47
CA PHE A 1218 22.72 7.96 -16.59
C PHE A 1218 24.06 8.60 -16.92
N LEU A 1219 24.41 9.69 -16.20
CA LEU A 1219 25.61 10.50 -16.41
C LEU A 1219 26.77 10.14 -15.48
N SER A 1220 28.00 10.30 -15.97
CA SER A 1220 29.22 10.00 -15.23
C SER A 1220 29.55 11.10 -14.23
N PRO A 1221 30.27 10.78 -13.14
CA PRO A 1221 30.68 11.82 -12.18
C PRO A 1221 31.65 12.80 -12.81
N SER A 1222 32.44 12.34 -13.78
CA SER A 1222 33.41 13.15 -14.53
C SER A 1222 32.65 14.25 -15.25
N PHE A 1223 31.50 13.89 -15.86
CA PHE A 1223 30.61 14.81 -16.55
C PHE A 1223 29.96 15.73 -15.54
N LYS A 1224 29.45 15.16 -14.45
CA LYS A 1224 28.77 15.85 -13.36
C LYS A 1224 29.64 16.95 -12.72
N ASP A 1225 30.94 16.65 -12.50
CA ASP A 1225 31.90 17.56 -11.90
C ASP A 1225 32.33 18.64 -12.89
N PHE A 1226 32.13 18.39 -14.18
CA PHE A 1226 32.57 19.30 -15.22
C PHE A 1226 31.60 20.45 -15.56
N ILE A 1227 30.29 20.20 -15.69
CA ILE A 1227 29.27 21.18 -16.11
C ILE A 1227 29.34 22.57 -15.45
N PRO A 1228 29.54 22.80 -14.11
CA PRO A 1228 29.60 24.20 -13.64
C PRO A 1228 30.58 25.06 -14.44
N HIS A 1229 31.70 24.43 -14.86
CA HIS A 1229 32.75 25.02 -15.68
C HIS A 1229 32.27 25.30 -17.09
N MET A 1230 31.39 24.43 -17.65
CA MET A 1230 30.77 24.65 -18.97
C MET A 1230 29.77 25.79 -18.85
N ALA A 1231 29.01 25.83 -17.73
CA ALA A 1231 28.00 26.86 -17.43
C ALA A 1231 28.61 28.24 -17.26
N ALA A 1232 29.83 28.34 -16.69
CA ALA A 1232 30.53 29.60 -16.51
C ALA A 1232 30.97 30.13 -17.86
N GLU A 1233 31.55 29.27 -18.70
CA GLU A 1233 32.07 29.58 -20.02
C GLU A 1233 31.02 29.94 -21.05
N TYR A 1234 29.96 29.12 -21.15
CA TYR A 1234 28.93 29.29 -22.18
C TYR A 1234 27.74 30.11 -21.74
N GLY A 1235 27.62 30.35 -20.44
CA GLY A 1235 26.57 31.20 -19.87
C GLY A 1235 25.17 30.64 -19.96
N PHE A 1236 25.00 29.43 -19.46
CA PHE A 1236 23.69 28.80 -19.40
C PHE A 1236 23.42 28.34 -17.95
N LYS A 1237 22.19 27.92 -17.69
CA LYS A 1237 21.81 27.40 -16.40
C LYS A 1237 21.53 25.93 -16.61
N TYR A 1238 21.74 25.10 -15.60
CA TYR A 1238 21.47 23.67 -15.73
C TYR A 1238 20.76 23.14 -14.50
N GLU A 1239 19.98 22.06 -14.68
CA GLU A 1239 19.31 21.39 -13.57
C GLU A 1239 19.24 19.90 -13.81
N MET A 1240 19.55 19.13 -12.76
CA MET A 1240 19.52 17.66 -12.78
C MET A 1240 18.14 17.20 -12.37
N VAL A 1241 17.52 16.36 -13.20
CA VAL A 1241 16.20 15.83 -12.96
C VAL A 1241 16.22 14.31 -13.09
N THR A 1242 15.25 13.69 -12.42
CA THR A 1242 15.02 12.25 -12.43
C THR A 1242 13.67 11.92 -11.81
N TYR A 1243 13.23 10.69 -12.02
CA TYR A 1243 12.00 10.15 -11.50
C TYR A 1243 12.26 8.68 -11.35
N LYS A 1244 11.69 8.03 -10.31
CA LYS A 1244 11.88 6.61 -10.16
C LYS A 1244 10.79 5.88 -10.84
N TRP A 1245 11.18 4.91 -11.67
CA TRP A 1245 10.28 4.05 -12.41
C TRP A 1245 9.29 3.39 -11.45
N PRO A 1246 7.99 3.74 -11.59
CA PRO A 1246 6.96 3.19 -10.71
C PRO A 1246 6.94 1.66 -10.60
N HIS A 1247 6.53 1.17 -9.44
CA HIS A 1247 6.48 -0.25 -9.15
C HIS A 1247 5.49 -0.97 -10.05
N TRP A 1248 4.35 -0.33 -10.33
CA TRP A 1248 3.27 -0.87 -11.15
C TRP A 1248 3.63 -0.90 -12.61
N LEU A 1249 4.34 0.13 -13.06
CA LEU A 1249 4.77 0.28 -14.44
C LEU A 1249 5.80 -0.77 -14.79
N ARG A 1250 5.69 -1.35 -16.01
CA ARG A 1250 6.52 -2.45 -16.48
C ARG A 1250 7.96 -2.04 -16.73
N GLN A 1251 8.88 -2.77 -16.09
CA GLN A 1251 10.33 -2.59 -16.12
C GLN A 1251 10.97 -2.86 -17.47
N GLN A 1252 12.23 -2.41 -17.60
CA GLN A 1252 13.08 -2.68 -18.74
C GLN A 1252 14.38 -3.29 -18.26
N LYS A 1253 14.58 -4.60 -18.55
CA LYS A 1253 15.77 -5.35 -18.15
C LYS A 1253 16.99 -4.81 -18.90
N GLU A 1254 16.77 -4.28 -20.11
CA GLU A 1254 17.80 -3.76 -21.01
C GLU A 1254 17.95 -2.24 -20.85
N LYS A 1255 19.11 -1.78 -20.33
CA LYS A 1255 19.42 -0.37 -20.03
C LYS A 1255 19.12 0.62 -21.14
N GLN A 1256 19.47 0.29 -22.39
CA GLN A 1256 19.20 1.18 -23.53
C GLN A 1256 17.70 1.47 -23.64
N ARG A 1257 16.86 0.47 -23.37
CA ARG A 1257 15.42 0.56 -23.41
C ARG A 1257 14.94 1.42 -22.25
N GLU A 1258 15.60 1.34 -21.06
CA GLU A 1258 15.26 2.16 -19.89
C GLU A 1258 15.33 3.62 -20.27
N ILE A 1259 16.49 4.01 -20.84
CA ILE A 1259 16.83 5.37 -21.30
C ILE A 1259 15.74 5.92 -22.20
N TRP A 1260 15.32 5.13 -23.21
CA TRP A 1260 14.27 5.49 -24.16
C TRP A 1260 12.95 5.77 -23.45
N GLY A 1261 12.62 4.94 -22.46
CA GLY A 1261 11.43 5.07 -21.65
C GLY A 1261 11.41 6.36 -20.87
N TYR A 1262 12.61 6.80 -20.40
CA TYR A 1262 12.78 8.04 -19.65
C TYR A 1262 12.47 9.28 -20.46
N LYS A 1263 12.66 9.22 -21.78
CA LYS A 1263 12.42 10.35 -22.65
C LYS A 1263 10.95 10.54 -22.94
N ILE A 1264 10.15 9.48 -22.90
CA ILE A 1264 8.77 9.56 -23.33
C ILE A 1264 7.71 9.35 -22.22
N LEU A 1265 7.94 8.39 -21.30
CA LEU A 1265 6.96 8.00 -20.29
C LEU A 1265 6.72 9.00 -19.15
N PHE A 1266 7.73 9.79 -18.73
CA PHE A 1266 7.57 10.65 -17.57
C PHE A 1266 7.65 12.14 -17.81
N LEU A 1267 7.32 12.60 -19.03
CA LEU A 1267 7.44 14.02 -19.43
C LEU A 1267 6.67 15.01 -18.53
N ASP A 1268 5.49 14.63 -18.11
CA ASP A 1268 4.61 15.43 -17.27
C ASP A 1268 5.07 15.54 -15.81
N VAL A 1269 5.77 14.51 -15.31
CA VAL A 1269 6.21 14.43 -13.91
C VAL A 1269 7.73 14.64 -13.67
N LEU A 1270 8.55 14.54 -14.72
CA LEU A 1270 10.00 14.70 -14.63
C LEU A 1270 10.42 16.15 -14.42
N PHE A 1271 9.62 17.11 -14.94
CA PHE A 1271 9.91 18.54 -14.88
C PHE A 1271 8.96 19.30 -13.95
N PRO A 1272 9.48 20.32 -13.23
CA PRO A 1272 8.60 21.11 -12.34
C PRO A 1272 7.45 21.78 -13.07
N LEU A 1273 6.30 21.90 -12.38
CA LEU A 1273 5.06 22.49 -12.90
C LEU A 1273 5.26 23.87 -13.46
N SER A 1274 6.19 24.64 -12.86
CA SER A 1274 6.54 26.00 -13.25
C SER A 1274 7.06 26.10 -14.70
N LEU A 1275 7.46 24.97 -15.30
CA LEU A 1275 7.98 24.91 -16.67
C LEU A 1275 6.86 24.80 -17.72
N ASP A 1276 6.76 25.83 -18.58
CA ASP A 1276 5.77 25.88 -19.65
C ASP A 1276 6.06 24.85 -20.74
N LYS A 1277 7.30 24.75 -21.21
CA LYS A 1277 7.67 23.89 -22.33
C LYS A 1277 9.12 23.43 -22.26
N VAL A 1278 9.47 22.31 -22.94
CA VAL A 1278 10.81 21.74 -23.02
C VAL A 1278 11.07 21.15 -24.40
N ILE A 1279 12.36 21.04 -24.78
CA ILE A 1279 12.81 20.52 -26.08
C ILE A 1279 13.84 19.41 -25.87
N PHE A 1280 13.67 18.26 -26.52
CA PHE A 1280 14.66 17.19 -26.44
C PHE A 1280 15.57 17.25 -27.63
N VAL A 1281 16.88 17.21 -27.39
CA VAL A 1281 17.91 17.20 -28.42
C VAL A 1281 18.83 16.02 -28.08
N ASP A 1282 19.07 15.11 -29.04
CA ASP A 1282 19.91 13.94 -28.81
C ASP A 1282 21.38 14.34 -28.60
N ALA A 1283 22.11 13.54 -27.81
CA ALA A 1283 23.52 13.77 -27.51
C ALA A 1283 24.41 13.90 -28.72
N ASP A 1284 24.24 13.04 -29.72
CA ASP A 1284 25.05 13.03 -30.93
C ASP A 1284 24.74 14.22 -31.88
N GLN A 1285 23.65 14.95 -31.61
CA GLN A 1285 23.23 16.07 -32.43
C GLN A 1285 24.09 17.29 -32.34
N ILE A 1286 23.96 18.16 -33.35
CA ILE A 1286 24.64 19.44 -33.52
C ILE A 1286 23.60 20.41 -34.10
N VAL A 1287 23.53 21.62 -33.54
CA VAL A 1287 22.52 22.59 -33.98
C VAL A 1287 23.18 23.86 -34.47
N ARG A 1288 22.77 24.32 -35.68
CA ARG A 1288 23.21 25.52 -36.35
C ARG A 1288 22.17 26.67 -36.25
N THR A 1289 20.98 26.33 -35.77
CA THR A 1289 19.83 27.20 -35.57
C THR A 1289 19.81 27.90 -34.22
N ASP A 1290 19.18 29.10 -34.16
CA ASP A 1290 18.84 29.77 -32.91
C ASP A 1290 17.61 28.96 -32.50
N MET A 1291 17.72 28.22 -31.41
CA MET A 1291 16.73 27.25 -30.97
C MET A 1291 15.37 27.79 -30.56
N TYR A 1292 15.24 29.11 -30.33
CA TYR A 1292 13.98 29.71 -29.93
C TYR A 1292 12.94 29.35 -30.94
N ASP A 1293 13.24 29.53 -32.21
CA ASP A 1293 12.34 29.23 -33.32
C ASP A 1293 11.46 28.03 -33.06
N LEU A 1294 12.01 26.96 -32.46
CA LEU A 1294 11.25 25.76 -32.09
C LEU A 1294 10.15 26.04 -31.07
N VAL A 1295 10.42 26.88 -30.10
CA VAL A 1295 9.45 27.34 -29.12
C VAL A 1295 8.28 28.07 -29.84
N GLU A 1296 8.60 29.13 -30.61
CA GLU A 1296 7.64 29.94 -31.36
C GLU A 1296 6.85 29.16 -32.40
N HIS A 1297 7.31 27.95 -32.79
CA HIS A 1297 6.62 27.12 -33.77
C HIS A 1297 5.21 26.81 -33.31
N PRO A 1298 4.20 27.16 -34.14
CA PRO A 1298 2.80 26.88 -33.76
C PRO A 1298 2.56 25.37 -33.71
N LEU A 1299 1.96 24.89 -32.61
CA LEU A 1299 1.71 23.47 -32.49
C LEU A 1299 0.26 23.10 -32.77
N ASP A 1300 -0.57 24.12 -33.02
CA ASP A 1300 -1.99 24.03 -33.35
C ASP A 1300 -2.73 23.03 -32.44
N GLY A 1301 -2.71 23.37 -31.16
CA GLY A 1301 -3.38 22.60 -30.12
C GLY A 1301 -2.84 21.21 -29.85
N ALA A 1302 -1.62 20.91 -30.29
CA ALA A 1302 -1.01 19.61 -30.07
C ALA A 1302 -0.05 19.64 -28.88
N PRO A 1303 0.04 18.54 -28.08
CA PRO A 1303 0.93 18.53 -26.90
C PRO A 1303 2.41 18.51 -27.20
N TYR A 1304 2.82 17.83 -28.29
CA TYR A 1304 4.23 17.73 -28.65
C TYR A 1304 4.44 17.68 -30.15
N GLY A 1305 5.61 18.15 -30.60
CA GLY A 1305 5.96 18.21 -32.01
C GLY A 1305 7.21 17.44 -32.37
N PHE A 1306 7.15 16.66 -33.46
CA PHE A 1306 8.26 15.84 -33.96
C PHE A 1306 8.58 16.14 -35.42
N ALA A 1307 9.78 15.71 -35.88
CA ALA A 1307 10.22 15.85 -37.27
C ALA A 1307 10.18 14.50 -38.01
N PRO A 1308 9.76 14.44 -39.30
CA PRO A 1308 9.68 13.15 -39.97
C PRO A 1308 10.98 12.58 -40.54
N MET A 1309 10.90 11.35 -41.06
CA MET A 1309 12.01 10.66 -41.71
C MET A 1309 12.21 11.18 -43.12
N CYS A 1310 13.47 11.39 -43.50
CA CYS A 1310 13.89 11.89 -44.82
C CYS A 1310 13.55 10.95 -45.93
N ASP A 1311 13.03 11.48 -47.02
CA ASP A 1311 12.70 10.71 -48.21
C ASP A 1311 13.68 11.04 -49.35
N SER A 1312 14.33 12.19 -49.20
CA SER A 1312 15.24 12.85 -50.12
C SER A 1312 16.36 11.96 -50.69
N ARG A 1313 17.07 11.14 -49.85
CA ARG A 1313 18.10 10.22 -50.38
C ARG A 1313 17.42 9.28 -51.35
N VAL A 1314 18.00 9.14 -52.54
CA VAL A 1314 17.49 8.46 -53.71
C VAL A 1314 17.49 6.91 -53.65
N GLU A 1315 18.66 6.31 -53.43
CA GLU A 1315 19.02 4.90 -53.46
C GLU A 1315 18.99 4.20 -52.10
N MET A 1316 18.46 4.86 -51.07
CA MET A 1316 18.45 4.29 -49.74
C MET A 1316 17.26 3.38 -49.44
N GLU A 1317 16.17 3.49 -50.22
CA GLU A 1317 14.85 2.84 -50.07
C GLU A 1317 14.80 1.47 -49.36
N GLY A 1318 15.66 0.53 -49.75
CA GLY A 1318 15.72 -0.81 -49.18
C GLY A 1318 15.60 -0.86 -47.68
N TYR A 1319 16.38 -0.03 -46.99
CA TYR A 1319 16.40 0.03 -45.53
C TYR A 1319 15.33 0.94 -44.90
N ARG A 1320 14.38 1.45 -45.72
CA ARG A 1320 13.28 2.28 -45.21
C ARG A 1320 12.15 1.34 -44.83
N PHE A 1321 12.15 0.87 -43.58
CA PHE A 1321 11.21 -0.12 -43.06
C PHE A 1321 9.81 0.43 -42.73
N TRP A 1322 9.61 1.74 -42.79
CA TRP A 1322 8.33 2.33 -42.45
C TRP A 1322 7.44 2.56 -43.67
N LYS A 1323 7.71 1.80 -44.73
CA LYS A 1323 6.95 1.80 -45.98
C LYS A 1323 6.50 0.35 -46.21
N THR A 1324 6.75 -0.50 -45.20
CA THR A 1324 6.42 -1.93 -45.20
C THR A 1324 4.96 -2.11 -44.75
N GLY A 1325 4.48 -3.35 -44.82
CA GLY A 1325 3.15 -3.73 -44.42
C GLY A 1325 2.76 -3.19 -43.07
N TYR A 1326 3.40 -3.64 -41.97
CA TYR A 1326 3.01 -3.18 -40.63
C TYR A 1326 3.00 -1.67 -40.45
N TRP A 1327 4.11 -0.99 -40.76
CA TRP A 1327 4.11 0.44 -40.50
C TRP A 1327 3.23 1.22 -41.48
N ALA A 1328 3.19 0.85 -42.76
CA ALA A 1328 2.33 1.54 -43.74
C ALA A 1328 0.84 1.23 -43.55
N ASN A 1329 0.46 0.00 -43.11
CA ASN A 1329 -0.95 -0.33 -42.83
C ASN A 1329 -1.40 0.53 -41.66
N TYR A 1330 -0.64 0.49 -40.54
CA TYR A 1330 -0.94 1.26 -39.34
C TYR A 1330 -0.93 2.77 -39.61
N LEU A 1331 0.20 3.34 -40.07
CA LEU A 1331 0.30 4.77 -40.38
C LEU A 1331 -0.36 4.93 -41.74
N LYS A 1332 -1.69 5.00 -41.73
CA LYS A 1332 -2.48 5.08 -42.95
C LYS A 1332 -1.97 6.18 -43.87
N GLY A 1333 -1.92 7.41 -43.36
CA GLY A 1333 -1.39 8.55 -44.10
C GLY A 1333 -0.35 9.31 -43.31
N LYS A 1334 -0.33 9.07 -41.99
CA LYS A 1334 0.56 9.77 -41.07
C LYS A 1334 2.04 9.39 -41.20
N PRO A 1335 2.92 10.36 -40.86
CA PRO A 1335 4.36 10.13 -41.00
C PRO A 1335 5.01 9.24 -39.93
N TYR A 1336 6.20 8.73 -40.28
CA TYR A 1336 7.04 7.94 -39.39
C TYR A 1336 8.08 8.92 -38.86
N HIS A 1337 7.91 9.32 -37.58
CA HIS A 1337 8.66 10.36 -36.88
C HIS A 1337 9.96 9.93 -36.21
N ILE A 1338 10.84 10.92 -35.96
CA ILE A 1338 12.16 10.74 -35.35
C ILE A 1338 12.21 11.32 -33.95
N SER A 1339 12.67 10.50 -32.98
CA SER A 1339 12.79 10.86 -31.58
C SER A 1339 14.12 11.48 -31.16
N ALA A 1340 14.93 11.92 -32.13
CA ALA A 1340 16.19 12.59 -31.85
C ALA A 1340 15.94 14.03 -31.41
N LEU A 1341 14.86 14.64 -31.93
CA LEU A 1341 14.47 16.01 -31.63
C LEU A 1341 12.96 16.15 -31.59
N TYR A 1342 12.44 16.84 -30.55
CA TYR A 1342 11.02 17.12 -30.36
C TYR A 1342 10.71 18.19 -29.32
N VAL A 1343 9.53 18.84 -29.44
CA VAL A 1343 9.05 19.88 -28.52
C VAL A 1343 7.93 19.31 -27.72
N VAL A 1344 7.86 19.68 -26.43
CA VAL A 1344 6.75 19.29 -25.60
C VAL A 1344 6.16 20.56 -25.00
N ASP A 1345 4.92 20.93 -25.39
CA ASP A 1345 4.21 22.06 -24.78
C ASP A 1345 3.66 21.42 -23.51
N LEU A 1346 4.50 21.42 -22.46
CA LEU A 1346 4.23 20.77 -21.19
C LEU A 1346 2.91 21.15 -20.56
N GLN A 1347 2.53 22.46 -20.54
CA GLN A 1347 1.26 22.91 -19.96
C GLN A 1347 0.10 22.19 -20.64
N ARG A 1348 0.15 22.09 -21.99
CA ARG A 1348 -0.86 21.39 -22.78
C ARG A 1348 -0.74 19.88 -22.54
N PHE A 1349 0.48 19.34 -22.54
CA PHE A 1349 0.74 17.92 -22.33
C PHE A 1349 0.00 17.42 -21.10
N ARG A 1350 0.22 18.08 -19.94
CA ARG A 1350 -0.41 17.75 -18.68
C ARG A 1350 -1.90 17.97 -18.76
N GLU A 1351 -2.34 19.08 -19.39
CA GLU A 1351 -3.75 19.44 -19.60
C GLU A 1351 -4.48 18.36 -20.41
N LEU A 1352 -3.81 17.77 -21.38
CA LEU A 1352 -4.42 16.73 -22.20
C LEU A 1352 -4.31 15.37 -21.49
N ALA A 1353 -3.44 15.28 -20.43
CA ALA A 1353 -3.12 14.09 -19.63
C ALA A 1353 -2.62 13.02 -20.59
N ALA A 1354 -1.66 13.42 -21.42
CA ALA A 1354 -1.08 12.59 -22.45
C ALA A 1354 -0.23 11.48 -21.85
N GLY A 1355 0.51 11.82 -20.79
CA GLY A 1355 1.40 10.91 -20.09
C GLY A 1355 0.75 9.61 -19.67
N ASP A 1356 -0.42 9.70 -19.01
CA ASP A 1356 -1.18 8.57 -18.54
C ASP A 1356 -1.47 7.58 -19.64
N ARG A 1357 -1.81 8.11 -20.82
CA ARG A 1357 -2.14 7.33 -22.00
C ARG A 1357 -0.91 6.64 -22.54
N LEU A 1358 0.22 7.37 -22.60
CA LEU A 1358 1.50 6.81 -23.05
C LEU A 1358 1.87 5.64 -22.16
N ARG A 1359 1.85 5.87 -20.85
CA ARG A 1359 2.15 4.86 -19.84
C ARG A 1359 1.27 3.61 -19.92
N GLN A 1360 -0.08 3.76 -20.01
CA GLN A 1360 -0.94 2.57 -20.07
C GLN A 1360 -0.84 1.84 -21.40
N GLN A 1361 -0.64 2.57 -22.52
CA GLN A 1361 -0.46 1.91 -23.81
C GLN A 1361 0.85 1.16 -23.81
N TYR A 1362 1.92 1.76 -23.26
CA TYR A 1362 3.22 1.12 -23.13
C TYR A 1362 3.12 -0.18 -22.33
N HIS A 1363 2.48 -0.11 -21.15
CA HIS A 1363 2.32 -1.26 -20.27
C HIS A 1363 1.57 -2.38 -20.97
N ALA A 1364 0.49 -2.04 -21.70
CA ALA A 1364 -0.34 -2.97 -22.45
C ALA A 1364 0.39 -3.60 -23.63
N LEU A 1365 1.16 -2.78 -24.41
CA LEU A 1365 1.93 -3.21 -25.57
C LEU A 1365 3.12 -4.06 -25.20
N SER A 1366 3.76 -3.71 -24.08
CA SER A 1366 4.97 -4.31 -23.53
C SER A 1366 4.87 -5.80 -23.14
N ALA A 1367 3.65 -6.35 -23.05
CA ALA A 1367 3.42 -7.76 -22.73
C ALA A 1367 4.13 -8.62 -23.77
N ASP A 1368 4.08 -8.19 -25.04
CA ASP A 1368 4.77 -8.84 -26.14
C ASP A 1368 6.20 -8.31 -26.12
N PRO A 1369 7.22 -9.17 -26.03
CA PRO A 1369 8.60 -8.66 -25.99
C PRO A 1369 9.10 -7.94 -27.26
N ASN A 1370 8.61 -8.37 -28.44
CA ASN A 1370 9.04 -7.82 -29.75
C ASN A 1370 8.21 -6.61 -30.21
N SER A 1371 7.38 -6.05 -29.32
CA SER A 1371 6.43 -4.95 -29.50
C SER A 1371 6.99 -3.62 -29.98
N LEU A 1372 8.00 -3.06 -29.28
CA LEU A 1372 8.57 -1.77 -29.63
C LEU A 1372 10.06 -1.90 -29.83
N ALA A 1373 10.51 -1.85 -31.10
CA ALA A 1373 11.92 -1.97 -31.44
C ALA A 1373 12.67 -0.82 -30.77
N ASN A 1374 12.22 0.41 -31.05
CA ASN A 1374 12.74 1.63 -30.45
C ASN A 1374 11.49 2.26 -29.90
N LEU A 1375 11.23 2.10 -28.58
CA LEU A 1375 9.99 2.58 -27.99
C LEU A 1375 9.81 4.08 -28.13
N ASP A 1376 10.86 4.86 -27.85
CA ASP A 1376 10.83 6.31 -27.93
C ASP A 1376 10.20 6.80 -29.24
N GLN A 1377 10.59 6.21 -30.40
CA GLN A 1377 10.02 6.57 -31.69
C GLN A 1377 8.67 5.96 -31.87
N ASP A 1378 8.56 4.66 -31.56
CA ASP A 1378 7.35 3.89 -31.79
C ASP A 1378 6.16 4.27 -30.93
N LEU A 1379 6.35 4.73 -29.69
CA LEU A 1379 5.22 5.10 -28.85
C LEU A 1379 4.50 6.33 -29.40
N PRO A 1380 5.16 7.49 -29.64
CA PRO A 1380 4.43 8.62 -30.23
C PRO A 1380 3.77 8.30 -31.58
N ASN A 1381 4.42 7.45 -32.42
CA ASN A 1381 3.85 7.05 -33.71
C ASN A 1381 2.60 6.21 -33.56
N HIS A 1382 2.59 5.27 -32.60
CA HIS A 1382 1.44 4.41 -32.31
C HIS A 1382 0.30 5.22 -31.68
N MET A 1383 0.63 6.32 -31.00
CA MET A 1383 -0.35 7.15 -30.31
C MET A 1383 -0.74 8.40 -31.10
N GLN A 1384 -0.30 8.58 -32.37
CA GLN A 1384 -0.62 9.82 -33.09
C GLN A 1384 -2.10 9.93 -33.54
N PHE A 1385 -2.83 8.82 -33.53
CA PHE A 1385 -4.26 8.84 -33.82
C PHE A 1385 -5.00 9.38 -32.60
N THR A 1386 -4.66 8.82 -31.43
CA THR A 1386 -5.19 9.12 -30.10
C THR A 1386 -4.69 10.49 -29.54
N ILE A 1387 -3.38 10.76 -29.65
CA ILE A 1387 -2.72 11.98 -29.20
C ILE A 1387 -2.12 12.68 -30.41
N PRO A 1388 -2.56 13.92 -30.68
CA PRO A 1388 -2.00 14.65 -31.84
C PRO A 1388 -0.50 14.88 -31.76
N ILE A 1389 0.18 14.74 -32.90
CA ILE A 1389 1.59 15.04 -33.02
C ILE A 1389 1.67 16.11 -34.06
N ALA A 1390 2.20 17.26 -33.67
CA ALA A 1390 2.45 18.37 -34.59
C ALA A 1390 3.68 17.92 -35.39
N THR A 1391 3.59 18.00 -36.73
CA THR A 1391 4.70 17.59 -37.58
C THR A 1391 5.49 18.82 -37.91
N LEU A 1392 6.79 18.63 -37.85
CA LEU A 1392 7.74 19.69 -38.04
C LEU A 1392 8.27 19.82 -39.43
N PRO A 1393 8.67 21.06 -39.81
CA PRO A 1393 9.38 21.23 -41.09
C PRO A 1393 10.61 20.33 -41.09
N GLN A 1394 10.91 19.68 -42.21
CA GLN A 1394 12.08 18.82 -42.24
C GLN A 1394 13.39 19.60 -42.36
N GLU A 1395 13.30 20.95 -42.35
CA GLU A 1395 14.47 21.82 -42.29
C GLU A 1395 15.06 21.46 -40.93
N TRP A 1396 14.24 20.93 -40.00
CA TRP A 1396 14.62 20.60 -38.63
C TRP A 1396 15.42 19.35 -38.41
N LEU A 1397 15.61 18.49 -39.42
CA LEU A 1397 16.44 17.32 -39.21
C LEU A 1397 17.15 16.87 -40.44
N TRP A 1398 18.43 16.52 -40.27
CA TRP A 1398 19.25 16.04 -41.36
C TRP A 1398 20.05 14.86 -40.90
N CYS A 1399 20.09 13.86 -41.75
CA CYS A 1399 20.91 12.70 -41.56
C CYS A 1399 21.42 12.24 -42.87
N GLU A 1400 22.74 12.08 -43.02
CA GLU A 1400 23.36 11.65 -44.27
C GLU A 1400 22.70 10.40 -44.82
N THR A 1401 22.56 9.36 -43.97
CA THR A 1401 21.96 8.06 -44.27
C THR A 1401 20.65 8.17 -45.05
N TRP A 1402 19.74 9.10 -44.68
CA TRP A 1402 18.43 9.19 -45.33
C TRP A 1402 18.13 10.53 -46.09
N CYS A 1403 18.96 11.58 -45.92
CA CYS A 1403 18.77 12.88 -46.63
C CYS A 1403 19.90 13.11 -47.64
N SER A 1404 19.60 13.72 -48.79
CA SER A 1404 20.60 14.06 -49.82
C SER A 1404 21.56 15.16 -49.35
N ASP A 1405 22.77 15.24 -49.94
CA ASP A 1405 23.77 16.25 -49.60
C ASP A 1405 23.31 17.67 -49.92
N GLU A 1406 22.45 17.81 -50.95
CA GLU A 1406 21.87 19.08 -51.41
C GLU A 1406 20.96 19.67 -50.36
N THR A 1407 20.32 18.79 -49.57
CA THR A 1407 19.39 19.13 -48.50
C THR A 1407 20.05 19.93 -47.33
N LEU A 1408 21.28 19.54 -46.93
CA LEU A 1408 22.00 20.11 -45.79
C LEU A 1408 22.22 21.64 -45.79
N LYS A 1409 22.15 22.32 -46.96
CA LYS A 1409 22.30 23.79 -47.02
C LYS A 1409 21.28 24.46 -46.11
N ASP A 1410 20.02 24.01 -46.21
CA ASP A 1410 18.86 24.50 -45.46
C ASP A 1410 18.60 23.63 -44.19
N ALA A 1411 19.57 22.78 -43.78
CA ALA A 1411 19.39 21.96 -42.58
C ALA A 1411 19.61 22.75 -41.32
N ARG A 1412 18.72 22.57 -40.34
CA ARG A 1412 18.72 23.25 -39.06
C ARG A 1412 19.56 22.51 -38.03
N THR A 1413 19.40 21.17 -37.91
CA THR A 1413 20.16 20.31 -36.97
C THR A 1413 20.46 18.97 -37.63
N ILE A 1414 21.54 18.32 -37.19
CA ILE A 1414 21.99 17.05 -37.75
C ILE A 1414 22.07 15.92 -36.72
N ASP A 1415 21.32 14.83 -36.95
CA ASP A 1415 21.48 13.66 -36.11
C ASP A 1415 22.50 12.80 -36.81
N LEU A 1416 23.27 12.05 -36.04
CA LEU A 1416 24.19 11.09 -36.62
C LEU A 1416 23.48 9.75 -36.52
N CYS A 1417 22.53 9.48 -37.41
CA CYS A 1417 21.82 8.21 -37.35
C CYS A 1417 22.72 7.15 -37.92
N ASN A 1418 22.63 5.97 -37.32
CA ASN A 1418 23.48 4.84 -37.62
C ASN A 1418 23.20 4.33 -39.02
N ASN A 1419 24.25 4.35 -39.86
CA ASN A 1419 24.12 3.87 -41.23
C ASN A 1419 24.21 2.38 -41.10
N PRO A 1420 23.31 1.63 -41.74
CA PRO A 1420 23.41 0.19 -41.61
C PRO A 1420 24.09 -0.43 -42.82
N MET A 1421 24.51 0.40 -43.80
CA MET A 1421 25.24 -0.03 -44.98
C MET A 1421 26.72 0.19 -44.71
N THR A 1422 27.03 0.72 -43.51
CA THR A 1422 28.38 0.95 -43.05
C THR A 1422 28.49 0.51 -41.60
N LYS A 1423 29.73 0.54 -41.17
CA LYS A 1423 30.21 0.30 -39.83
C LYS A 1423 31.11 1.48 -39.47
N GLU A 1424 31.17 2.58 -40.29
CA GLU A 1424 32.00 3.74 -39.94
C GLU A 1424 31.48 4.28 -38.61
N PRO A 1425 32.39 4.52 -37.64
CA PRO A 1425 31.91 4.91 -36.31
C PRO A 1425 31.49 6.35 -36.19
N LYS A 1426 30.75 6.66 -35.10
CA LYS A 1426 30.21 7.98 -34.80
C LYS A 1426 31.28 9.08 -34.78
N LEU A 1427 32.49 8.78 -34.24
CA LEU A 1427 33.59 9.76 -34.23
C LEU A 1427 33.99 10.17 -35.65
N ASP A 1428 34.00 9.21 -36.58
CA ASP A 1428 34.33 9.44 -37.97
C ASP A 1428 33.30 10.26 -38.71
N ARG A 1429 32.00 9.97 -38.51
CA ARG A 1429 30.91 10.72 -39.17
C ARG A 1429 30.98 12.18 -38.81
N ALA A 1430 31.13 12.48 -37.53
CA ALA A 1430 31.21 13.84 -37.02
C ALA A 1430 32.26 14.70 -37.71
N ARG A 1431 33.51 14.20 -37.82
CA ARG A 1431 34.62 14.93 -38.41
C ARG A 1431 34.44 15.15 -39.91
N ARG A 1432 33.95 14.13 -40.61
CA ARG A 1432 33.69 14.17 -42.04
C ARG A 1432 32.41 14.95 -42.39
N GLN A 1433 31.31 14.65 -41.71
CA GLN A 1433 29.99 15.25 -41.92
C GLN A 1433 29.93 16.71 -41.55
N VAL A 1434 30.52 17.08 -40.41
CA VAL A 1434 30.52 18.48 -39.95
C VAL A 1434 31.96 19.02 -39.77
N PRO A 1435 32.34 20.10 -40.50
CA PRO A 1435 33.71 20.62 -40.34
C PRO A 1435 33.95 21.39 -39.03
N GLU A 1436 32.86 22.00 -38.47
CA GLU A 1436 32.92 22.80 -37.25
C GLU A 1436 32.90 21.96 -35.96
N TRP A 1437 32.79 20.63 -36.11
CA TRP A 1437 32.76 19.70 -34.98
C TRP A 1437 34.05 19.77 -34.19
N THR A 1438 35.19 19.83 -34.89
CA THR A 1438 36.52 19.91 -34.30
C THR A 1438 36.69 21.20 -33.51
N LYS A 1439 36.21 22.37 -34.07
CA LYS A 1439 36.24 23.70 -33.43
C LYS A 1439 35.59 23.63 -32.05
N TYR A 1440 34.43 22.95 -31.95
CA TYR A 1440 33.72 22.76 -30.70
C TYR A 1440 34.53 21.88 -29.77
N ASP A 1441 35.05 20.76 -30.30
CA ASP A 1441 35.85 19.80 -29.53
C ASP A 1441 37.11 20.42 -28.93
N GLU A 1442 37.82 21.29 -29.69
CA GLU A 1442 39.02 21.98 -29.26
C GLU A 1442 38.73 22.86 -28.06
N GLU A 1443 37.60 23.63 -28.12
CA GLU A 1443 37.13 24.52 -27.06
C GLU A 1443 36.98 23.79 -25.74
N ILE A 1444 36.28 22.64 -25.78
CA ILE A 1444 36.05 21.76 -24.62
C ILE A 1444 37.39 21.22 -24.11
N ALA A 1445 38.20 20.67 -25.03
CA ALA A 1445 39.51 20.08 -24.74
C ALA A 1445 40.46 21.00 -23.97
N GLU A 1446 40.64 22.26 -24.43
CA GLU A 1446 41.52 23.22 -23.75
C GLU A 1446 40.98 23.62 -22.38
N LEU A 1447 39.65 23.77 -22.27
CA LEU A 1447 38.97 24.13 -21.02
C LEU A 1447 39.17 23.04 -19.98
N ALA A 1448 38.99 21.77 -20.37
CA ALA A 1448 39.21 20.63 -19.47
C ALA A 1448 40.64 20.67 -18.92
N ARG A 1449 41.62 20.98 -19.78
CA ARG A 1449 43.01 21.12 -19.37
C ARG A 1449 43.24 22.36 -18.51
N ARG A 1450 42.52 23.47 -18.81
CA ARG A 1450 42.55 24.74 -18.08
C ARG A 1450 42.08 24.53 -16.64
N VAL A 1451 41.04 23.67 -16.48
CA VAL A 1451 40.46 23.29 -15.19
C VAL A 1451 41.46 22.41 -14.42
N ARG A 1452 42.02 21.39 -15.10
CA ARG A 1452 42.99 20.44 -14.56
C ARG A 1452 44.27 21.16 -14.09
N GLU A 1453 44.65 22.25 -14.80
CA GLU A 1453 45.82 23.08 -14.47
C GLU A 1453 45.45 24.33 -13.64
N GLU A 1454 44.18 24.39 -13.16
CA GLU A 1454 43.68 25.47 -12.30
C GLU A 1454 43.78 25.06 -10.83
#